data_9HEE
#
_entry.id   9HEE
#
_cell.length_a   165.848
_cell.length_b   165.848
_cell.length_c   209.263
_cell.angle_alpha   90
_cell.angle_beta   90
_cell.angle_gamma   90
#
_symmetry.space_group_name_H-M   'P 41 21 2'
#
_entity_poly.entity_id   1
_entity_poly.type   'polypeptide(L)'
_entity_poly.pdbx_seq_one_letter_code
;MGSSHHHHHHSSGLVPRGSHMTSLHPETLMVHGGMKGLTEAGVHVPAIDLSTTNPVNDVATGGDSYEWLATGHTLKDGDS
AVYQRLWQPGVARFETALAGLEHAEEAVAFATGMAAMTAALLAAVSAGTPHIVAVRPLYGGSDHLLETGLLGTTVTWAKE
ADIASAIQDDTGLVIVETPANPSLDLVDLDSVVSAAGNVPVLVDNTFCTPVLQQPISHGAALVLHSATKYLGGHGDAMGG
IIATNADWAMRLRQVRAITGALLHPMGAYLLHRGLRTLAVRMRAAQTTAGELAERLDAHPAISVVHYPGLKGQDPRGLLG
RQMSGGGAMIAMELAGGFDAARSFVEHCNLVVHAVSLGGADTLIQHPASLTHRPVAATAKPGDGLIRLSVGLEHVDDLAD
DLIAALDASRAAA
;
_entity_poly.pdbx_strand_id   A,B,C,D,E,F,G,H
#
# COMPACT_ATOMS: atom_id res chain seq x y z
N TRP A 87 -24.57 5.42 -5.12
CA TRP A 87 -25.64 4.44 -5.35
C TRP A 87 -26.59 4.35 -4.12
N GLN A 88 -27.08 5.53 -3.65
CA GLN A 88 -27.98 5.70 -2.50
C GLN A 88 -29.38 6.14 -2.97
N PRO A 89 -30.45 5.69 -2.28
CA PRO A 89 -31.81 6.05 -2.72
C PRO A 89 -32.22 7.49 -2.42
N GLY A 90 -31.86 7.97 -1.25
CA GLY A 90 -32.17 9.33 -0.81
C GLY A 90 -31.51 10.39 -1.65
N VAL A 91 -30.33 10.08 -2.20
CA VAL A 91 -29.59 11.00 -3.04
C VAL A 91 -30.25 11.09 -4.41
N ALA A 92 -30.66 9.97 -4.96
CA ALA A 92 -31.30 9.93 -6.28
C ALA A 92 -32.61 10.71 -6.29
N ARG A 93 -33.46 10.57 -5.25
CA ARG A 93 -34.75 11.27 -5.19
C ARG A 93 -34.56 12.78 -5.05
N PHE A 94 -33.50 13.23 -4.39
CA PHE A 94 -33.22 14.65 -4.25
C PHE A 94 -32.68 15.17 -5.58
N GLU A 95 -31.80 14.40 -6.24
CA GLU A 95 -31.20 14.78 -7.52
C GLU A 95 -32.28 15.04 -8.56
N THR A 96 -33.22 14.10 -8.78
CA THR A 96 -34.27 14.28 -9.77
C THR A 96 -35.27 15.37 -9.39
N ALA A 97 -35.45 15.63 -8.10
CA ALA A 97 -36.37 16.67 -7.67
C ALA A 97 -35.81 18.04 -8.06
N LEU A 98 -34.49 18.25 -7.85
CA LEU A 98 -33.86 19.52 -8.21
C LEU A 98 -33.72 19.67 -9.71
N ALA A 99 -33.41 18.58 -10.43
CA ALA A 99 -33.29 18.62 -11.88
C ALA A 99 -34.62 19.07 -12.54
N GLY A 100 -35.73 18.60 -12.00
CA GLY A 100 -37.04 19.03 -12.46
C GLY A 100 -37.32 20.49 -12.15
N LEU A 101 -36.94 20.94 -10.94
CA LEU A 101 -37.12 22.33 -10.51
C LEU A 101 -36.37 23.27 -11.43
N GLU A 102 -35.12 22.90 -11.79
CA GLU A 102 -34.27 23.71 -12.66
C GLU A 102 -34.53 23.48 -14.16
N HIS A 103 -35.35 22.46 -14.51
CA HIS A 103 -35.70 22.05 -15.87
C HIS A 103 -34.51 21.50 -16.64
N ALA A 104 -33.53 20.92 -15.91
CA ALA A 104 -32.32 20.29 -16.44
C ALA A 104 -32.55 18.79 -16.68
N GLU A 105 -31.76 18.17 -17.57
CA GLU A 105 -31.90 16.75 -17.87
C GLU A 105 -31.72 15.91 -16.61
N GLU A 106 -30.66 16.16 -15.87
CA GLU A 106 -30.37 15.45 -14.63
C GLU A 106 -29.51 16.32 -13.70
N ALA A 107 -29.32 15.90 -12.45
CA ALA A 107 -28.51 16.65 -11.50
C ALA A 107 -27.55 15.72 -10.76
N VAL A 108 -26.41 16.24 -10.30
CA VAL A 108 -25.44 15.42 -9.57
C VAL A 108 -25.20 16.05 -8.20
N ALA A 109 -25.46 15.30 -7.13
CA ALA A 109 -25.32 15.82 -5.78
C ALA A 109 -24.01 15.42 -5.07
N PHE A 110 -23.40 16.41 -4.40
CA PHE A 110 -22.14 16.32 -3.68
C PHE A 110 -22.30 16.67 -2.20
N ALA A 111 -21.30 16.32 -1.38
CA ALA A 111 -21.32 16.57 0.06
C ALA A 111 -21.59 18.02 0.42
N THR A 112 -20.89 18.98 -0.21
CA THR A 112 -21.06 20.41 0.06
C THR A 112 -21.05 21.19 -1.28
N GLY A 113 -21.35 22.49 -1.25
CA GLY A 113 -21.30 23.33 -2.44
C GLY A 113 -19.90 23.38 -3.03
N MET A 114 -18.87 23.34 -2.16
CA MET A 114 -17.46 23.33 -2.56
C MET A 114 -17.12 22.08 -3.33
N ALA A 115 -17.65 20.94 -2.91
CA ALA A 115 -17.40 19.68 -3.59
C ALA A 115 -18.03 19.67 -4.98
N ALA A 116 -19.17 20.34 -5.18
CA ALA A 116 -19.81 20.40 -6.49
C ALA A 116 -18.97 21.25 -7.44
N MET A 117 -18.46 22.38 -6.96
CA MET A 117 -17.61 23.26 -7.75
C MET A 117 -16.29 22.58 -8.09
N THR A 118 -15.72 21.84 -7.10
CA THR A 118 -14.49 21.10 -7.27
C THR A 118 -14.66 20.05 -8.38
N ALA A 119 -15.78 19.32 -8.35
CA ALA A 119 -16.04 18.29 -9.35
C ALA A 119 -16.23 18.88 -10.72
N ALA A 120 -16.91 20.04 -10.82
CA ALA A 120 -17.13 20.70 -12.09
C ALA A 120 -15.80 21.17 -12.68
N LEU A 121 -14.92 21.71 -11.82
CA LEU A 121 -13.62 22.17 -12.24
C LEU A 121 -12.74 21.00 -12.64
N LEU A 122 -12.75 19.91 -11.88
CA LEU A 122 -11.98 18.71 -12.19
C LEU A 122 -12.47 18.04 -13.48
N ALA A 123 -13.79 18.12 -13.77
CA ALA A 123 -14.37 17.55 -14.99
C ALA A 123 -13.87 18.31 -16.22
N ALA A 124 -13.67 19.63 -16.09
CA ALA A 124 -13.16 20.46 -17.17
C ALA A 124 -11.68 20.17 -17.37
N VAL A 125 -10.91 20.09 -16.26
CA VAL A 125 -9.48 19.79 -16.31
C VAL A 125 -9.22 18.44 -16.98
N SER A 126 -9.95 17.40 -16.55
CA SER A 126 -9.83 16.04 -17.09
C SER A 126 -10.15 15.98 -18.59
N ALA A 127 -11.08 16.84 -19.04
CA ALA A 127 -11.44 16.90 -20.46
C ALA A 127 -10.38 17.62 -21.34
N GLY A 128 -9.20 17.87 -20.79
CA GLY A 128 -8.13 18.58 -21.50
C GLY A 128 -8.44 20.04 -21.74
N THR A 129 -9.25 20.64 -20.87
CA THR A 129 -9.65 22.04 -21.00
C THR A 129 -9.64 22.70 -19.62
N PRO A 130 -8.46 23.05 -19.10
CA PRO A 130 -8.38 23.57 -17.74
C PRO A 130 -8.54 25.07 -17.53
N HIS A 131 -8.85 25.81 -18.60
CA HIS A 131 -9.01 27.26 -18.48
C HIS A 131 -10.45 27.61 -18.11
N ILE A 132 -10.62 28.57 -17.20
CA ILE A 132 -11.92 29.01 -16.73
C ILE A 132 -12.02 30.53 -16.81
N VAL A 133 -13.06 31.04 -17.46
CA VAL A 133 -13.30 32.48 -17.52
C VAL A 133 -14.32 32.80 -16.44
N ALA A 134 -13.88 33.36 -15.32
CA ALA A 134 -14.77 33.66 -14.21
C ALA A 134 -15.19 35.11 -14.18
N VAL A 135 -16.45 35.36 -13.86
CA VAL A 135 -17.01 36.70 -13.79
C VAL A 135 -16.89 37.26 -12.38
N ARG A 136 -16.30 38.45 -12.25
CA ARG A 136 -16.18 39.13 -10.96
C ARG A 136 -17.36 40.12 -10.81
N PRO A 137 -18.08 40.15 -9.65
CA PRO A 137 -17.81 39.44 -8.38
C PRO A 137 -18.25 37.97 -8.29
N LEU A 138 -17.69 37.26 -7.29
CA LEU A 138 -17.94 35.84 -7.06
C LEU A 138 -17.97 35.50 -5.55
N TYR A 139 -18.56 34.35 -5.20
CA TYR A 139 -18.66 33.86 -3.81
C TYR A 139 -17.25 33.69 -3.20
N GLY A 140 -17.12 34.06 -1.93
CA GLY A 140 -15.87 34.01 -1.15
C GLY A 140 -15.04 32.75 -1.22
N GLY A 141 -15.66 31.59 -1.02
CA GLY A 141 -14.98 30.30 -1.04
C GLY A 141 -14.70 29.76 -2.43
N SER A 142 -15.59 30.08 -3.39
CA SER A 142 -15.49 29.64 -4.78
C SER A 142 -14.32 30.31 -5.51
N ASP A 143 -14.07 31.60 -5.22
CA ASP A 143 -12.97 32.33 -5.84
C ASP A 143 -11.60 31.84 -5.36
N HIS A 144 -11.52 31.31 -4.13
CA HIS A 144 -10.27 30.76 -3.57
C HIS A 144 -9.82 29.53 -4.34
N LEU A 145 -10.77 28.71 -4.79
CA LEU A 145 -10.51 27.50 -5.55
C LEU A 145 -9.84 27.83 -6.88
N LEU A 146 -10.31 28.89 -7.55
CA LEU A 146 -9.79 29.32 -8.83
C LEU A 146 -8.48 30.06 -8.66
N GLU A 147 -8.42 30.96 -7.65
CA GLU A 147 -7.25 31.78 -7.34
C GLU A 147 -6.02 30.94 -7.03
N THR A 148 -6.20 29.89 -6.21
CA THR A 148 -5.11 28.99 -5.85
C THR A 148 -4.76 28.07 -7.02
N GLY A 149 -5.78 27.60 -7.73
CA GLY A 149 -5.62 26.70 -8.86
C GLY A 149 -5.14 25.35 -8.38
N LEU A 150 -5.75 24.85 -7.30
CA LEU A 150 -5.38 23.57 -6.69
C LEU A 150 -5.66 22.41 -7.63
N LEU A 151 -6.79 22.47 -8.32
CA LEU A 151 -7.20 21.41 -9.22
C LEU A 151 -6.54 21.43 -10.59
N GLY A 152 -5.57 22.32 -10.79
CA GLY A 152 -4.87 22.45 -12.06
C GLY A 152 -5.61 23.35 -13.03
N THR A 153 -6.32 24.35 -12.51
CA THR A 153 -7.11 25.27 -13.31
C THR A 153 -6.42 26.62 -13.48
N THR A 154 -6.65 27.26 -14.61
CA THR A 154 -6.12 28.58 -14.88
C THR A 154 -7.32 29.50 -15.04
N VAL A 155 -7.44 30.53 -14.20
CA VAL A 155 -8.59 31.43 -14.25
C VAL A 155 -8.22 32.81 -14.79
N THR A 156 -9.13 33.41 -15.56
CA THR A 156 -8.96 34.76 -16.06
C THR A 156 -10.20 35.51 -15.64
N TRP A 157 -10.11 36.27 -14.55
CA TRP A 157 -11.22 37.07 -14.03
C TRP A 157 -11.55 38.15 -15.06
N ALA A 158 -12.82 38.21 -15.47
CA ALA A 158 -13.26 39.17 -16.45
C ALA A 158 -14.59 39.79 -16.07
N LYS A 159 -14.80 41.02 -16.50
CA LYS A 159 -16.05 41.74 -16.26
C LYS A 159 -17.14 41.13 -17.14
N GLU A 160 -18.42 41.20 -16.71
CA GLU A 160 -19.54 40.66 -17.49
C GLU A 160 -19.54 41.13 -18.95
N ALA A 161 -19.14 42.37 -19.15
CA ALA A 161 -19.11 42.97 -20.46
C ALA A 161 -18.16 42.30 -21.46
N ASP A 162 -16.97 41.82 -21.03
CA ASP A 162 -16.04 41.23 -22.00
C ASP A 162 -15.64 39.81 -21.64
N ILE A 163 -16.60 38.89 -21.71
CA ILE A 163 -16.37 37.48 -21.42
C ILE A 163 -15.77 36.81 -22.65
N ALA A 164 -16.36 37.06 -23.82
CA ALA A 164 -15.95 36.49 -25.11
C ALA A 164 -14.47 36.70 -25.43
N SER A 165 -13.93 37.87 -25.06
CA SER A 165 -12.54 38.20 -25.31
C SER A 165 -11.59 37.35 -24.47
N ALA A 166 -11.98 37.07 -23.22
CA ALA A 166 -11.17 36.27 -22.31
C ALA A 166 -11.19 34.76 -22.63
N ILE A 167 -12.12 34.31 -23.47
CA ILE A 167 -12.21 32.90 -23.81
C ILE A 167 -11.04 32.44 -24.66
N GLN A 168 -10.24 31.52 -24.12
CA GLN A 168 -9.10 30.93 -24.80
C GLN A 168 -9.52 29.61 -25.49
N ASP A 169 -8.60 28.98 -26.25
CA ASP A 169 -8.87 27.72 -26.94
C ASP A 169 -9.15 26.59 -25.94
N ASP A 170 -8.49 26.63 -24.77
CA ASP A 170 -8.64 25.63 -23.72
C ASP A 170 -9.65 26.02 -22.63
N THR A 171 -10.58 26.93 -22.92
CA THR A 171 -11.59 27.33 -21.92
C THR A 171 -12.72 26.32 -21.90
N GLY A 172 -12.99 25.76 -20.72
CA GLY A 172 -14.02 24.73 -20.56
C GLY A 172 -15.27 25.16 -19.84
N LEU A 173 -15.21 26.28 -19.10
CA LEU A 173 -16.34 26.78 -18.34
C LEU A 173 -16.33 28.29 -18.21
N VAL A 174 -17.52 28.88 -18.03
CA VAL A 174 -17.71 30.31 -17.77
C VAL A 174 -18.49 30.39 -16.45
N ILE A 175 -17.80 30.65 -15.33
CA ILE A 175 -18.46 30.68 -14.02
C ILE A 175 -19.06 32.06 -13.77
N VAL A 176 -20.35 32.12 -13.39
CA VAL A 176 -21.01 33.41 -13.14
C VAL A 176 -22.07 33.31 -12.04
N GLU A 177 -22.05 34.22 -11.06
CA GLU A 177 -23.05 34.22 -9.99
C GLU A 177 -24.01 35.39 -10.18
N THR A 178 -25.35 35.13 -10.15
CA THR A 178 -26.36 36.19 -10.30
C THR A 178 -27.53 36.07 -9.29
N PRO A 179 -27.87 37.16 -8.57
CA PRO A 179 -27.22 38.49 -8.58
C PRO A 179 -25.86 38.49 -7.89
N ALA A 180 -24.89 39.22 -8.49
CA ALA A 180 -23.49 39.34 -8.09
C ALA A 180 -23.26 39.54 -6.60
N ASN A 181 -23.12 38.45 -5.84
CA ASN A 181 -22.87 38.52 -4.41
C ASN A 181 -21.48 39.11 -4.17
N PRO A 182 -21.37 40.09 -3.27
CA PRO A 182 -22.44 40.63 -2.40
C PRO A 182 -23.10 41.95 -2.84
N SER A 183 -22.60 42.63 -3.90
CA SER A 183 -23.13 43.91 -4.41
C SER A 183 -24.58 43.84 -4.98
N LEU A 184 -25.05 42.61 -5.33
CA LEU A 184 -26.36 42.23 -5.89
C LEU A 184 -26.60 42.76 -7.31
N ASP A 185 -25.53 42.87 -8.11
CA ASP A 185 -25.62 43.37 -9.49
C ASP A 185 -26.19 42.28 -10.40
N LEU A 186 -27.23 42.59 -11.16
CA LEU A 186 -27.85 41.62 -12.05
C LEU A 186 -27.02 41.36 -13.32
N VAL A 187 -26.89 40.07 -13.68
CA VAL A 187 -26.14 39.66 -14.85
C VAL A 187 -27.10 39.09 -15.90
N ASP A 188 -27.06 39.60 -17.15
CA ASP A 188 -27.96 39.10 -18.19
C ASP A 188 -27.45 37.76 -18.69
N LEU A 189 -28.08 36.66 -18.23
CA LEU A 189 -27.69 35.30 -18.59
C LEU A 189 -27.78 35.03 -20.07
N ASP A 190 -28.78 35.61 -20.76
CA ASP A 190 -28.93 35.43 -22.20
C ASP A 190 -27.71 36.00 -22.94
N SER A 191 -27.20 37.15 -22.46
CA SER A 191 -26.03 37.83 -23.04
C SER A 191 -24.74 37.07 -22.74
N VAL A 192 -24.64 36.48 -21.56
CA VAL A 192 -23.47 35.73 -21.17
C VAL A 192 -23.37 34.48 -22.03
N VAL A 193 -24.47 33.73 -22.20
CA VAL A 193 -24.49 32.52 -23.00
C VAL A 193 -24.10 32.79 -24.46
N SER A 194 -24.58 33.91 -25.02
CA SER A 194 -24.24 34.28 -26.40
C SER A 194 -22.75 34.62 -26.52
N ALA A 195 -22.16 35.22 -25.46
CA ALA A 195 -20.74 35.57 -25.44
C ALA A 195 -19.87 34.33 -25.32
N ALA A 196 -20.31 33.36 -24.54
CA ALA A 196 -19.56 32.12 -24.36
C ALA A 196 -19.57 31.28 -25.63
N GLY A 197 -20.71 31.26 -26.33
CA GLY A 197 -20.88 30.50 -27.56
C GLY A 197 -20.86 29.01 -27.31
N ASN A 198 -19.79 28.34 -27.77
CA ASN A 198 -19.62 26.90 -27.59
C ASN A 198 -19.08 26.49 -26.20
N VAL A 199 -18.77 27.46 -25.32
CA VAL A 199 -18.25 27.17 -23.99
C VAL A 199 -19.39 27.03 -23.00
N PRO A 200 -19.42 25.93 -22.23
CA PRO A 200 -20.51 25.74 -21.25
C PRO A 200 -20.52 26.81 -20.16
N VAL A 201 -21.71 27.27 -19.75
CA VAL A 201 -21.84 28.31 -18.73
C VAL A 201 -22.36 27.73 -17.39
N LEU A 202 -21.64 27.97 -16.29
CA LEU A 202 -22.07 27.50 -14.97
C LEU A 202 -22.60 28.68 -14.16
N VAL A 203 -23.87 28.63 -13.76
CA VAL A 203 -24.48 29.71 -13.01
C VAL A 203 -24.76 29.35 -11.55
N ASP A 204 -24.27 30.15 -10.60
CA ASP A 204 -24.54 29.90 -9.18
C ASP A 204 -25.91 30.49 -8.83
N ASN A 205 -26.92 29.64 -8.83
CA ASN A 205 -28.31 30.01 -8.54
C ASN A 205 -28.64 29.78 -7.06
N THR A 206 -27.65 29.86 -6.15
CA THR A 206 -27.88 29.56 -4.73
C THR A 206 -28.95 30.45 -4.07
N PHE A 207 -28.81 31.79 -4.14
CA PHE A 207 -29.76 32.72 -3.50
C PHE A 207 -31.04 32.96 -4.26
N CYS A 208 -31.04 32.66 -5.56
CA CYS A 208 -32.22 32.85 -6.38
C CYS A 208 -33.15 31.66 -6.25
N THR A 209 -32.59 30.43 -6.26
CA THR A 209 -33.31 29.16 -6.22
C THR A 209 -34.14 28.97 -7.49
N PRO A 210 -34.45 27.73 -7.89
CA PRO A 210 -35.28 27.54 -9.10
C PRO A 210 -36.62 28.27 -9.05
N VAL A 211 -37.09 28.66 -7.85
CA VAL A 211 -38.33 29.37 -7.65
C VAL A 211 -38.28 30.78 -8.29
N LEU A 212 -37.14 31.47 -8.13
CA LEU A 212 -37.00 32.82 -8.66
C LEU A 212 -36.09 32.96 -9.86
N GLN A 213 -35.47 31.88 -10.36
CA GLN A 213 -34.60 31.97 -11.53
C GLN A 213 -34.33 30.62 -12.17
N GLN A 214 -34.44 30.54 -13.49
CA GLN A 214 -34.19 29.29 -14.22
C GLN A 214 -33.05 29.54 -15.20
N PRO A 215 -31.79 29.37 -14.78
CA PRO A 215 -30.67 29.66 -15.69
C PRO A 215 -30.62 28.72 -16.89
N ILE A 216 -31.08 27.47 -16.72
CA ILE A 216 -31.12 26.47 -17.78
C ILE A 216 -31.89 27.00 -19.01
N SER A 217 -33.03 27.67 -18.75
CA SER A 217 -33.88 28.26 -19.79
C SER A 217 -33.18 29.37 -20.58
N HIS A 218 -32.25 30.08 -19.94
CA HIS A 218 -31.47 31.13 -20.62
C HIS A 218 -30.29 30.59 -21.43
N GLY A 219 -29.97 29.32 -21.29
CA GLY A 219 -28.88 28.71 -22.04
C GLY A 219 -27.72 28.22 -21.21
N ALA A 220 -27.83 28.32 -19.86
CA ALA A 220 -26.75 27.86 -19.00
C ALA A 220 -26.66 26.35 -19.07
N ALA A 221 -25.43 25.84 -19.29
CA ALA A 221 -25.22 24.40 -19.39
C ALA A 221 -25.29 23.75 -18.01
N LEU A 222 -24.75 24.42 -17.00
CA LEU A 222 -24.73 23.91 -15.65
C LEU A 222 -25.29 24.94 -14.67
N VAL A 223 -25.97 24.49 -13.61
CA VAL A 223 -26.50 25.37 -12.58
C VAL A 223 -26.04 24.86 -11.24
N LEU A 224 -25.14 25.58 -10.57
CA LEU A 224 -24.62 25.15 -9.28
C LEU A 224 -25.47 25.67 -8.12
N HIS A 225 -25.51 24.90 -7.04
CA HIS A 225 -26.25 25.27 -5.85
C HIS A 225 -25.46 24.90 -4.60
N SER A 226 -25.66 25.67 -3.52
CA SER A 226 -25.13 25.34 -2.21
C SER A 226 -26.40 25.10 -1.38
N ALA A 227 -26.95 23.86 -1.49
CA ALA A 227 -28.19 23.32 -0.93
C ALA A 227 -28.49 23.69 0.49
N THR A 228 -27.46 23.99 1.27
CA THR A 228 -27.61 24.39 2.67
C THR A 228 -28.50 25.67 2.75
N LYS A 229 -28.14 26.66 1.94
CA LYS A 229 -28.86 27.93 1.89
C LYS A 229 -30.13 27.79 1.06
N TYR A 230 -31.29 28.06 1.68
CA TYR A 230 -32.60 28.10 1.02
C TYR A 230 -33.18 26.75 0.58
N LEU A 231 -32.42 25.90 -0.11
CA LEU A 231 -32.92 24.61 -0.57
C LEU A 231 -33.36 23.74 0.60
N GLY A 232 -32.53 23.67 1.64
CA GLY A 232 -32.83 22.91 2.85
C GLY A 232 -33.81 23.64 3.74
N GLY A 233 -33.66 24.95 3.81
CA GLY A 233 -34.53 25.81 4.59
C GLY A 233 -33.97 26.21 5.92
N HIS A 234 -33.18 25.32 6.53
CA HIS A 234 -32.61 25.57 7.86
C HIS A 234 -31.08 25.48 7.88
N GLY A 235 -30.47 24.84 6.87
CA GLY A 235 -29.03 24.70 6.80
C GLY A 235 -28.42 23.67 7.74
N ASP A 236 -29.28 22.86 8.38
CA ASP A 236 -28.87 21.80 9.30
C ASP A 236 -28.15 20.68 8.52
N ALA A 237 -28.63 20.41 7.29
CA ALA A 237 -28.00 19.44 6.41
C ALA A 237 -27.32 20.23 5.28
N MET A 238 -26.01 19.99 5.15
CA MET A 238 -25.16 20.59 4.12
C MET A 238 -25.43 19.91 2.78
N GLY A 239 -25.11 20.60 1.71
CA GLY A 239 -25.30 20.05 0.38
C GLY A 239 -24.66 20.89 -0.69
N GLY A 240 -24.66 20.33 -1.88
CA GLY A 240 -24.13 20.94 -3.09
C GLY A 240 -24.63 20.14 -4.25
N ILE A 241 -25.24 20.78 -5.26
CA ILE A 241 -25.80 20.05 -6.40
C ILE A 241 -25.69 20.86 -7.70
N ILE A 242 -25.45 20.18 -8.83
CA ILE A 242 -25.37 20.83 -10.13
C ILE A 242 -26.43 20.24 -11.05
N ALA A 243 -27.39 21.06 -11.52
CA ALA A 243 -28.43 20.59 -12.44
C ALA A 243 -27.90 20.90 -13.83
N THR A 244 -27.68 19.86 -14.64
CA THR A 244 -27.09 20.02 -15.97
C THR A 244 -27.57 18.95 -16.98
N ASN A 245 -27.17 19.06 -18.26
CA ASN A 245 -27.46 18.10 -19.32
C ASN A 245 -26.77 16.75 -19.06
N ALA A 246 -27.19 15.70 -19.75
CA ALA A 246 -26.65 14.35 -19.60
C ALA A 246 -25.13 14.21 -19.74
N ASP A 247 -24.51 14.89 -20.72
CA ASP A 247 -23.05 14.79 -20.90
C ASP A 247 -22.26 15.34 -19.71
N TRP A 248 -22.60 16.56 -19.28
CA TRP A 248 -21.94 17.16 -18.14
C TRP A 248 -22.29 16.42 -16.86
N ALA A 249 -23.49 15.86 -16.74
CA ALA A 249 -23.88 15.11 -15.55
C ALA A 249 -23.11 13.80 -15.49
N MET A 250 -22.90 13.12 -16.62
CA MET A 250 -22.12 11.88 -16.65
C MET A 250 -20.66 12.21 -16.28
N ARG A 251 -20.14 13.33 -16.79
CA ARG A 251 -18.78 13.77 -16.52
C ARG A 251 -18.57 14.05 -15.02
N LEU A 252 -19.58 14.67 -14.38
CA LEU A 252 -19.58 14.99 -12.95
C LEU A 252 -19.67 13.72 -12.10
N ARG A 253 -20.50 12.76 -12.53
CA ARG A 253 -20.66 11.50 -11.82
C ARG A 253 -19.35 10.72 -11.83
N GLN A 254 -18.61 10.78 -12.97
CA GLN A 254 -17.33 10.09 -13.09
C GLN A 254 -16.29 10.66 -12.12
N VAL A 255 -16.30 12.01 -11.93
CA VAL A 255 -15.40 12.67 -11.00
C VAL A 255 -15.79 12.25 -9.60
N ARG A 256 -17.09 12.35 -9.26
CA ARG A 256 -17.64 11.95 -7.96
C ARG A 256 -17.26 10.52 -7.60
N ALA A 257 -17.23 9.63 -8.59
CA ALA A 257 -16.89 8.22 -8.39
C ALA A 257 -15.51 8.01 -7.79
N ILE A 258 -14.48 8.72 -8.26
CA ILE A 258 -13.12 8.54 -7.71
C ILE A 258 -12.74 9.65 -6.72
N THR A 259 -13.37 10.83 -6.80
CA THR A 259 -13.13 11.92 -5.87
C THR A 259 -13.81 11.61 -4.50
N GLY A 260 -14.90 10.86 -4.51
CA GLY A 260 -15.62 10.45 -3.31
C GLY A 260 -16.29 11.51 -2.45
N ALA A 261 -16.67 12.66 -3.01
CA ALA A 261 -17.32 13.72 -2.23
C ALA A 261 -18.85 13.51 -2.22
N LEU A 262 -19.28 12.37 -1.70
CA LEU A 262 -20.68 11.97 -1.69
C LEU A 262 -21.58 12.66 -0.68
N LEU A 263 -22.87 12.85 -1.04
CA LEU A 263 -23.88 13.41 -0.12
C LEU A 263 -24.39 12.26 0.76
N HIS A 264 -24.48 12.46 2.08
CA HIS A 264 -24.99 11.41 2.97
C HIS A 264 -26.50 11.32 2.78
N PRO A 265 -27.06 10.10 2.77
CA PRO A 265 -28.50 9.97 2.55
C PRO A 265 -29.34 10.75 3.55
N MET A 266 -28.91 10.83 4.81
CA MET A 266 -29.63 11.59 5.83
C MET A 266 -29.66 13.08 5.45
N GLY A 267 -28.55 13.61 5.00
CA GLY A 267 -28.46 15.00 4.58
C GLY A 267 -29.29 15.24 3.34
N ALA A 268 -29.30 14.27 2.40
CA ALA A 268 -30.08 14.37 1.18
C ALA A 268 -31.58 14.33 1.47
N TYR A 269 -31.99 13.54 2.48
CA TYR A 269 -33.37 13.41 2.93
C TYR A 269 -33.86 14.74 3.50
N LEU A 270 -33.05 15.40 4.32
CA LEU A 270 -33.43 16.68 4.90
C LEU A 270 -33.59 17.75 3.80
N LEU A 271 -32.75 17.67 2.75
CA LEU A 271 -32.78 18.61 1.63
C LEU A 271 -34.04 18.38 0.79
N HIS A 272 -34.34 17.13 0.48
CA HIS A 272 -35.52 16.79 -0.30
C HIS A 272 -36.82 17.12 0.46
N ARG A 273 -36.80 17.01 1.80
CA ARG A 273 -37.94 17.34 2.65
C ARG A 273 -38.18 18.85 2.56
N GLY A 274 -37.11 19.63 2.69
CA GLY A 274 -37.19 21.09 2.60
C GLY A 274 -37.51 21.62 1.22
N LEU A 275 -37.24 20.82 0.20
CA LEU A 275 -37.53 21.17 -1.19
C LEU A 275 -39.03 21.25 -1.42
N ARG A 276 -39.84 20.45 -0.68
CA ARG A 276 -41.30 20.46 -0.80
C ARG A 276 -41.87 21.83 -0.45
N THR A 277 -41.30 22.49 0.55
CA THR A 277 -41.78 23.79 0.99
C THR A 277 -41.02 24.97 0.35
N LEU A 278 -40.07 24.73 -0.55
CA LEU A 278 -39.25 25.78 -1.17
C LEU A 278 -40.08 26.84 -1.89
N ALA A 279 -41.11 26.39 -2.60
CA ALA A 279 -41.96 27.31 -3.35
C ALA A 279 -42.65 28.35 -2.46
N VAL A 280 -43.29 27.92 -1.36
CA VAL A 280 -43.99 28.84 -0.47
C VAL A 280 -43.03 29.66 0.41
N ARG A 281 -41.82 29.16 0.65
CA ARG A 281 -40.87 29.88 1.48
C ARG A 281 -40.22 31.00 0.71
N MET A 282 -39.76 30.74 -0.53
CA MET A 282 -39.11 31.77 -1.31
C MET A 282 -40.08 32.86 -1.73
N ARG A 283 -41.33 32.50 -2.01
CA ARG A 283 -42.34 33.48 -2.40
C ARG A 283 -42.65 34.39 -1.20
N ALA A 284 -42.77 33.82 0.00
CA ALA A 284 -43.06 34.61 1.20
C ALA A 284 -41.86 35.46 1.61
N ALA A 285 -40.63 34.94 1.46
CA ALA A 285 -39.44 35.69 1.83
C ALA A 285 -39.16 36.82 0.84
N GLN A 286 -39.51 36.64 -0.44
CA GLN A 286 -39.33 37.67 -1.45
C GLN A 286 -40.31 38.81 -1.23
N THR A 287 -41.59 38.49 -0.97
CA THR A 287 -42.61 39.50 -0.77
C THR A 287 -42.33 40.33 0.50
N THR A 288 -41.80 39.70 1.57
CA THR A 288 -41.46 40.43 2.80
C THR A 288 -40.19 41.27 2.61
N ALA A 289 -39.28 40.85 1.71
CA ALA A 289 -38.04 41.59 1.44
C ALA A 289 -38.32 42.87 0.65
N GLY A 290 -39.25 42.79 -0.29
CA GLY A 290 -39.64 43.93 -1.12
C GLY A 290 -40.21 45.09 -0.34
N GLU A 291 -41.02 44.76 0.68
CA GLU A 291 -41.63 45.74 1.57
C GLU A 291 -40.55 46.28 2.53
N LEU A 292 -39.63 45.40 3.00
CA LEU A 292 -38.54 45.79 3.92
C LEU A 292 -37.55 46.74 3.28
N ALA A 293 -37.28 46.57 1.99
CA ALA A 293 -36.35 47.44 1.27
C ALA A 293 -36.91 48.86 1.14
N GLU A 294 -38.24 49.01 0.96
CA GLU A 294 -38.89 50.33 0.85
C GLU A 294 -38.72 51.08 2.17
N ARG A 295 -38.93 50.37 3.30
CA ARG A 295 -38.80 50.95 4.64
C ARG A 295 -37.37 51.28 4.99
N LEU A 296 -36.41 50.51 4.47
CA LEU A 296 -35.02 50.74 4.73
C LEU A 296 -34.48 52.01 4.06
N ASP A 297 -34.79 52.21 2.76
CA ASP A 297 -34.28 53.40 2.07
C ASP A 297 -34.79 54.70 2.67
N ALA A 298 -36.02 54.67 3.21
CA ALA A 298 -36.66 55.82 3.84
C ALA A 298 -35.92 56.30 5.09
N HIS A 299 -35.23 55.40 5.80
CA HIS A 299 -34.50 55.77 7.02
C HIS A 299 -33.22 56.51 6.67
N PRO A 300 -32.95 57.65 7.35
CA PRO A 300 -31.74 58.43 7.02
C PRO A 300 -30.42 57.84 7.51
N ALA A 301 -30.47 56.77 8.32
CA ALA A 301 -29.27 56.14 8.85
C ALA A 301 -28.45 55.48 7.74
N ILE A 302 -29.12 54.91 6.72
CA ILE A 302 -28.43 54.27 5.61
C ILE A 302 -28.48 55.15 4.37
N SER A 303 -27.40 55.16 3.60
CA SER A 303 -27.33 55.98 2.40
C SER A 303 -28.09 55.35 1.23
N VAL A 304 -27.62 54.18 0.77
CA VAL A 304 -28.21 53.54 -0.38
C VAL A 304 -28.53 52.09 -0.05
N VAL A 305 -29.79 51.69 -0.21
CA VAL A 305 -30.18 50.29 -0.01
C VAL A 305 -30.04 49.57 -1.36
N HIS A 306 -29.63 48.30 -1.32
CA HIS A 306 -29.41 47.53 -2.53
C HIS A 306 -30.36 46.35 -2.58
N TYR A 307 -31.28 46.39 -3.52
CA TYR A 307 -32.30 45.38 -3.73
C TYR A 307 -32.80 45.55 -5.15
N PRO A 308 -32.45 44.65 -6.06
CA PRO A 308 -32.93 44.78 -7.45
C PRO A 308 -34.42 44.52 -7.48
N GLY A 309 -35.21 45.57 -7.43
CA GLY A 309 -36.66 45.45 -7.35
C GLY A 309 -37.25 46.80 -7.02
N LEU A 310 -36.58 47.53 -6.14
CA LEU A 310 -36.93 48.90 -5.78
C LEU A 310 -36.67 49.76 -7.01
N LYS A 311 -37.65 50.60 -7.38
CA LYS A 311 -37.62 51.46 -8.56
C LYS A 311 -36.26 52.10 -8.87
N GLY A 312 -35.75 51.81 -10.05
CA GLY A 312 -34.45 52.31 -10.48
C GLY A 312 -33.32 51.33 -10.30
N GLN A 313 -33.52 50.26 -9.51
CA GLN A 313 -32.45 49.27 -9.28
C GLN A 313 -32.50 48.08 -10.25
N ASP A 314 -32.99 48.34 -11.46
CA ASP A 314 -33.07 47.34 -12.51
C ASP A 314 -33.12 48.08 -13.84
N PRO A 315 -31.97 48.62 -14.27
CA PRO A 315 -31.94 49.34 -15.56
C PRO A 315 -31.95 48.41 -16.79
N ARG A 316 -31.57 47.15 -16.60
CA ARG A 316 -31.49 46.17 -17.67
C ARG A 316 -32.83 45.52 -18.05
N GLY A 317 -33.82 45.61 -17.15
CA GLY A 317 -35.12 44.98 -17.38
C GLY A 317 -35.05 43.47 -17.20
N LEU A 318 -34.17 43.02 -16.28
CA LEU A 318 -33.96 41.61 -16.00
C LEU A 318 -35.06 40.99 -15.14
N LEU A 319 -35.77 41.79 -14.34
CA LEU A 319 -36.84 41.25 -13.51
C LEU A 319 -38.07 40.98 -14.37
N GLY A 320 -38.57 39.76 -14.28
CA GLY A 320 -39.70 39.30 -15.08
C GLY A 320 -39.21 38.44 -16.22
N ARG A 321 -38.20 38.95 -16.92
CA ARG A 321 -37.58 38.27 -18.05
C ARG A 321 -36.69 37.11 -17.57
N GLN A 322 -35.93 37.33 -16.48
CA GLN A 322 -35.00 36.36 -15.92
C GLN A 322 -35.33 35.99 -14.48
N MET A 323 -35.66 36.98 -13.65
CA MET A 323 -36.00 36.73 -12.26
C MET A 323 -37.51 36.79 -11.99
N SER A 324 -37.97 36.13 -10.93
CA SER A 324 -39.39 36.15 -10.56
C SER A 324 -39.73 37.48 -9.90
N GLY A 325 -38.85 37.96 -9.04
CA GLY A 325 -39.01 39.23 -8.34
C GLY A 325 -37.66 39.76 -7.87
N GLY A 326 -37.67 40.45 -6.75
CA GLY A 326 -36.44 41.01 -6.19
C GLY A 326 -35.57 40.08 -5.37
N GLY A 327 -36.09 38.90 -5.08
CA GLY A 327 -35.39 37.93 -4.27
C GLY A 327 -35.50 38.20 -2.79
N ALA A 328 -34.81 37.38 -1.99
CA ALA A 328 -34.83 37.54 -0.53
C ALA A 328 -33.52 38.09 0.02
N MET A 329 -32.66 38.66 -0.83
CA MET A 329 -31.38 39.20 -0.40
C MET A 329 -31.36 40.72 -0.49
N ILE A 330 -31.05 41.40 0.65
CA ILE A 330 -30.95 42.85 0.74
C ILE A 330 -29.56 43.21 1.25
N ALA A 331 -28.83 44.01 0.49
CA ALA A 331 -27.52 44.50 0.92
C ALA A 331 -27.71 46.00 1.21
N MET A 332 -26.87 46.59 2.06
CA MET A 332 -27.01 48.01 2.40
C MET A 332 -25.73 48.66 2.87
N GLU A 333 -25.60 49.98 2.68
CA GLU A 333 -24.43 50.70 3.13
C GLU A 333 -24.80 51.79 4.13
N LEU A 334 -24.22 51.71 5.33
CA LEU A 334 -24.49 52.65 6.40
C LEU A 334 -23.75 53.94 6.19
N ALA A 335 -24.40 55.06 6.44
CA ALA A 335 -23.77 56.37 6.29
C ALA A 335 -22.66 56.62 7.33
N GLY A 336 -22.74 55.95 8.47
CA GLY A 336 -21.75 56.09 9.53
C GLY A 336 -20.48 55.27 9.34
N GLY A 337 -20.42 54.47 8.28
CA GLY A 337 -19.26 53.66 8.00
C GLY A 337 -19.16 52.43 8.87
N PHE A 338 -17.93 52.03 9.21
CA PHE A 338 -17.68 50.85 10.04
C PHE A 338 -18.14 51.06 11.48
N ASP A 339 -18.11 52.30 11.99
CA ASP A 339 -18.53 52.64 13.34
C ASP A 339 -20.02 52.32 13.54
N ALA A 340 -20.87 52.76 12.60
CA ALA A 340 -22.31 52.50 12.70
C ALA A 340 -22.69 51.08 12.34
N ALA A 341 -21.85 50.40 11.52
CA ALA A 341 -22.11 49.04 11.08
C ALA A 341 -22.08 48.03 12.23
N ARG A 342 -21.06 48.06 13.12
CA ARG A 342 -20.98 47.13 14.24
C ARG A 342 -21.98 47.47 15.35
N SER A 343 -22.32 48.76 15.51
CA SER A 343 -23.27 49.19 16.54
C SER A 343 -24.69 48.76 16.17
N PHE A 344 -25.03 48.79 14.88
CA PHE A 344 -26.35 48.39 14.41
C PHE A 344 -26.56 46.88 14.58
N VAL A 345 -25.51 46.09 14.37
CA VAL A 345 -25.59 44.63 14.49
C VAL A 345 -25.86 44.19 15.94
N GLU A 346 -25.17 44.78 16.93
CA GLU A 346 -25.36 44.41 18.33
C GLU A 346 -26.72 44.82 18.89
N HIS A 347 -27.34 45.87 18.35
CA HIS A 347 -28.66 46.32 18.81
C HIS A 347 -29.82 45.45 18.32
N CYS A 348 -29.57 44.53 17.36
CA CYS A 348 -30.62 43.66 16.82
C CYS A 348 -30.88 42.52 17.78
N ASN A 349 -32.14 42.28 18.11
CA ASN A 349 -32.52 41.21 19.02
C ASN A 349 -33.17 40.08 18.26
N LEU A 350 -34.09 40.41 17.35
CA LEU A 350 -34.79 39.44 16.54
C LEU A 350 -33.86 38.90 15.44
N VAL A 351 -33.19 39.80 14.73
CA VAL A 351 -32.28 39.39 13.65
C VAL A 351 -30.94 38.99 14.26
N VAL A 352 -30.43 37.82 13.90
CA VAL A 352 -29.14 37.35 14.42
C VAL A 352 -28.04 37.36 13.35
N HIS A 353 -26.78 37.40 13.76
CA HIS A 353 -25.64 37.46 12.85
C HIS A 353 -25.04 36.07 12.59
N ALA A 354 -24.66 35.78 11.33
CA ALA A 354 -24.05 34.49 10.97
C ALA A 354 -23.17 34.60 9.73
N VAL A 355 -22.22 33.67 9.56
CA VAL A 355 -21.34 33.67 8.38
C VAL A 355 -22.12 33.11 7.19
N SER A 356 -22.71 31.91 7.36
CA SER A 356 -23.54 31.32 6.31
C SER A 356 -24.94 31.90 6.46
N LEU A 357 -25.65 32.09 5.35
CA LEU A 357 -26.98 32.68 5.39
C LEU A 357 -28.00 31.85 4.56
N GLY A 358 -29.21 32.37 4.33
CA GLY A 358 -30.22 31.65 3.56
C GLY A 358 -30.97 30.63 4.37
N GLY A 359 -31.75 31.12 5.32
CA GLY A 359 -32.54 30.25 6.17
C GLY A 359 -33.90 30.81 6.49
N ALA A 360 -34.66 30.05 7.29
CA ALA A 360 -35.99 30.42 7.74
C ALA A 360 -35.98 31.66 8.65
N ASP A 361 -34.87 31.89 9.38
CA ASP A 361 -34.72 33.04 10.24
C ASP A 361 -33.97 34.16 9.50
N THR A 362 -34.34 35.43 9.74
CA THR A 362 -33.72 36.57 9.07
C THR A 362 -32.29 36.72 9.58
N LEU A 363 -31.32 36.85 8.66
CA LEU A 363 -29.91 36.95 9.06
C LEU A 363 -29.24 38.23 8.58
N ILE A 364 -28.11 38.61 9.22
CA ILE A 364 -27.29 39.79 8.88
C ILE A 364 -25.81 39.42 8.88
N GLN A 365 -25.01 40.05 8.00
CA GLN A 365 -23.58 39.74 7.93
C GLN A 365 -22.73 40.96 7.55
N HIS A 366 -21.68 41.25 8.36
CA HIS A 366 -20.75 42.36 8.13
C HIS A 366 -19.45 41.81 7.52
N PRO A 367 -19.20 42.07 6.22
CA PRO A 367 -17.98 41.55 5.59
C PRO A 367 -16.70 42.14 6.14
N ALA A 368 -16.75 43.41 6.55
CA ALA A 368 -15.60 44.08 7.11
C ALA A 368 -15.25 43.52 8.50
N SER A 369 -16.27 43.27 9.34
CA SER A 369 -16.03 42.72 10.68
C SER A 369 -15.77 41.19 10.68
N LEU A 370 -15.82 40.53 9.51
CA LEU A 370 -15.59 39.10 9.38
C LEU A 370 -14.15 38.83 8.92
N THR A 371 -13.68 39.61 7.94
CA THR A 371 -12.33 39.44 7.40
C THR A 371 -11.65 40.79 7.18
N PRO A 381 -14.20 44.12 -0.20
CA PRO A 381 -15.48 44.64 0.32
C PRO A 381 -15.37 46.01 0.99
N GLY A 382 -16.52 46.65 1.22
CA GLY A 382 -16.61 47.97 1.84
C GLY A 382 -16.61 47.91 3.35
N ASP A 383 -16.11 48.97 4.01
CA ASP A 383 -16.05 49.02 5.47
C ASP A 383 -17.42 49.19 6.13
N GLY A 384 -18.27 50.03 5.54
CA GLY A 384 -19.59 50.27 6.09
C GLY A 384 -20.70 49.63 5.29
N LEU A 385 -20.63 48.31 5.11
CA LEU A 385 -21.63 47.59 4.33
C LEU A 385 -22.11 46.38 5.07
N ILE A 386 -23.43 46.18 5.10
CA ILE A 386 -24.07 45.07 5.76
C ILE A 386 -24.89 44.24 4.77
N ARG A 387 -25.00 42.95 5.04
CA ARG A 387 -25.75 42.00 4.24
C ARG A 387 -27.00 41.56 5.01
N LEU A 388 -28.04 41.10 4.29
CA LEU A 388 -29.29 40.65 4.91
C LEU A 388 -30.01 39.53 4.12
N SER A 389 -30.32 38.42 4.80
CA SER A 389 -31.04 37.28 4.25
C SER A 389 -32.42 37.31 4.88
N VAL A 390 -33.44 37.71 4.11
CA VAL A 390 -34.81 37.81 4.59
C VAL A 390 -35.42 36.43 4.80
N GLY A 391 -35.98 36.22 5.98
CA GLY A 391 -36.57 34.94 6.35
C GLY A 391 -38.08 34.88 6.23
N LEU A 392 -38.70 34.12 7.12
CA LEU A 392 -40.15 33.93 7.10
C LEU A 392 -40.87 34.69 8.19
N GLU A 393 -40.25 35.73 8.78
CA GLU A 393 -40.90 36.50 9.84
C GLU A 393 -41.91 37.50 9.28
N HIS A 394 -42.81 38.02 10.14
CA HIS A 394 -43.79 39.01 9.72
C HIS A 394 -43.05 40.31 9.42
N VAL A 395 -43.31 40.93 8.25
CA VAL A 395 -42.64 42.15 7.80
C VAL A 395 -42.64 43.27 8.85
N ASP A 396 -43.76 43.46 9.57
CA ASP A 396 -43.87 44.49 10.61
C ASP A 396 -42.97 44.19 11.81
N ASP A 397 -42.83 42.90 12.19
CA ASP A 397 -41.98 42.51 13.31
C ASP A 397 -40.49 42.71 12.99
N LEU A 398 -40.11 42.51 11.71
CA LEU A 398 -38.74 42.70 11.25
C LEU A 398 -38.42 44.18 11.13
N ALA A 399 -39.36 44.97 10.58
CA ALA A 399 -39.14 46.41 10.44
C ALA A 399 -39.07 47.10 11.80
N ASP A 400 -39.83 46.64 12.81
CA ASP A 400 -39.81 47.24 14.14
C ASP A 400 -38.46 47.03 14.84
N ASP A 401 -37.81 45.88 14.62
CA ASP A 401 -36.52 45.60 15.25
C ASP A 401 -35.39 46.27 14.50
N LEU A 402 -35.41 46.19 13.16
CA LEU A 402 -34.36 46.77 12.35
C LEU A 402 -34.30 48.29 12.48
N ILE A 403 -35.47 48.96 12.49
CA ILE A 403 -35.53 50.41 12.61
C ILE A 403 -35.04 50.85 14.01
N ALA A 404 -35.37 50.09 15.06
CA ALA A 404 -34.92 50.39 16.43
C ALA A 404 -33.40 50.27 16.54
N ALA A 405 -32.83 49.25 15.88
CA ALA A 405 -31.39 49.03 15.88
C ALA A 405 -30.66 50.09 15.04
N LEU A 406 -31.28 50.55 13.94
CA LEU A 406 -30.72 51.60 13.09
C LEU A 406 -30.70 52.93 13.85
N ASP A 407 -31.77 53.19 14.64
CA ASP A 407 -31.92 54.40 15.44
C ASP A 407 -30.74 54.59 16.38
N ALA A 408 -30.28 53.49 16.99
CA ALA A 408 -29.13 53.54 17.88
C ALA A 408 -27.83 53.51 17.05
N SER A 409 -27.53 54.62 16.35
CA SER A 409 -26.36 54.79 15.50
C SER A 409 -26.16 53.66 14.50
N TRP B 87 -16.54 22.15 10.74
CA TRP B 87 -16.89 22.77 12.03
C TRP B 87 -18.16 22.15 12.64
N GLN B 88 -18.23 20.79 12.64
CA GLN B 88 -19.32 19.96 13.16
C GLN B 88 -18.90 19.19 14.42
N PRO B 89 -19.81 19.00 15.38
CA PRO B 89 -19.43 18.32 16.63
C PRO B 89 -19.21 16.82 16.51
N GLY B 90 -20.09 16.16 15.77
CA GLY B 90 -20.02 14.72 15.59
C GLY B 90 -18.79 14.28 14.85
N VAL B 91 -18.26 15.14 13.97
CA VAL B 91 -17.06 14.85 13.19
C VAL B 91 -15.83 14.93 14.08
N ALA B 92 -15.77 15.96 14.91
CA ALA B 92 -14.66 16.16 15.82
C ALA B 92 -14.48 15.00 16.81
N ARG B 93 -15.59 14.52 17.40
CA ARG B 93 -15.52 13.41 18.36
C ARG B 93 -15.07 12.11 17.73
N PHE B 94 -15.42 11.89 16.46
CA PHE B 94 -15.00 10.70 15.75
C PHE B 94 -13.52 10.83 15.38
N GLU B 95 -13.09 12.03 14.94
CA GLU B 95 -11.73 12.30 14.56
C GLU B 95 -10.76 11.99 15.70
N THR B 96 -11.00 12.54 16.89
CA THR B 96 -10.13 12.30 18.04
C THR B 96 -10.17 10.87 18.54
N ALA B 97 -11.31 10.19 18.37
CA ALA B 97 -11.42 8.80 18.81
C ALA B 97 -10.54 7.91 17.96
N LEU B 98 -10.51 8.13 16.63
CA LEU B 98 -9.68 7.32 15.75
C LEU B 98 -8.22 7.69 15.89
N ALA B 99 -7.91 8.99 16.09
CA ALA B 99 -6.53 9.42 16.29
C ALA B 99 -5.90 8.74 17.50
N GLY B 100 -6.70 8.56 18.55
CA GLY B 100 -6.26 7.89 19.77
C GLY B 100 -6.08 6.39 19.56
N LEU B 101 -6.96 5.78 18.77
CA LEU B 101 -6.89 4.36 18.45
C LEU B 101 -5.65 4.06 17.64
N GLU B 102 -5.31 4.93 16.67
CA GLU B 102 -4.12 4.78 15.82
C GLU B 102 -2.83 5.34 16.45
N HIS B 103 -2.95 6.05 17.59
CA HIS B 103 -1.86 6.70 18.33
C HIS B 103 -1.22 7.85 17.55
N ALA B 104 -1.99 8.51 16.66
CA ALA B 104 -1.59 9.65 15.84
C ALA B 104 -1.89 10.96 16.56
N GLU B 105 -1.18 12.05 16.18
CA GLU B 105 -1.40 13.36 16.79
C GLU B 105 -2.85 13.82 16.64
N GLU B 106 -3.37 13.75 15.42
CA GLU B 106 -4.74 14.13 15.11
C GLU B 106 -5.24 13.37 13.86
N ALA B 107 -6.54 13.44 13.56
CA ALA B 107 -7.08 12.79 12.38
C ALA B 107 -8.01 13.72 11.60
N VAL B 108 -8.13 13.53 10.28
CA VAL B 108 -9.00 14.37 9.46
C VAL B 108 -10.03 13.49 8.76
N ALA B 109 -11.32 13.75 8.98
CA ALA B 109 -12.38 12.94 8.39
C ALA B 109 -13.04 13.54 7.15
N PHE B 110 -13.25 12.68 6.15
CA PHE B 110 -13.84 13.00 4.84
C PHE B 110 -15.09 12.20 4.56
N ALA B 111 -15.87 12.62 3.55
CA ALA B 111 -17.11 11.97 3.16
C ALA B 111 -16.98 10.47 2.92
N THR B 112 -15.99 10.04 2.12
CA THR B 112 -15.74 8.64 1.83
C THR B 112 -14.21 8.34 1.89
N GLY B 113 -13.82 7.08 1.78
CA GLY B 113 -12.40 6.72 1.76
C GLY B 113 -11.68 7.34 0.58
N MET B 114 -12.38 7.44 -0.56
CA MET B 114 -11.88 8.06 -1.78
C MET B 114 -11.57 9.52 -1.57
N ALA B 115 -12.42 10.22 -0.83
CA ALA B 115 -12.20 11.62 -0.55
C ALA B 115 -10.99 11.85 0.32
N ALA B 116 -10.68 10.91 1.23
CA ALA B 116 -9.50 11.02 2.09
C ALA B 116 -8.24 10.85 1.26
N MET B 117 -8.23 9.88 0.34
CA MET B 117 -7.09 9.63 -0.54
C MET B 117 -6.90 10.80 -1.49
N THR B 118 -8.01 11.35 -2.01
CA THR B 118 -8.00 12.49 -2.91
C THR B 118 -7.36 13.69 -2.21
N ALA B 119 -7.75 13.94 -0.96
CA ALA B 119 -7.21 15.08 -0.21
C ALA B 119 -5.76 14.90 0.09
N ALA B 120 -5.33 13.67 0.40
CA ALA B 120 -3.93 13.38 0.69
C ALA B 120 -3.09 13.60 -0.57
N LEU B 121 -3.61 13.18 -1.73
CA LEU B 121 -2.93 13.33 -3.00
C LEU B 121 -2.88 14.81 -3.39
N LEU B 122 -3.97 15.54 -3.19
CA LEU B 122 -4.02 16.97 -3.50
C LEU B 122 -3.12 17.78 -2.58
N ALA B 123 -2.95 17.33 -1.31
CA ALA B 123 -2.07 18.00 -0.34
C ALA B 123 -0.62 17.85 -0.76
N ALA B 124 -0.25 16.71 -1.36
CA ALA B 124 1.09 16.47 -1.85
C ALA B 124 1.32 17.30 -3.12
N VAL B 125 0.35 17.32 -4.04
CA VAL B 125 0.45 18.07 -5.28
C VAL B 125 0.64 19.57 -4.99
N SER B 126 -0.21 20.12 -4.10
CA SER B 126 -0.16 21.53 -3.70
C SER B 126 1.17 21.90 -3.05
N ALA B 127 1.79 20.95 -2.33
CA ALA B 127 3.08 21.18 -1.69
C ALA B 127 4.26 21.13 -2.66
N GLY B 128 3.99 21.17 -3.98
CA GLY B 128 5.03 21.13 -5.00
C GLY B 128 5.73 19.79 -5.09
N THR B 129 5.01 18.72 -4.73
CA THR B 129 5.57 17.39 -4.76
C THR B 129 4.50 16.39 -5.26
N PRO B 130 4.28 16.35 -6.59
CA PRO B 130 3.20 15.51 -7.12
C PRO B 130 3.52 14.07 -7.47
N HIS B 131 4.74 13.61 -7.19
CA HIS B 131 5.10 12.24 -7.48
C HIS B 131 4.74 11.31 -6.33
N ILE B 132 4.20 10.14 -6.65
CA ILE B 132 3.79 9.15 -5.66
C ILE B 132 4.39 7.79 -5.98
N VAL B 133 5.08 7.17 -5.01
CA VAL B 133 5.62 5.83 -5.22
C VAL B 133 4.62 4.89 -4.57
N ALA B 134 3.82 4.20 -5.37
CA ALA B 134 2.80 3.30 -4.84
C ALA B 134 3.22 1.86 -4.96
N VAL B 135 2.88 1.07 -3.95
CA VAL B 135 3.22 -0.34 -3.91
C VAL B 135 2.17 -1.15 -4.63
N ARG B 136 2.61 -2.03 -5.54
CA ARG B 136 1.76 -2.97 -6.26
C ARG B 136 1.78 -4.30 -5.45
N PRO B 137 0.63 -4.90 -5.01
CA PRO B 137 -0.77 -4.53 -5.32
C PRO B 137 -1.45 -3.47 -4.42
N LEU B 138 -2.58 -2.92 -4.89
CA LEU B 138 -3.31 -1.88 -4.17
C LEU B 138 -4.84 -2.04 -4.33
N TYR B 139 -5.64 -1.34 -3.48
CA TYR B 139 -7.11 -1.35 -3.51
C TYR B 139 -7.62 -0.89 -4.89
N GLY B 140 -8.66 -1.56 -5.39
CA GLY B 140 -9.29 -1.31 -6.69
C GLY B 140 -9.59 0.12 -7.07
N GLY B 141 -10.26 0.87 -6.19
CA GLY B 141 -10.62 2.26 -6.44
C GLY B 141 -9.49 3.26 -6.25
N SER B 142 -8.56 2.96 -5.33
CA SER B 142 -7.42 3.80 -5.01
C SER B 142 -6.38 3.83 -6.14
N ASP B 143 -6.18 2.69 -6.81
CA ASP B 143 -5.23 2.62 -7.91
C ASP B 143 -5.72 3.38 -9.14
N HIS B 144 -7.06 3.50 -9.32
CA HIS B 144 -7.66 4.26 -10.44
C HIS B 144 -7.33 5.74 -10.34
N LEU B 145 -7.29 6.27 -9.11
CA LEU B 145 -6.99 7.66 -8.84
C LEU B 145 -5.56 8.01 -9.28
N LEU B 146 -4.61 7.09 -9.03
CA LEU B 146 -3.20 7.27 -9.38
C LEU B 146 -2.99 7.01 -10.87
N GLU B 147 -3.59 5.94 -11.39
CA GLU B 147 -3.49 5.52 -12.78
C GLU B 147 -3.98 6.61 -13.74
N THR B 148 -5.12 7.22 -13.43
CA THR B 148 -5.68 8.30 -14.25
C THR B 148 -4.89 9.60 -14.07
N GLY B 149 -4.48 9.86 -12.83
CA GLY B 149 -3.72 11.05 -12.47
C GLY B 149 -4.58 12.27 -12.64
N LEU B 150 -5.83 12.19 -12.16
CA LEU B 150 -6.81 13.27 -12.26
C LEU B 150 -6.36 14.49 -11.44
N LEU B 151 -5.79 14.23 -10.25
CA LEU B 151 -5.37 15.29 -9.36
C LEU B 151 -4.01 15.92 -9.71
N GLY B 152 -3.43 15.54 -10.83
CA GLY B 152 -2.13 16.05 -11.27
C GLY B 152 -0.98 15.29 -10.65
N THR B 153 -1.18 13.99 -10.41
CA THR B 153 -0.20 13.14 -9.77
C THR B 153 0.48 12.24 -10.77
N THR B 154 1.74 11.90 -10.49
CA THR B 154 2.52 10.99 -11.32
C THR B 154 2.86 9.80 -10.44
N VAL B 155 2.43 8.60 -10.82
CA VAL B 155 2.68 7.41 -10.01
C VAL B 155 3.70 6.48 -10.64
N THR B 156 4.61 5.93 -9.83
CA THR B 156 5.58 4.95 -10.30
C THR B 156 5.41 3.72 -9.41
N TRP B 157 4.71 2.71 -9.91
CA TRP B 157 4.45 1.48 -9.19
C TRP B 157 5.72 0.69 -8.95
N ALA B 158 5.99 0.35 -7.69
CA ALA B 158 7.19 -0.41 -7.35
C ALA B 158 6.91 -1.53 -6.34
N LYS B 159 7.75 -2.57 -6.34
CA LYS B 159 7.62 -3.66 -5.39
C LYS B 159 8.09 -3.21 -4.01
N GLU B 160 7.69 -3.93 -2.94
CA GLU B 160 8.09 -3.54 -1.59
C GLU B 160 9.59 -3.52 -1.41
N ALA B 161 10.26 -4.50 -2.01
CA ALA B 161 11.70 -4.61 -1.88
C ALA B 161 12.49 -3.44 -2.48
N ASP B 162 11.94 -2.72 -3.47
CA ASP B 162 12.67 -1.63 -4.09
C ASP B 162 11.86 -0.33 -4.18
N ILE B 163 11.47 0.21 -3.02
CA ILE B 163 10.71 1.45 -2.97
C ILE B 163 11.67 2.62 -3.08
N ALA B 164 12.78 2.56 -2.33
CA ALA B 164 13.82 3.60 -2.29
C ALA B 164 14.33 4.03 -3.66
N SER B 165 14.47 3.08 -4.59
CA SER B 165 14.95 3.36 -5.95
C SER B 165 13.94 4.15 -6.76
N ALA B 166 12.65 3.89 -6.57
CA ALA B 166 11.59 4.60 -7.27
C ALA B 166 11.34 6.02 -6.75
N ILE B 167 11.88 6.37 -5.58
CA ILE B 167 11.69 7.70 -5.01
C ILE B 167 12.45 8.77 -5.76
N GLN B 168 11.72 9.78 -6.25
CA GLN B 168 12.34 10.92 -6.94
C GLN B 168 12.33 12.18 -6.07
N ASP B 169 13.04 13.22 -6.52
CA ASP B 169 13.15 14.48 -5.80
C ASP B 169 11.79 15.09 -5.50
N ASP B 170 10.81 14.87 -6.41
CA ASP B 170 9.45 15.37 -6.23
C ASP B 170 8.48 14.34 -5.64
N THR B 171 8.96 13.28 -4.97
CA THR B 171 8.07 12.28 -4.37
C THR B 171 7.57 12.79 -3.03
N GLY B 172 6.26 12.84 -2.85
CA GLY B 172 5.67 13.35 -1.63
C GLY B 172 4.99 12.34 -0.75
N LEU B 173 4.69 11.15 -1.29
CA LEU B 173 4.03 10.10 -0.54
C LEU B 173 4.46 8.70 -1.01
N VAL B 174 4.38 7.72 -0.11
CA VAL B 174 4.64 6.32 -0.42
C VAL B 174 3.37 5.59 0.01
N ILE B 175 2.50 5.26 -0.95
CA ILE B 175 1.23 4.60 -0.63
C ILE B 175 1.45 3.09 -0.53
N VAL B 176 0.99 2.46 0.57
CA VAL B 176 1.16 1.03 0.75
C VAL B 176 0.01 0.41 1.52
N GLU B 177 -0.53 -0.71 1.04
CA GLU B 177 -1.64 -1.40 1.71
C GLU B 177 -1.14 -2.68 2.35
N THR B 178 -1.39 -2.90 3.66
CA THR B 178 -0.97 -4.14 4.30
C THR B 178 -2.08 -4.72 5.20
N PRO B 179 -2.34 -6.04 5.07
CA PRO B 179 -1.72 -7.00 4.14
C PRO B 179 -2.20 -6.77 2.70
N ALA B 180 -1.23 -6.72 1.75
CA ALA B 180 -1.38 -6.44 0.31
C ALA B 180 -2.53 -7.15 -0.38
N ASN B 181 -3.70 -6.50 -0.40
CA ASN B 181 -4.88 -7.05 -1.04
C ASN B 181 -4.71 -7.02 -2.56
N PRO B 182 -5.13 -8.08 -3.28
CA PRO B 182 -5.88 -9.27 -2.83
C PRO B 182 -5.08 -10.49 -2.33
N SER B 183 -3.79 -10.62 -2.71
CA SER B 183 -2.90 -11.74 -2.34
C SER B 183 -2.73 -12.00 -0.82
N LEU B 184 -2.99 -10.96 0.02
CA LEU B 184 -2.88 -10.92 1.48
C LEU B 184 -1.44 -11.13 1.99
N ASP B 185 -0.46 -10.63 1.19
CA ASP B 185 0.98 -10.70 1.46
C ASP B 185 1.35 -9.62 2.48
N LEU B 186 2.13 -10.00 3.51
CA LEU B 186 2.52 -9.06 4.55
C LEU B 186 3.66 -8.14 4.14
N VAL B 187 3.51 -6.85 4.47
CA VAL B 187 4.50 -5.83 4.14
C VAL B 187 5.16 -5.34 5.43
N ASP B 188 6.50 -5.38 5.51
CA ASP B 188 7.20 -4.91 6.72
C ASP B 188 7.22 -3.39 6.74
N LEU B 189 6.34 -2.79 7.54
CA LEU B 189 6.22 -1.34 7.63
C LEU B 189 7.48 -0.67 8.11
N ASP B 190 8.22 -1.32 9.02
CA ASP B 190 9.48 -0.77 9.53
C ASP B 190 10.50 -0.64 8.38
N SER B 191 10.53 -1.62 7.46
CA SER B 191 11.42 -1.64 6.29
C SER B 191 11.00 -0.61 5.25
N VAL B 192 9.69 -0.43 5.09
CA VAL B 192 9.16 0.53 4.12
C VAL B 192 9.51 1.94 4.58
N VAL B 193 9.29 2.25 5.86
CA VAL B 193 9.60 3.58 6.39
C VAL B 193 11.09 3.93 6.25
N SER B 194 11.98 2.95 6.51
CA SER B 194 13.42 3.17 6.36
C SER B 194 13.80 3.41 4.90
N ALA B 195 13.10 2.74 3.95
CA ALA B 195 13.34 2.90 2.52
C ALA B 195 12.85 4.25 2.04
N ALA B 196 11.72 4.75 2.58
CA ALA B 196 11.20 6.05 2.20
C ALA B 196 12.08 7.18 2.72
N GLY B 197 12.60 7.03 3.93
CA GLY B 197 13.46 8.02 4.55
C GLY B 197 12.70 9.29 4.89
N ASN B 198 13.01 10.38 4.18
CA ASN B 198 12.35 11.67 4.41
C ASN B 198 10.95 11.80 3.73
N VAL B 199 10.52 10.77 2.99
CA VAL B 199 9.23 10.79 2.31
C VAL B 199 8.14 10.22 3.21
N PRO B 200 7.03 10.96 3.41
CA PRO B 200 5.95 10.46 4.26
C PRO B 200 5.31 9.18 3.71
N VAL B 201 4.98 8.24 4.60
CA VAL B 201 4.40 6.95 4.20
C VAL B 201 2.92 6.87 4.58
N LEU B 202 2.04 6.58 3.61
CA LEU B 202 0.61 6.45 3.87
C LEU B 202 0.22 4.99 3.83
N VAL B 203 -0.28 4.47 4.94
CA VAL B 203 -0.66 3.06 5.02
C VAL B 203 -2.16 2.86 5.05
N ASP B 204 -2.72 2.06 4.13
CA ASP B 204 -4.14 1.76 4.15
C ASP B 204 -4.40 0.64 5.15
N ASN B 205 -4.80 1.03 6.36
CA ASN B 205 -5.07 0.13 7.48
C ASN B 205 -6.58 -0.22 7.52
N THR B 206 -7.29 -0.22 6.38
CA THR B 206 -8.72 -0.48 6.36
C THR B 206 -9.11 -1.85 6.92
N PHE B 207 -8.52 -2.95 6.40
CA PHE B 207 -8.86 -4.31 6.84
C PHE B 207 -8.22 -4.74 8.13
N CYS B 208 -7.14 -4.08 8.53
CA CYS B 208 -6.44 -4.42 9.75
C CYS B 208 -7.10 -3.74 10.93
N THR B 209 -7.48 -2.45 10.78
CA THR B 209 -8.06 -1.59 11.82
C THR B 209 -7.04 -1.36 12.94
N PRO B 210 -7.16 -0.24 13.69
CA PRO B 210 -6.21 -0.03 14.80
C PRO B 210 -6.15 -1.18 15.82
N VAL B 211 -7.17 -2.05 15.82
CA VAL B 211 -7.26 -3.21 16.70
C VAL B 211 -6.16 -4.22 16.37
N LEU B 212 -5.91 -4.45 15.09
CA LEU B 212 -4.92 -5.44 14.68
C LEU B 212 -3.63 -4.86 14.10
N GLN B 213 -3.50 -3.54 13.97
CA GLN B 213 -2.27 -2.95 13.41
C GLN B 213 -2.15 -1.47 13.72
N GLN B 214 -0.96 -1.03 14.13
CA GLN B 214 -0.70 0.38 14.44
C GLN B 214 0.42 0.88 13.52
N PRO B 215 0.10 1.34 12.31
CA PRO B 215 1.17 1.75 11.39
C PRO B 215 1.95 2.96 11.87
N ILE B 216 1.31 3.85 12.63
CA ILE B 216 1.94 5.05 13.19
C ILE B 216 3.19 4.68 14.03
N SER B 217 3.06 3.63 14.86
CA SER B 217 4.12 3.12 15.72
C SER B 217 5.33 2.61 14.91
N HIS B 218 5.10 2.13 13.68
CA HIS B 218 6.17 1.67 12.80
C HIS B 218 6.88 2.79 12.03
N GLY B 219 6.33 4.00 12.07
CA GLY B 219 6.92 5.15 11.40
C GLY B 219 6.09 5.72 10.26
N ALA B 220 4.88 5.21 10.05
CA ALA B 220 4.02 5.70 8.99
C ALA B 220 3.57 7.10 9.36
N ALA B 221 3.72 8.04 8.43
CA ALA B 221 3.33 9.43 8.67
C ALA B 221 1.81 9.56 8.64
N LEU B 222 1.16 8.87 7.70
CA LEU B 222 -0.28 8.93 7.54
C LEU B 222 -0.89 7.51 7.54
N VAL B 223 -2.10 7.36 8.09
CA VAL B 223 -2.79 6.08 8.10
C VAL B 223 -4.18 6.30 7.56
N LEU B 224 -4.46 5.77 6.35
CA LEU B 224 -5.75 5.95 5.71
C LEU B 224 -6.73 4.86 6.07
N HIS B 225 -8.01 5.21 6.11
CA HIS B 225 -9.07 4.26 6.43
C HIS B 225 -10.29 4.49 5.54
N SER B 226 -10.99 3.41 5.23
CA SER B 226 -12.25 3.50 4.53
C SER B 226 -13.24 3.01 5.59
N ALA B 227 -13.60 3.93 6.49
CA ALA B 227 -14.46 3.80 7.69
C ALA B 227 -15.74 3.00 7.51
N THR B 228 -16.19 2.86 6.28
CA THR B 228 -17.39 2.09 5.96
C THR B 228 -17.14 0.61 6.38
N LYS B 229 -16.00 0.10 5.92
CA LYS B 229 -15.52 -1.26 6.19
C LYS B 229 -14.92 -1.37 7.60
N TYR B 230 -15.53 -2.23 8.45
CA TYR B 230 -15.07 -2.54 9.80
C TYR B 230 -15.25 -1.41 10.84
N LEU B 231 -14.77 -0.19 10.59
CA LEU B 231 -14.88 0.91 11.55
C LEU B 231 -16.33 1.18 11.97
N GLY B 232 -17.23 1.24 10.99
CA GLY B 232 -18.66 1.45 11.25
C GLY B 232 -19.33 0.18 11.71
N GLY B 233 -18.92 -0.94 11.12
CA GLY B 233 -19.39 -2.25 11.48
C GLY B 233 -20.44 -2.80 10.53
N HIS B 234 -21.25 -1.91 9.97
CA HIS B 234 -22.34 -2.34 9.08
C HIS B 234 -22.27 -1.68 7.70
N GLY B 235 -21.50 -0.60 7.56
CA GLY B 235 -21.36 0.09 6.28
C GLY B 235 -22.55 0.96 5.88
N ASP B 236 -23.51 1.14 6.80
CA ASP B 236 -24.71 1.97 6.60
C ASP B 236 -24.30 3.46 6.47
N ALA B 237 -23.27 3.87 7.24
CA ALA B 237 -22.73 5.20 7.17
C ALA B 237 -21.35 5.09 6.54
N MET B 238 -21.16 5.82 5.44
CA MET B 238 -19.90 5.86 4.70
C MET B 238 -18.94 6.78 5.44
N GLY B 239 -17.65 6.55 5.21
CA GLY B 239 -16.63 7.36 5.85
C GLY B 239 -15.28 7.21 5.19
N GLY B 240 -14.36 8.02 5.64
CA GLY B 240 -12.97 8.02 5.22
C GLY B 240 -12.21 8.90 6.17
N ILE B 241 -11.11 8.41 6.76
CA ILE B 241 -10.35 9.20 7.72
C ILE B 241 -8.85 8.91 7.66
N ILE B 242 -8.01 9.94 7.89
CA ILE B 242 -6.56 9.77 7.90
C ILE B 242 -6.03 10.19 9.25
N ALA B 243 -5.41 9.27 10.00
CA ALA B 243 -4.82 9.60 11.29
C ALA B 243 -3.36 9.93 11.02
N THR B 244 -2.95 11.18 11.28
CA THR B 244 -1.60 11.63 10.97
C THR B 244 -1.08 12.71 11.96
N ASN B 245 0.19 13.13 11.80
CA ASN B 245 0.83 14.19 12.59
C ASN B 245 0.17 15.55 12.30
N ALA B 246 0.41 16.54 13.16
CA ALA B 246 -0.16 17.88 13.05
C ALA B 246 0.08 18.58 11.71
N ASP B 247 1.30 18.50 11.11
CA ASP B 247 1.57 19.17 9.83
C ASP B 247 0.73 18.60 8.69
N TRP B 248 0.72 17.27 8.54
CA TRP B 248 -0.06 16.63 7.52
C TRP B 248 -1.55 16.79 7.78
N ALA B 249 -1.97 16.83 9.05
CA ALA B 249 -3.38 17.02 9.38
C ALA B 249 -3.82 18.42 9.05
N MET B 250 -2.99 19.43 9.29
CA MET B 250 -3.31 20.80 8.93
C MET B 250 -3.39 20.94 7.40
N ARG B 251 -2.48 20.28 6.69
CA ARG B 251 -2.43 20.28 5.23
C ARG B 251 -3.70 19.66 4.64
N LEU B 252 -4.18 18.56 5.25
CA LEU B 252 -5.40 17.85 4.85
C LEU B 252 -6.65 18.68 5.14
N ARG B 253 -6.68 19.36 6.28
CA ARG B 253 -7.80 20.21 6.64
C ARG B 253 -7.92 21.37 5.67
N GLN B 254 -6.78 21.92 5.21
CA GLN B 254 -6.76 23.03 4.25
C GLN B 254 -7.36 22.58 2.91
N VAL B 255 -7.06 21.33 2.48
CA VAL B 255 -7.60 20.79 1.23
C VAL B 255 -9.09 20.61 1.41
N ARG B 256 -9.50 19.97 2.52
CA ARG B 256 -10.90 19.75 2.87
C ARG B 256 -11.70 21.04 2.87
N ALA B 257 -11.09 22.14 3.33
CA ALA B 257 -11.73 23.44 3.39
C ALA B 257 -12.24 23.94 2.05
N ILE B 258 -11.44 23.82 0.98
CA ILE B 258 -11.88 24.30 -0.34
C ILE B 258 -12.37 23.16 -1.26
N THR B 259 -11.93 21.92 -1.02
CA THR B 259 -12.40 20.77 -1.78
C THR B 259 -13.85 20.39 -1.35
N GLY B 260 -14.21 20.65 -0.09
CA GLY B 260 -15.55 20.40 0.45
C GLY B 260 -16.04 18.97 0.57
N ALA B 261 -15.14 18.00 0.70
CA ALA B 261 -15.53 16.59 0.82
C ALA B 261 -15.79 16.22 2.30
N LEU B 262 -16.71 16.93 2.93
CA LEU B 262 -17.02 16.77 4.34
C LEU B 262 -17.84 15.54 4.74
N LEU B 263 -17.59 15.02 5.96
CA LEU B 263 -18.35 13.88 6.53
C LEU B 263 -19.62 14.46 7.13
N HIS B 264 -20.78 13.85 6.87
CA HIS B 264 -22.03 14.31 7.45
C HIS B 264 -22.05 13.92 8.93
N PRO B 265 -22.52 14.82 9.83
CA PRO B 265 -22.51 14.50 11.26
C PRO B 265 -23.25 13.22 11.60
N MET B 266 -24.35 12.94 10.91
CA MET B 266 -25.10 11.71 11.15
C MET B 266 -24.24 10.47 10.83
N GLY B 267 -23.53 10.53 9.73
CA GLY B 267 -22.63 9.46 9.33
C GLY B 267 -21.47 9.32 10.29
N ALA B 268 -20.94 10.44 10.77
CA ALA B 268 -19.85 10.43 11.72
C ALA B 268 -20.29 9.85 13.07
N TYR B 269 -21.54 10.12 13.48
CA TYR B 269 -22.14 9.61 14.71
C TYR B 269 -22.24 8.08 14.65
N LEU B 270 -22.70 7.55 13.53
CA LEU B 270 -22.83 6.11 13.37
C LEU B 270 -21.44 5.43 13.42
N LEU B 271 -20.40 6.11 12.87
CA LEU B 271 -19.04 5.59 12.86
C LEU B 271 -18.45 5.60 14.26
N HIS B 272 -18.63 6.69 15.00
CA HIS B 272 -18.13 6.79 16.36
C HIS B 272 -18.85 5.80 17.30
N ARG B 273 -20.14 5.51 17.02
CA ARG B 273 -20.94 4.56 17.80
C ARG B 273 -20.34 3.16 17.57
N GLY B 274 -20.09 2.81 16.30
CA GLY B 274 -19.51 1.54 15.90
C GLY B 274 -18.06 1.37 16.34
N LEU B 275 -17.35 2.46 16.56
CA LEU B 275 -15.98 2.44 17.02
C LEU B 275 -15.87 1.87 18.43
N ARG B 276 -16.89 2.08 19.28
CA ARG B 276 -16.89 1.57 20.64
C ARG B 276 -16.85 0.04 20.67
N THR B 277 -17.54 -0.60 19.72
CA THR B 277 -17.56 -2.06 19.65
C THR B 277 -16.50 -2.67 18.71
N LEU B 278 -15.62 -1.84 18.11
CA LEU B 278 -14.61 -2.30 17.16
C LEU B 278 -13.69 -3.34 17.76
N ALA B 279 -13.29 -3.12 19.01
CA ALA B 279 -12.38 -4.04 19.68
C ALA B 279 -12.94 -5.47 19.77
N VAL B 280 -14.19 -5.63 20.24
CA VAL B 280 -14.78 -6.96 20.39
C VAL B 280 -15.19 -7.58 19.05
N ARG B 281 -15.44 -6.75 18.02
CA ARG B 281 -15.83 -7.26 16.72
C ARG B 281 -14.64 -7.80 15.96
N MET B 282 -13.52 -7.05 15.92
CA MET B 282 -12.34 -7.51 15.20
C MET B 282 -11.69 -8.71 15.86
N ARG B 283 -11.71 -8.76 17.19
CA ARG B 283 -11.14 -9.89 17.93
C ARG B 283 -11.96 -11.16 17.65
N ALA B 284 -13.30 -11.04 17.64
CA ALA B 284 -14.15 -12.19 17.38
C ALA B 284 -14.07 -12.65 15.94
N ALA B 285 -13.94 -11.71 14.99
CA ALA B 285 -13.83 -12.09 13.58
C ALA B 285 -12.49 -12.71 13.28
N GLN B 286 -11.42 -12.24 13.94
CA GLN B 286 -10.09 -12.79 13.71
C GLN B 286 -10.00 -14.21 14.25
N THR B 287 -10.56 -14.46 15.44
CA THR B 287 -10.51 -15.78 16.04
C THR B 287 -11.34 -16.81 15.23
N THR B 288 -12.47 -16.41 14.64
CA THR B 288 -13.25 -17.34 13.82
C THR B 288 -12.63 -17.51 12.41
N ALA B 289 -11.89 -16.52 11.92
CA ALA B 289 -11.21 -16.64 10.62
C ALA B 289 -10.04 -17.61 10.71
N GLY B 290 -9.33 -17.62 11.85
CA GLY B 290 -8.19 -18.50 12.10
C GLY B 290 -8.58 -19.95 12.12
N GLU B 291 -9.74 -20.25 12.68
CA GLU B 291 -10.29 -21.59 12.71
C GLU B 291 -10.82 -21.96 11.32
N LEU B 292 -11.45 -21.01 10.62
CA LEU B 292 -11.98 -21.22 9.27
C LEU B 292 -10.89 -21.57 8.26
N ALA B 293 -9.74 -20.89 8.33
CA ALA B 293 -8.63 -21.13 7.40
C ALA B 293 -8.04 -22.53 7.57
N GLU B 294 -8.06 -23.08 8.80
CA GLU B 294 -7.57 -24.44 9.07
C GLU B 294 -8.47 -25.44 8.36
N ARG B 295 -9.80 -25.24 8.43
CA ARG B 295 -10.77 -26.12 7.79
C ARG B 295 -10.80 -26.00 6.28
N LEU B 296 -10.40 -24.85 5.73
CA LEU B 296 -10.39 -24.65 4.28
C LEU B 296 -9.19 -25.33 3.60
N ASP B 297 -7.99 -25.25 4.18
CA ASP B 297 -6.80 -25.88 3.61
C ASP B 297 -6.91 -27.42 3.61
N ALA B 298 -7.64 -27.99 4.56
CA ALA B 298 -7.83 -29.44 4.66
C ALA B 298 -8.67 -29.98 3.50
N HIS B 299 -9.59 -29.17 2.94
CA HIS B 299 -10.44 -29.60 1.83
C HIS B 299 -9.64 -29.65 0.54
N PRO B 300 -9.77 -30.74 -0.23
CA PRO B 300 -9.01 -30.86 -1.48
C PRO B 300 -9.51 -30.02 -2.65
N ALA B 301 -10.66 -29.35 -2.50
CA ALA B 301 -11.23 -28.52 -3.56
C ALA B 301 -10.37 -27.28 -3.83
N ILE B 302 -9.75 -26.73 -2.79
CA ILE B 302 -8.88 -25.58 -2.95
C ILE B 302 -7.41 -25.99 -2.82
N SER B 303 -6.55 -25.36 -3.63
CA SER B 303 -5.12 -25.71 -3.61
C SER B 303 -4.37 -25.16 -2.39
N VAL B 304 -4.21 -23.83 -2.27
CA VAL B 304 -3.51 -23.26 -1.13
C VAL B 304 -4.27 -22.07 -0.61
N VAL B 305 -4.51 -22.07 0.69
CA VAL B 305 -5.24 -20.98 1.32
C VAL B 305 -4.25 -19.89 1.76
N HIS B 306 -4.68 -18.63 1.75
CA HIS B 306 -3.85 -17.49 2.14
C HIS B 306 -4.41 -16.80 3.36
N TYR B 307 -3.82 -17.06 4.51
CA TYR B 307 -4.23 -16.45 5.76
C TYR B 307 -2.96 -16.29 6.58
N PRO B 308 -2.52 -15.06 6.89
CA PRO B 308 -1.28 -14.89 7.65
C PRO B 308 -1.18 -15.75 8.92
N GLY B 309 -0.18 -16.60 8.99
CA GLY B 309 0.03 -17.49 10.13
C GLY B 309 -0.97 -18.62 10.20
N LEU B 310 -0.87 -19.54 9.24
CA LEU B 310 -1.78 -20.69 9.20
C LEU B 310 -0.95 -21.97 9.25
N LYS B 311 0.09 -22.06 8.41
CA LYS B 311 0.99 -23.21 8.35
C LYS B 311 2.40 -22.67 8.06
N GLY B 312 2.81 -21.66 8.82
CA GLY B 312 4.09 -21.01 8.59
C GLY B 312 4.03 -20.10 7.38
N GLN B 313 2.86 -19.45 7.18
CA GLN B 313 2.63 -18.51 6.08
C GLN B 313 3.17 -17.09 6.35
N ASP B 314 3.81 -16.89 7.51
CA ASP B 314 4.40 -15.62 7.89
C ASP B 314 5.90 -15.86 8.03
N PRO B 315 6.63 -15.83 6.91
CA PRO B 315 8.08 -16.09 6.97
C PRO B 315 8.90 -14.92 7.53
N ARG B 316 8.34 -13.71 7.48
CA ARG B 316 9.00 -12.49 7.93
C ARG B 316 8.96 -12.27 9.45
N GLY B 317 8.06 -12.97 10.15
CA GLY B 317 7.86 -12.80 11.58
C GLY B 317 7.14 -11.51 11.90
N LEU B 318 6.23 -11.09 11.00
CA LEU B 318 5.47 -9.87 11.13
C LEU B 318 4.32 -9.98 12.13
N LEU B 319 3.80 -11.19 12.38
CA LEU B 319 2.70 -11.34 13.34
C LEU B 319 3.24 -11.26 14.74
N GLY B 320 2.64 -10.39 15.54
CA GLY B 320 3.05 -10.13 16.91
C GLY B 320 3.84 -8.83 16.97
N ARG B 321 4.80 -8.71 16.05
CA ARG B 321 5.68 -7.55 15.93
C ARG B 321 4.91 -6.35 15.32
N GLN B 322 4.08 -6.63 14.30
CA GLN B 322 3.32 -5.62 13.57
C GLN B 322 1.82 -5.85 13.64
N MET B 323 1.39 -7.10 13.46
CA MET B 323 -0.03 -7.42 13.50
C MET B 323 -0.44 -8.10 14.81
N SER B 324 -1.72 -8.00 15.17
CA SER B 324 -2.22 -8.64 16.39
C SER B 324 -2.41 -10.14 16.16
N GLY B 325 -2.91 -10.51 14.98
CA GLY B 325 -3.12 -11.89 14.59
C GLY B 325 -3.21 -12.01 13.09
N GLY B 326 -4.05 -12.92 12.62
CA GLY B 326 -4.21 -13.14 11.19
C GLY B 326 -5.25 -12.27 10.50
N GLY B 327 -5.90 -11.42 11.26
CA GLY B 327 -6.94 -10.56 10.72
C GLY B 327 -8.20 -11.32 10.38
N ALA B 328 -9.16 -10.61 9.78
CA ALA B 328 -10.42 -11.21 9.39
C ALA B 328 -10.53 -11.42 7.89
N MET B 329 -9.39 -11.56 7.19
CA MET B 329 -9.41 -11.75 5.74
C MET B 329 -8.73 -13.05 5.34
N ILE B 330 -9.37 -13.81 4.46
CA ILE B 330 -8.83 -15.07 3.99
C ILE B 330 -8.95 -15.10 2.48
N ALA B 331 -7.83 -15.28 1.77
CA ALA B 331 -7.81 -15.39 0.31
C ALA B 331 -7.63 -16.87 -0.06
N MET B 332 -8.25 -17.33 -1.14
CA MET B 332 -8.21 -18.73 -1.52
C MET B 332 -8.24 -18.96 -3.01
N GLU B 333 -7.42 -19.89 -3.49
CA GLU B 333 -7.37 -20.22 -4.91
C GLU B 333 -7.94 -21.62 -5.15
N LEU B 334 -8.98 -21.70 -5.99
CA LEU B 334 -9.65 -22.94 -6.31
C LEU B 334 -8.83 -23.73 -7.32
N ALA B 335 -8.73 -25.03 -7.10
CA ALA B 335 -8.01 -25.90 -8.03
C ALA B 335 -8.69 -26.02 -9.40
N GLY B 336 -10.01 -25.81 -9.44
CA GLY B 336 -10.78 -25.88 -10.68
C GLY B 336 -10.73 -24.64 -11.55
N GLY B 337 -10.04 -23.61 -11.09
CA GLY B 337 -9.91 -22.37 -11.85
C GLY B 337 -11.16 -21.52 -11.82
N PHE B 338 -11.42 -20.80 -12.92
CA PHE B 338 -12.58 -19.91 -13.04
C PHE B 338 -13.90 -20.69 -13.08
N ASP B 339 -13.87 -21.93 -13.61
CA ASP B 339 -15.05 -22.80 -13.72
C ASP B 339 -15.59 -23.15 -12.33
N ALA B 340 -14.71 -23.57 -11.40
CA ALA B 340 -15.12 -23.92 -10.05
C ALA B 340 -15.39 -22.69 -9.18
N ALA B 341 -14.76 -21.55 -9.51
CA ALA B 341 -14.92 -20.30 -8.76
C ALA B 341 -16.35 -19.75 -8.81
N ARG B 342 -16.98 -19.66 -9.99
CA ARG B 342 -18.34 -19.16 -10.10
C ARG B 342 -19.38 -20.15 -9.59
N SER B 343 -19.10 -21.45 -9.72
CA SER B 343 -20.02 -22.49 -9.25
C SER B 343 -20.06 -22.54 -7.72
N PHE B 344 -18.93 -22.30 -7.06
CA PHE B 344 -18.84 -22.29 -5.60
C PHE B 344 -19.58 -21.10 -4.99
N VAL B 345 -19.55 -19.95 -5.68
CA VAL B 345 -20.22 -18.73 -5.21
C VAL B 345 -21.75 -18.87 -5.23
N GLU B 346 -22.32 -19.43 -6.31
CA GLU B 346 -23.77 -19.59 -6.42
C GLU B 346 -24.33 -20.62 -5.43
N HIS B 347 -23.53 -21.62 -5.04
CA HIS B 347 -23.98 -22.63 -4.08
C HIS B 347 -24.03 -22.15 -2.63
N CYS B 348 -23.41 -21.00 -2.33
CA CYS B 348 -23.39 -20.45 -0.97
C CYS B 348 -24.72 -19.81 -0.62
N ASN B 349 -25.25 -20.12 0.56
CA ASN B 349 -26.53 -19.57 1.00
C ASN B 349 -26.29 -18.60 2.15
N LEU B 350 -25.44 -18.99 3.11
CA LEU B 350 -25.14 -18.17 4.27
C LEU B 350 -24.22 -17.01 3.89
N VAL B 351 -23.15 -17.31 3.15
CA VAL B 351 -22.19 -16.28 2.75
C VAL B 351 -22.69 -15.62 1.49
N VAL B 352 -22.81 -14.29 1.48
CA VAL B 352 -23.31 -13.57 0.31
C VAL B 352 -22.21 -12.89 -0.50
N HIS B 353 -22.49 -12.58 -1.78
CA HIS B 353 -21.51 -11.92 -2.64
C HIS B 353 -21.76 -10.42 -2.74
N ALA B 354 -20.69 -9.60 -2.67
CA ALA B 354 -20.77 -8.14 -2.76
C ALA B 354 -19.44 -7.53 -3.24
N VAL B 355 -19.49 -6.32 -3.80
CA VAL B 355 -18.26 -5.64 -4.25
C VAL B 355 -17.55 -5.04 -3.04
N SER B 356 -18.28 -4.30 -2.19
CA SER B 356 -17.73 -3.74 -0.95
C SER B 356 -17.75 -4.84 0.10
N LEU B 357 -16.62 -5.06 0.79
CA LEU B 357 -16.53 -6.11 1.78
C LEU B 357 -15.88 -5.66 3.09
N GLY B 358 -16.44 -6.12 4.20
CA GLY B 358 -15.95 -5.78 5.53
C GLY B 358 -17.03 -5.31 6.47
N GLY B 359 -17.91 -6.23 6.86
CA GLY B 359 -18.99 -5.89 7.77
C GLY B 359 -19.23 -6.96 8.81
N ALA B 360 -20.37 -6.85 9.50
CA ALA B 360 -20.79 -7.80 10.51
C ALA B 360 -21.15 -9.17 9.89
N ASP B 361 -21.60 -9.18 8.62
CA ASP B 361 -21.94 -10.41 7.90
C ASP B 361 -20.76 -10.88 7.05
N THR B 362 -20.65 -12.21 6.84
CA THR B 362 -19.58 -12.84 6.06
C THR B 362 -19.82 -12.66 4.57
N LEU B 363 -18.79 -12.24 3.83
CA LEU B 363 -18.90 -12.00 2.39
C LEU B 363 -17.79 -12.70 1.59
N ILE B 364 -18.06 -12.93 0.30
CA ILE B 364 -17.14 -13.54 -0.67
C ILE B 364 -17.10 -12.70 -1.94
N GLN B 365 -15.96 -12.67 -2.62
CA GLN B 365 -15.84 -11.87 -3.83
C GLN B 365 -14.91 -12.51 -4.84
N HIS B 366 -15.32 -12.48 -6.11
CA HIS B 366 -14.55 -13.03 -7.21
C HIS B 366 -14.00 -11.88 -8.06
N PRO B 367 -12.67 -11.63 -8.00
CA PRO B 367 -12.10 -10.52 -8.78
C PRO B 367 -12.19 -10.74 -10.29
N ALA B 368 -12.09 -12.00 -10.72
CA ALA B 368 -12.17 -12.33 -12.14
C ALA B 368 -13.58 -12.13 -12.67
N SER B 369 -14.61 -12.54 -11.90
CA SER B 369 -16.00 -12.37 -12.33
C SER B 369 -16.53 -10.93 -12.14
N LEU B 370 -15.72 -10.02 -11.56
CA LEU B 370 -16.13 -8.63 -11.32
C LEU B 370 -15.57 -7.72 -12.43
N THR B 371 -14.32 -7.94 -12.81
CA THR B 371 -13.67 -7.14 -13.85
C THR B 371 -12.85 -8.01 -14.81
N PRO B 381 -5.32 -9.62 -11.50
CA PRO B 381 -5.76 -10.70 -10.61
C PRO B 381 -5.83 -12.07 -11.30
N GLY B 382 -5.96 -13.12 -10.49
CA GLY B 382 -6.05 -14.50 -10.96
C GLY B 382 -7.46 -14.92 -11.34
N ASP B 383 -7.56 -15.86 -12.29
CA ASP B 383 -8.86 -16.32 -12.76
C ASP B 383 -9.60 -17.19 -11.74
N GLY B 384 -8.87 -18.08 -11.05
CA GLY B 384 -9.47 -18.96 -10.06
C GLY B 384 -9.16 -18.57 -8.63
N LEU B 385 -9.49 -17.32 -8.25
CA LEU B 385 -9.21 -16.83 -6.92
C LEU B 385 -10.43 -16.15 -6.32
N ILE B 386 -10.72 -16.43 -5.04
CA ILE B 386 -11.84 -15.85 -4.28
C ILE B 386 -11.36 -15.28 -2.94
N ARG B 387 -12.05 -14.25 -2.45
CA ARG B 387 -11.70 -13.64 -1.16
C ARG B 387 -12.81 -13.84 -0.11
N LEU B 388 -12.48 -13.61 1.16
CA LEU B 388 -13.44 -13.77 2.26
C LEU B 388 -13.34 -12.64 3.28
N SER B 389 -14.49 -12.16 3.74
CA SER B 389 -14.54 -11.14 4.79
C SER B 389 -15.25 -11.81 5.96
N VAL B 390 -14.50 -12.47 6.85
CA VAL B 390 -15.09 -13.15 7.99
C VAL B 390 -15.76 -12.16 8.93
N GLY B 391 -17.01 -12.45 9.27
CA GLY B 391 -17.82 -11.59 10.12
C GLY B 391 -18.01 -12.07 11.54
N LEU B 392 -19.20 -11.85 12.09
CA LEU B 392 -19.49 -12.22 13.46
C LEU B 392 -20.29 -13.51 13.60
N GLU B 393 -20.26 -14.37 12.58
CA GLU B 393 -20.99 -15.63 12.64
C GLU B 393 -20.20 -16.71 13.39
N HIS B 394 -20.90 -17.76 13.87
CA HIS B 394 -20.27 -18.87 14.57
C HIS B 394 -19.49 -19.69 13.56
N VAL B 395 -18.24 -20.06 13.90
CA VAL B 395 -17.36 -20.83 13.03
C VAL B 395 -18.01 -22.13 12.51
N ASP B 396 -18.79 -22.84 13.34
CA ASP B 396 -19.46 -24.08 12.90
C ASP B 396 -20.55 -23.80 11.84
N ASP B 397 -21.16 -22.60 11.86
CA ASP B 397 -22.19 -22.22 10.90
C ASP B 397 -21.56 -21.88 9.55
N LEU B 398 -20.41 -21.18 9.56
CA LEU B 398 -19.71 -20.79 8.34
C LEU B 398 -19.00 -21.98 7.67
N ALA B 399 -18.36 -22.84 8.46
CA ALA B 399 -17.65 -23.99 7.91
C ALA B 399 -18.61 -24.98 7.29
N ASP B 400 -19.75 -25.25 7.94
CA ASP B 400 -20.73 -26.19 7.38
C ASP B 400 -21.29 -25.68 6.05
N ASP B 401 -21.38 -24.36 5.86
CA ASP B 401 -21.88 -23.79 4.62
C ASP B 401 -20.81 -23.79 3.53
N LEU B 402 -19.59 -23.39 3.87
CA LEU B 402 -18.51 -23.33 2.88
C LEU B 402 -18.07 -24.71 2.38
N ILE B 403 -17.95 -25.70 3.28
CA ILE B 403 -17.54 -27.04 2.87
C ILE B 403 -18.59 -27.66 1.95
N ALA B 404 -19.89 -27.44 2.24
CA ALA B 404 -20.96 -27.97 1.41
C ALA B 404 -20.98 -27.34 0.02
N ALA B 405 -20.69 -26.03 -0.07
CA ALA B 405 -20.65 -25.36 -1.36
C ALA B 405 -19.46 -25.83 -2.20
N LEU B 406 -18.34 -26.18 -1.53
CA LEU B 406 -17.13 -26.70 -2.18
C LEU B 406 -17.40 -28.09 -2.78
N ASP B 407 -18.29 -28.89 -2.16
CA ASP B 407 -18.63 -30.22 -2.64
C ASP B 407 -19.24 -30.19 -4.03
N ALA B 408 -20.00 -29.15 -4.35
CA ALA B 408 -20.61 -29.00 -5.67
C ALA B 408 -19.66 -28.22 -6.59
N SER B 409 -18.53 -28.85 -6.97
CA SER B 409 -17.51 -28.29 -7.84
C SER B 409 -16.98 -26.92 -7.40
N TRP C 87 -47.54 1.36 11.98
CA TRP C 87 -47.49 1.07 10.54
C TRP C 87 -46.14 1.49 9.96
N GLN C 88 -45.01 1.19 10.68
CA GLN C 88 -43.64 1.57 10.29
C GLN C 88 -42.78 0.35 9.88
N PRO C 89 -41.93 0.49 8.84
CA PRO C 89 -41.10 -0.64 8.42
C PRO C 89 -39.92 -0.96 9.35
N GLY C 90 -39.27 0.08 9.88
CA GLY C 90 -38.13 -0.06 10.77
C GLY C 90 -38.48 -0.74 12.09
N VAL C 91 -39.74 -0.55 12.54
CA VAL C 91 -40.22 -1.15 13.76
C VAL C 91 -40.50 -2.63 13.55
N ALA C 92 -41.11 -2.98 12.42
CA ALA C 92 -41.41 -4.36 12.09
C ALA C 92 -40.15 -5.22 11.99
N ARG C 93 -39.09 -4.71 11.35
CA ARG C 93 -37.85 -5.47 11.20
C ARG C 93 -37.16 -5.72 12.53
N PHE C 94 -37.27 -4.78 13.47
CA PHE C 94 -36.68 -4.94 14.78
C PHE C 94 -37.52 -5.94 15.58
N GLU C 95 -38.86 -5.84 15.48
CA GLU C 95 -39.79 -6.72 16.19
C GLU C 95 -39.52 -8.18 15.86
N THR C 96 -39.48 -8.54 14.56
CA THR C 96 -39.25 -9.93 14.15
C THR C 96 -37.84 -10.40 14.47
N ALA C 97 -36.86 -9.49 14.51
CA ALA C 97 -35.49 -9.87 14.83
C ALA C 97 -35.41 -10.30 16.28
N LEU C 98 -36.05 -9.56 17.20
CA LEU C 98 -36.03 -9.91 18.62
C LEU C 98 -36.89 -11.13 18.90
N ALA C 99 -38.03 -11.26 18.22
CA ALA C 99 -38.90 -12.42 18.39
C ALA C 99 -38.16 -13.73 18.04
N GLY C 100 -37.33 -13.68 17.01
CA GLY C 100 -36.51 -14.81 16.60
C GLY C 100 -35.41 -15.10 17.59
N LEU C 101 -34.80 -14.06 18.17
CA LEU C 101 -33.74 -14.20 19.16
C LEU C 101 -34.29 -14.85 20.43
N GLU C 102 -35.49 -14.44 20.86
CA GLU C 102 -36.14 -14.96 22.05
C GLU C 102 -36.93 -16.26 21.80
N HIS C 103 -37.09 -16.66 20.52
CA HIS C 103 -37.82 -17.84 20.06
C HIS C 103 -39.33 -17.74 20.33
N ALA C 104 -39.86 -16.50 20.36
CA ALA C 104 -41.27 -16.18 20.56
C ALA C 104 -42.00 -16.09 19.23
N GLU C 105 -43.34 -16.25 19.23
CA GLU C 105 -44.12 -16.18 17.99
C GLU C 105 -43.97 -14.83 17.31
N GLU C 106 -44.14 -13.76 18.08
CA GLU C 106 -43.99 -12.40 17.59
C GLU C 106 -43.59 -11.45 18.73
N ALA C 107 -43.23 -10.20 18.42
CA ALA C 107 -42.86 -9.23 19.45
C ALA C 107 -43.53 -7.89 19.19
N VAL C 108 -43.78 -7.11 20.25
CA VAL C 108 -44.41 -5.80 20.10
C VAL C 108 -43.48 -4.73 20.66
N ALA C 109 -43.10 -3.75 19.84
CA ALA C 109 -42.19 -2.71 20.28
C ALA C 109 -42.86 -1.38 20.67
N PHE C 110 -42.39 -0.82 21.79
CA PHE C 110 -42.88 0.43 22.38
C PHE C 110 -41.78 1.48 22.51
N ALA C 111 -42.16 2.75 22.74
CA ALA C 111 -41.24 3.87 22.86
C ALA C 111 -40.11 3.61 23.86
N THR C 112 -40.43 3.17 25.10
CA THR C 112 -39.46 2.88 26.15
C THR C 112 -39.84 1.56 26.86
N GLY C 113 -38.97 1.06 27.76
CA GLY C 113 -39.27 -0.14 28.51
C GLY C 113 -40.49 0.03 29.38
N MET C 114 -40.68 1.24 29.92
CA MET C 114 -41.83 1.60 30.74
C MET C 114 -43.13 1.50 29.97
N ALA C 115 -43.11 1.92 28.70
CA ALA C 115 -44.29 1.83 27.85
C ALA C 115 -44.66 0.39 27.55
N ALA C 116 -43.68 -0.52 27.45
CA ALA C 116 -43.96 -1.92 27.20
C ALA C 116 -44.62 -2.55 28.42
N MET C 117 -44.13 -2.23 29.62
CA MET C 117 -44.68 -2.73 30.87
C MET C 117 -46.08 -2.19 31.07
N THR C 118 -46.28 -0.89 30.73
CA THR C 118 -47.57 -0.21 30.85
C THR C 118 -48.58 -0.91 29.96
N ALA C 119 -48.21 -1.23 28.71
CA ALA C 119 -49.10 -1.90 27.78
C ALA C 119 -49.44 -3.29 28.22
N ALA C 120 -48.46 -4.02 28.78
CA ALA C 120 -48.70 -5.36 29.27
C ALA C 120 -49.67 -5.34 30.43
N LEU C 121 -49.50 -4.36 31.33
CA LEU C 121 -50.36 -4.20 32.49
C LEU C 121 -51.76 -3.78 32.06
N LEU C 122 -51.85 -2.86 31.10
CA LEU C 122 -53.15 -2.41 30.58
C LEU C 122 -53.87 -3.50 29.80
N ALA C 123 -53.12 -4.40 29.15
CA ALA C 123 -53.72 -5.53 28.43
C ALA C 123 -54.36 -6.53 29.40
N ALA C 124 -53.75 -6.70 30.59
CA ALA C 124 -54.27 -7.58 31.62
C ALA C 124 -55.50 -6.92 32.24
N VAL C 125 -55.43 -5.61 32.55
CA VAL C 125 -56.54 -4.88 33.14
C VAL C 125 -57.77 -4.93 32.23
N SER C 126 -57.58 -4.64 30.92
CA SER C 126 -58.64 -4.64 29.91
C SER C 126 -59.29 -6.01 29.76
N ALA C 127 -58.51 -7.08 29.98
CA ALA C 127 -59.03 -8.43 29.90
C ALA C 127 -59.86 -8.84 31.13
N GLY C 128 -60.19 -7.90 32.01
CA GLY C 128 -60.94 -8.15 33.23
C GLY C 128 -60.14 -8.94 34.27
N THR C 129 -58.83 -8.77 34.24
CA THR C 129 -57.94 -9.46 35.13
C THR C 129 -56.83 -8.51 35.59
N PRO C 130 -57.14 -7.61 36.54
CA PRO C 130 -56.16 -6.59 36.93
C PRO C 130 -55.19 -6.92 38.05
N HIS C 131 -55.22 -8.15 38.56
CA HIS C 131 -54.32 -8.54 39.64
C HIS C 131 -53.01 -9.04 39.09
N ILE C 132 -51.90 -8.64 39.72
CA ILE C 132 -50.56 -9.02 39.31
C ILE C 132 -49.79 -9.57 40.50
N VAL C 133 -49.21 -10.77 40.35
CA VAL C 133 -48.39 -11.35 41.41
C VAL C 133 -46.97 -11.05 41.00
N ALA C 134 -46.36 -10.06 41.63
CA ALA C 134 -45.02 -9.67 41.26
C ALA C 134 -43.99 -10.15 42.23
N VAL C 135 -42.91 -10.69 41.70
CA VAL C 135 -41.84 -11.21 42.54
C VAL C 135 -40.88 -10.09 42.82
N ARG C 136 -40.51 -9.98 44.09
CA ARG C 136 -39.52 -9.00 44.52
C ARG C 136 -38.21 -9.76 44.92
N PRO C 137 -36.98 -9.29 44.54
CA PRO C 137 -36.66 -7.98 43.90
C PRO C 137 -37.11 -7.73 42.46
N LEU C 138 -37.50 -6.46 42.23
CA LEU C 138 -37.92 -5.95 40.93
C LEU C 138 -37.31 -4.56 40.65
N TYR C 139 -37.11 -4.23 39.35
CA TYR C 139 -36.51 -3.00 38.83
C TYR C 139 -37.18 -1.75 39.45
N GLY C 140 -36.37 -0.73 39.76
CA GLY C 140 -36.79 0.54 40.37
C GLY C 140 -37.99 1.25 39.77
N GLY C 141 -38.01 1.42 38.45
CA GLY C 141 -39.11 2.09 37.76
C GLY C 141 -40.34 1.22 37.53
N SER C 142 -40.14 -0.08 37.36
CA SER C 142 -41.20 -1.06 37.13
C SER C 142 -42.04 -1.29 38.38
N ASP C 143 -41.40 -1.26 39.57
CA ASP C 143 -42.12 -1.46 40.81
C ASP C 143 -42.95 -0.21 41.20
N HIS C 144 -42.62 0.99 40.67
CA HIS C 144 -43.41 2.20 40.89
C HIS C 144 -44.76 2.09 40.19
N LEU C 145 -44.78 1.47 39.01
CA LEU C 145 -45.99 1.28 38.22
C LEU C 145 -46.99 0.40 38.96
N LEU C 146 -46.51 -0.67 39.61
CA LEU C 146 -47.36 -1.59 40.33
C LEU C 146 -47.76 -1.01 41.69
N GLU C 147 -46.78 -0.41 42.39
CA GLU C 147 -46.94 0.17 43.71
C GLU C 147 -48.01 1.26 43.70
N THR C 148 -47.97 2.16 42.71
CA THR C 148 -48.96 3.24 42.57
C THR C 148 -50.29 2.71 42.08
N GLY C 149 -50.25 1.76 41.15
CA GLY C 149 -51.43 1.16 40.56
C GLY C 149 -52.16 2.18 39.72
N LEU C 150 -51.40 2.92 38.92
CA LEU C 150 -51.93 3.97 38.06
C LEU C 150 -52.87 3.39 37.00
N LEU C 151 -52.48 2.26 36.44
CA LEU C 151 -53.24 1.63 35.37
C LEU C 151 -54.46 0.81 35.85
N GLY C 152 -54.77 0.86 37.14
CA GLY C 152 -55.86 0.10 37.73
C GLY C 152 -55.46 -1.31 38.08
N THR C 153 -54.20 -1.51 38.46
CA THR C 153 -53.67 -2.82 38.81
C THR C 153 -53.55 -2.99 40.31
N THR C 154 -53.71 -4.22 40.77
CA THR C 154 -53.57 -4.55 42.17
C THR C 154 -52.40 -5.53 42.25
N VAL C 155 -51.33 -5.19 42.99
CA VAL C 155 -50.16 -6.07 43.08
C VAL C 155 -50.04 -6.72 44.45
N THR C 156 -49.68 -7.99 44.48
CA THR C 156 -49.45 -8.70 45.74
C THR C 156 -48.05 -9.28 45.63
N TRP C 157 -47.09 -8.62 46.26
CA TRP C 157 -45.70 -9.05 46.21
C TRP C 157 -45.54 -10.42 46.84
N ALA C 158 -44.92 -11.36 46.11
CA ALA C 158 -44.71 -12.70 46.63
C ALA C 158 -43.29 -13.15 46.38
N LYS C 159 -42.73 -13.91 47.32
CA LYS C 159 -41.40 -14.49 47.15
C LYS C 159 -41.47 -15.55 46.06
N GLU C 160 -40.33 -15.91 45.46
CA GLU C 160 -40.32 -16.90 44.38
C GLU C 160 -40.89 -18.25 44.82
N ALA C 161 -40.56 -18.65 46.05
CA ALA C 161 -40.99 -19.92 46.59
C ALA C 161 -42.52 -20.07 46.73
N ASP C 162 -43.25 -18.96 46.88
CA ASP C 162 -44.70 -19.04 47.06
C ASP C 162 -45.48 -18.11 46.16
N ILE C 163 -45.35 -18.31 44.85
CA ILE C 163 -46.06 -17.49 43.88
C ILE C 163 -47.48 -17.99 43.74
N ALA C 164 -47.64 -19.30 43.58
CA ALA C 164 -48.93 -19.92 43.41
C ALA C 164 -49.95 -19.54 44.48
N SER C 165 -49.53 -19.43 45.74
CA SER C 165 -50.42 -19.08 46.84
C SER C 165 -50.99 -17.66 46.68
N ALA C 166 -50.17 -16.74 46.18
CA ALA C 166 -50.60 -15.37 45.95
C ALA C 166 -51.53 -15.19 44.76
N ILE C 167 -51.61 -16.18 43.87
CA ILE C 167 -52.45 -16.10 42.69
C ILE C 167 -53.94 -16.13 43.01
N GLN C 168 -54.67 -15.07 42.58
CA GLN C 168 -56.12 -14.95 42.72
C GLN C 168 -56.86 -15.22 41.42
N ASP C 169 -58.20 -15.37 41.47
CA ASP C 169 -59.00 -15.62 40.28
C ASP C 169 -58.83 -14.54 39.22
N ASP C 170 -58.55 -13.30 39.64
CA ASP C 170 -58.34 -12.21 38.70
C ASP C 170 -56.86 -11.89 38.47
N THR C 171 -55.95 -12.86 38.68
CA THR C 171 -54.53 -12.64 38.40
C THR C 171 -54.29 -12.88 36.93
N GLY C 172 -53.73 -11.89 36.24
CA GLY C 172 -53.48 -11.97 34.81
C GLY C 172 -52.03 -12.10 34.40
N LEU C 173 -51.11 -11.77 35.31
CA LEU C 173 -49.68 -11.83 35.02
C LEU C 173 -48.85 -12.17 36.26
N VAL C 174 -47.68 -12.76 36.05
CA VAL C 174 -46.71 -13.05 37.10
C VAL C 174 -45.43 -12.36 36.66
N ILE C 175 -45.12 -11.19 37.22
CA ILE C 175 -43.93 -10.44 36.81
C ILE C 175 -42.71 -10.92 37.58
N VAL C 176 -41.62 -11.27 36.89
CA VAL C 176 -40.42 -11.77 37.54
C VAL C 176 -39.14 -11.36 36.81
N GLU C 177 -38.16 -10.77 37.53
CA GLU C 177 -36.89 -10.37 36.92
C GLU C 177 -35.76 -11.30 37.38
N THR C 178 -35.02 -11.87 36.40
CA THR C 178 -33.91 -12.78 36.69
C THR C 178 -32.65 -12.46 35.88
N PRO C 179 -31.49 -12.35 36.54
CA PRO C 179 -31.28 -12.42 38.00
C PRO C 179 -31.88 -11.21 38.74
N ALA C 180 -32.40 -11.43 39.98
CA ALA C 180 -33.07 -10.47 40.84
C ALA C 180 -32.29 -9.17 41.08
N ASN C 181 -32.47 -8.18 40.19
CA ASN C 181 -31.82 -6.86 40.22
C ASN C 181 -32.26 -6.03 41.46
N PRO C 182 -31.33 -5.55 42.34
CA PRO C 182 -29.85 -5.56 42.26
C PRO C 182 -29.07 -6.56 43.14
N SER C 183 -29.75 -7.55 43.76
CA SER C 183 -29.14 -8.60 44.61
C SER C 183 -28.42 -9.71 43.76
N LEU C 184 -28.86 -9.86 42.48
CA LEU C 184 -28.46 -10.79 41.42
C LEU C 184 -28.73 -12.24 41.79
N ASP C 185 -29.90 -12.50 42.39
CA ASP C 185 -30.27 -13.85 42.79
C ASP C 185 -30.95 -14.55 41.63
N LEU C 186 -30.64 -15.83 41.46
CA LEU C 186 -31.22 -16.58 40.36
C LEU C 186 -32.61 -17.13 40.65
N VAL C 187 -33.51 -16.99 39.68
CA VAL C 187 -34.87 -17.46 39.80
C VAL C 187 -35.10 -18.62 38.84
N ASP C 188 -35.58 -19.78 39.34
CA ASP C 188 -35.83 -20.92 38.47
C ASP C 188 -37.10 -20.70 37.68
N LEU C 189 -36.97 -20.32 36.41
CA LEU C 189 -38.10 -20.03 35.54
C LEU C 189 -39.01 -21.22 35.34
N ASP C 190 -38.44 -22.42 35.27
CA ASP C 190 -39.25 -23.64 35.11
C ASP C 190 -40.18 -23.82 36.31
N SER C 191 -39.68 -23.52 37.53
CA SER C 191 -40.44 -23.62 38.77
C SER C 191 -41.50 -22.53 38.87
N VAL C 192 -41.19 -21.33 38.38
CA VAL C 192 -42.12 -20.22 38.42
C VAL C 192 -43.29 -20.51 37.50
N VAL C 193 -43.01 -20.97 36.27
CA VAL C 193 -44.07 -21.28 35.31
C VAL C 193 -45.01 -22.38 35.81
N SER C 194 -44.46 -23.40 36.48
CA SER C 194 -45.27 -24.48 37.05
C SER C 194 -46.16 -23.96 38.19
N ALA C 195 -45.65 -22.99 38.97
CA ALA C 195 -46.40 -22.39 40.07
C ALA C 195 -47.50 -21.49 39.55
N ALA C 196 -47.26 -20.78 38.45
CA ALA C 196 -48.28 -19.91 37.87
C ALA C 196 -49.41 -20.73 37.23
N GLY C 197 -49.05 -21.84 36.60
CA GLY C 197 -50.02 -22.72 35.96
C GLY C 197 -50.63 -22.07 34.74
N ASN C 198 -51.92 -21.73 34.81
CA ASN C 198 -52.63 -21.09 33.71
C ASN C 198 -52.43 -19.57 33.63
N VAL C 199 -51.67 -18.98 34.56
CA VAL C 199 -51.41 -17.55 34.56
C VAL C 199 -50.16 -17.23 33.73
N PRO C 200 -50.26 -16.30 32.77
CA PRO C 200 -49.10 -15.96 31.95
C PRO C 200 -47.96 -15.37 32.76
N VAL C 201 -46.70 -15.74 32.43
CA VAL C 201 -45.52 -15.26 33.16
C VAL C 201 -44.71 -14.24 32.33
N LEU C 202 -44.45 -13.05 32.87
CA LEU C 202 -43.66 -12.04 32.17
C LEU C 202 -42.28 -11.96 32.80
N VAL C 203 -41.24 -12.23 32.01
CA VAL C 203 -39.88 -12.22 32.53
C VAL C 203 -39.07 -11.04 32.01
N ASP C 204 -38.48 -10.24 32.90
CA ASP C 204 -37.64 -9.13 32.47
C ASP C 204 -36.23 -9.66 32.17
N ASN C 205 -35.99 -9.91 30.90
CA ASN C 205 -34.73 -10.44 30.40
C ASN C 205 -33.81 -9.30 29.95
N THR C 206 -33.93 -8.09 30.54
CA THR C 206 -33.13 -6.95 30.12
C THR C 206 -31.62 -7.17 30.23
N PHE C 207 -31.12 -7.55 31.43
CA PHE C 207 -29.68 -7.73 31.67
C PHE C 207 -29.11 -9.06 31.17
N CYS C 208 -29.98 -10.04 30.95
CA CYS C 208 -29.55 -11.33 30.46
C CYS C 208 -29.43 -11.32 28.96
N THR C 209 -30.42 -10.72 28.26
CA THR C 209 -30.52 -10.67 26.80
C THR C 209 -30.76 -12.08 26.22
N PRO C 210 -31.38 -12.21 25.03
CA PRO C 210 -31.59 -13.55 24.47
C PRO C 210 -30.29 -14.36 24.30
N VAL C 211 -29.13 -13.68 24.34
CA VAL C 211 -27.81 -14.31 24.24
C VAL C 211 -27.53 -15.20 25.44
N LEU C 212 -27.88 -14.73 26.64
CA LEU C 212 -27.61 -15.48 27.86
C LEU C 212 -28.82 -16.11 28.53
N GLN C 213 -30.04 -15.92 27.98
CA GLN C 213 -31.23 -16.52 28.60
C GLN C 213 -32.42 -16.53 27.66
N GLN C 214 -33.12 -17.66 27.59
CA GLN C 214 -34.31 -17.79 26.74
C GLN C 214 -35.51 -18.12 27.63
N PRO C 215 -36.19 -17.12 28.20
CA PRO C 215 -37.31 -17.41 29.11
C PRO C 215 -38.48 -18.10 28.43
N ILE C 216 -38.69 -17.83 27.13
CA ILE C 216 -39.76 -18.43 26.33
C ILE C 216 -39.67 -19.96 26.39
N SER C 217 -38.45 -20.50 26.28
CA SER C 217 -38.18 -21.93 26.31
C SER C 217 -38.53 -22.57 27.65
N HIS C 218 -38.44 -21.80 28.74
CA HIS C 218 -38.80 -22.30 30.06
C HIS C 218 -40.32 -22.28 30.34
N GLY C 219 -41.10 -21.61 29.48
CA GLY C 219 -42.54 -21.53 29.62
C GLY C 219 -43.09 -20.13 29.85
N ALA C 220 -42.22 -19.12 29.82
CA ALA C 220 -42.66 -17.74 30.01
C ALA C 220 -43.51 -17.33 28.83
N ALA C 221 -44.69 -16.77 29.12
CA ALA C 221 -45.60 -16.33 28.06
C ALA C 221 -45.10 -15.05 27.42
N LEU C 222 -44.58 -14.12 28.23
CA LEU C 222 -44.08 -12.84 27.74
C LEU C 222 -42.65 -12.60 28.23
N VAL C 223 -41.83 -11.93 27.42
CA VAL C 223 -40.45 -11.60 27.80
C VAL C 223 -40.24 -10.12 27.55
N LEU C 224 -40.12 -9.33 28.62
CA LEU C 224 -39.97 -7.89 28.50
C LEU C 224 -38.51 -7.49 28.40
N HIS C 225 -38.25 -6.39 27.67
CA HIS C 225 -36.91 -5.87 27.50
C HIS C 225 -36.90 -4.36 27.58
N SER C 226 -35.81 -3.78 28.08
CA SER C 226 -35.62 -2.35 28.06
C SER C 226 -34.42 -2.20 27.11
N ALA C 227 -34.70 -2.19 25.79
CA ALA C 227 -33.78 -2.17 24.64
C ALA C 227 -32.63 -1.21 24.71
N THR C 228 -32.76 -0.16 25.53
CA THR C 228 -31.73 0.86 25.74
C THR C 228 -30.45 0.15 26.29
N LYS C 229 -30.65 -0.61 27.36
CA LYS C 229 -29.61 -1.38 28.00
C LYS C 229 -29.31 -2.64 27.18
N TYR C 230 -28.04 -2.78 26.72
CA TYR C 230 -27.51 -3.95 26.02
C TYR C 230 -28.04 -4.21 24.59
N LEU C 231 -29.36 -4.25 24.34
CA LEU C 231 -29.90 -4.52 23.00
C LEU C 231 -29.39 -3.52 21.97
N GLY C 232 -29.41 -2.24 22.32
CA GLY C 232 -28.91 -1.19 21.44
C GLY C 232 -27.40 -1.11 21.47
N GLY C 233 -26.83 -1.32 22.65
CA GLY C 233 -25.40 -1.33 22.86
C GLY C 233 -24.85 -0.05 23.43
N HIS C 234 -25.47 1.08 23.06
CA HIS C 234 -24.99 2.38 23.51
C HIS C 234 -26.05 3.19 24.27
N GLY C 235 -27.33 2.82 24.12
CA GLY C 235 -28.42 3.50 24.80
C GLY C 235 -28.78 4.86 24.24
N ASP C 236 -28.23 5.20 23.05
CA ASP C 236 -28.51 6.45 22.35
C ASP C 236 -29.98 6.46 21.86
N ALA C 237 -30.48 5.26 21.45
CA ALA C 237 -31.86 5.09 21.04
C ALA C 237 -32.54 4.28 22.15
N MET C 238 -33.60 4.86 22.73
CA MET C 238 -34.40 4.24 23.78
C MET C 238 -35.32 3.20 23.13
N GLY C 239 -35.77 2.26 23.93
CA GLY C 239 -36.65 1.22 23.44
C GLY C 239 -37.26 0.38 24.53
N GLY C 240 -38.20 -0.43 24.13
CA GLY C 240 -38.91 -1.35 24.99
C GLY C 240 -39.64 -2.33 24.12
N ILE C 241 -39.46 -3.64 24.36
CA ILE C 241 -40.10 -4.65 23.51
C ILE C 241 -40.50 -5.89 24.30
N ILE C 242 -41.63 -6.52 23.94
CA ILE C 242 -42.09 -7.74 24.59
C ILE C 242 -42.19 -8.85 23.55
N ALA C 243 -41.41 -9.94 23.70
CA ALA C 243 -41.48 -11.07 22.78
C ALA C 243 -42.45 -12.03 23.40
N THR C 244 -43.57 -12.31 22.72
CA THR C 244 -44.63 -13.16 23.25
C THR C 244 -45.41 -13.94 22.15
N ASN C 245 -46.33 -14.84 22.55
CA ASN C 245 -47.20 -15.61 21.66
C ASN C 245 -48.18 -14.68 20.92
N ALA C 246 -48.81 -15.17 19.85
CA ALA C 246 -49.74 -14.40 19.04
C ALA C 246 -50.91 -13.74 19.80
N ASP C 247 -51.54 -14.43 20.77
CA ASP C 247 -52.68 -13.84 21.51
C ASP C 247 -52.25 -12.62 22.35
N TRP C 248 -51.18 -12.77 23.13
CA TRP C 248 -50.68 -11.68 23.94
C TRP C 248 -50.10 -10.57 23.07
N ALA C 249 -49.53 -10.91 21.90
CA ALA C 249 -48.99 -9.91 21.01
C ALA C 249 -50.11 -9.11 20.38
N MET C 250 -51.20 -9.75 20.00
CA MET C 250 -52.35 -9.04 19.45
C MET C 250 -52.96 -8.12 20.52
N ARG C 251 -53.03 -8.60 21.75
CA ARG C 251 -53.56 -7.85 22.88
C ARG C 251 -52.72 -6.60 23.14
N LEU C 252 -51.38 -6.73 23.05
CA LEU C 252 -50.43 -5.64 23.24
C LEU C 252 -50.51 -4.62 22.11
N ARG C 253 -50.68 -5.10 20.88
CA ARG C 253 -50.81 -4.21 19.73
C ARG C 253 -52.08 -3.38 19.84
N GLN C 254 -53.17 -3.97 20.36
CA GLN C 254 -54.43 -3.28 20.54
C GLN C 254 -54.29 -2.14 21.55
N VAL C 255 -53.52 -2.36 22.63
CA VAL C 255 -53.26 -1.34 23.65
C VAL C 255 -52.44 -0.24 23.01
N ARG C 256 -51.33 -0.61 22.32
CA ARG C 256 -50.45 0.31 21.61
C ARG C 256 -51.24 1.19 20.62
N ALA C 257 -52.25 0.63 19.98
CA ALA C 257 -53.08 1.34 19.02
C ALA C 257 -53.78 2.58 19.61
N ILE C 258 -54.37 2.46 20.81
CA ILE C 258 -55.05 3.63 21.40
C ILE C 258 -54.20 4.34 22.47
N THR C 259 -53.23 3.64 23.08
CA THR C 259 -52.32 4.25 24.05
C THR C 259 -51.25 5.13 23.32
N GLY C 260 -50.91 4.79 22.08
CA GLY C 260 -49.96 5.53 21.25
C GLY C 260 -48.51 5.62 21.69
N ALA C 261 -48.01 4.63 22.44
CA ALA C 261 -46.61 4.65 22.91
C ALA C 261 -45.67 4.00 21.87
N LEU C 262 -45.66 4.54 20.66
CA LEU C 262 -44.90 3.99 19.55
C LEU C 262 -43.40 4.23 19.55
N LEU C 263 -42.63 3.25 19.00
CA LEU C 263 -41.16 3.35 18.85
C LEU C 263 -40.90 4.16 17.58
N HIS C 264 -40.00 5.14 17.63
CA HIS C 264 -39.68 5.93 16.43
C HIS C 264 -38.83 5.07 15.50
N PRO C 265 -39.07 5.13 14.18
CA PRO C 265 -38.31 4.29 13.25
C PRO C 265 -36.81 4.48 13.36
N MET C 266 -36.35 5.71 13.60
CA MET C 266 -34.92 5.99 13.76
C MET C 266 -34.36 5.23 14.97
N GLY C 267 -35.09 5.26 16.06
CA GLY C 267 -34.69 4.55 17.27
C GLY C 267 -34.73 3.05 17.07
N ALA C 268 -35.73 2.55 16.33
CA ALA C 268 -35.86 1.12 16.04
C ALA C 268 -34.70 0.66 15.14
N TYR C 269 -34.27 1.51 14.20
CA TYR C 269 -33.16 1.23 13.29
C TYR C 269 -31.87 1.08 14.07
N LEU C 270 -31.61 1.98 15.01
CA LEU C 270 -30.40 1.91 15.82
C LEU C 270 -30.39 0.63 16.68
N LEU C 271 -31.57 0.19 17.16
CA LEU C 271 -31.69 -1.00 17.98
C LEU C 271 -31.44 -2.25 17.14
N HIS C 272 -32.04 -2.31 15.95
CA HIS C 272 -31.86 -3.45 15.06
C HIS C 272 -30.41 -3.54 14.56
N ARG C 273 -29.72 -2.40 14.40
CA ARG C 273 -28.33 -2.34 13.97
C ARG C 273 -27.47 -2.95 15.09
N GLY C 274 -27.72 -2.53 16.33
CA GLY C 274 -27.01 -3.02 17.51
C GLY C 274 -27.30 -4.46 17.86
N LEU C 275 -28.44 -4.97 17.40
CA LEU C 275 -28.84 -6.35 17.62
C LEU C 275 -27.93 -7.31 16.88
N ARG C 276 -27.37 -6.89 15.72
CA ARG C 276 -26.47 -7.71 14.92
C ARG C 276 -25.19 -8.05 15.71
N THR C 277 -24.69 -7.10 16.50
CA THR C 277 -23.48 -7.31 17.30
C THR C 277 -23.74 -7.77 18.74
N LEU C 278 -25.00 -8.00 19.13
CA LEU C 278 -25.37 -8.40 20.48
C LEU C 278 -24.69 -9.66 20.94
N ALA C 279 -24.58 -10.64 20.05
CA ALA C 279 -23.96 -11.91 20.38
C ALA C 279 -22.50 -11.76 20.84
N VAL C 280 -21.66 -11.03 20.07
CA VAL C 280 -20.26 -10.86 20.40
C VAL C 280 -20.05 -9.91 21.57
N ARG C 281 -20.99 -8.98 21.81
CA ARG C 281 -20.85 -8.02 22.89
C ARG C 281 -21.15 -8.66 24.22
N MET C 282 -22.27 -9.41 24.32
CA MET C 282 -22.64 -10.04 25.58
C MET C 282 -21.68 -11.14 25.98
N ARG C 283 -21.15 -11.88 24.99
CA ARG C 283 -20.20 -12.95 25.26
C ARG C 283 -18.90 -12.34 25.81
N ALA C 284 -18.44 -11.24 25.21
CA ALA C 284 -17.21 -10.60 25.66
C ALA C 284 -17.39 -9.92 27.01
N ALA C 285 -18.56 -9.33 27.26
CA ALA C 285 -18.82 -8.67 28.53
C ALA C 285 -18.99 -9.68 29.66
N GLN C 286 -19.54 -10.86 29.36
CA GLN C 286 -19.74 -11.90 30.36
C GLN C 286 -18.40 -12.51 30.76
N THR C 287 -17.54 -12.78 29.78
CA THR C 287 -16.22 -13.38 30.05
C THR C 287 -15.33 -12.41 30.85
N THR C 288 -15.40 -11.10 30.56
CA THR C 288 -14.62 -10.13 31.34
C THR C 288 -15.22 -9.91 32.73
N ALA C 289 -16.54 -10.11 32.89
CA ALA C 289 -17.19 -9.98 34.17
C ALA C 289 -16.80 -11.14 35.08
N GLY C 290 -16.71 -12.35 34.54
CA GLY C 290 -16.34 -13.53 35.32
C GLY C 290 -14.98 -13.42 35.97
N GLU C 291 -14.01 -12.91 35.22
CA GLU C 291 -12.65 -12.68 35.71
C GLU C 291 -12.64 -11.53 36.72
N LEU C 292 -13.45 -10.48 36.47
CA LEU C 292 -13.55 -9.33 37.36
C LEU C 292 -14.15 -9.69 38.70
N ALA C 293 -15.10 -10.60 38.71
CA ALA C 293 -15.75 -11.05 39.92
C ALA C 293 -14.78 -11.76 40.85
N GLU C 294 -13.85 -12.52 40.28
CA GLU C 294 -12.85 -13.24 41.06
C GLU C 294 -11.91 -12.25 41.73
N ARG C 295 -11.50 -11.20 41.00
CA ARG C 295 -10.58 -10.19 41.51
C ARG C 295 -11.18 -9.32 42.59
N LEU C 296 -12.50 -9.11 42.57
CA LEU C 296 -13.14 -8.26 43.57
C LEU C 296 -13.23 -8.93 44.95
N ASP C 297 -13.61 -10.22 45.01
CA ASP C 297 -13.71 -10.94 46.28
C ASP C 297 -12.36 -11.11 46.97
N ALA C 298 -11.27 -11.18 46.18
CA ALA C 298 -9.91 -11.32 46.71
C ALA C 298 -9.46 -10.09 47.50
N HIS C 299 -9.97 -8.89 47.13
CA HIS C 299 -9.59 -7.66 47.82
C HIS C 299 -10.28 -7.58 49.18
N PRO C 300 -9.54 -7.24 50.24
CA PRO C 300 -10.16 -7.18 51.57
C PRO C 300 -11.05 -5.97 51.83
N ALA C 301 -11.10 -5.00 50.91
CA ALA C 301 -11.93 -3.80 51.06
C ALA C 301 -13.42 -4.15 51.01
N ILE C 302 -13.81 -5.16 50.22
CA ILE C 302 -15.21 -5.57 50.15
C ILE C 302 -15.40 -6.93 50.85
N SER C 303 -16.54 -7.11 51.56
CA SER C 303 -16.81 -8.36 52.28
C SER C 303 -17.05 -9.52 51.30
N VAL C 304 -17.99 -9.36 50.36
CA VAL C 304 -18.28 -10.36 49.32
C VAL C 304 -18.84 -9.69 48.06
N VAL C 305 -18.73 -10.36 46.93
CA VAL C 305 -19.26 -9.84 45.68
C VAL C 305 -20.20 -10.87 45.05
N HIS C 306 -21.44 -10.46 44.69
CA HIS C 306 -22.47 -11.30 44.10
C HIS C 306 -22.27 -11.41 42.61
N TYR C 307 -22.18 -12.64 42.11
CA TYR C 307 -22.03 -12.96 40.70
C TYR C 307 -22.36 -14.45 40.57
N PRO C 308 -23.42 -14.79 39.83
CA PRO C 308 -23.82 -16.19 39.71
C PRO C 308 -22.72 -17.19 39.37
N GLY C 309 -21.82 -16.80 38.49
CA GLY C 309 -20.71 -17.65 38.07
C GLY C 309 -19.65 -17.94 39.11
N LEU C 310 -19.58 -17.11 40.17
CA LEU C 310 -18.57 -17.31 41.22
C LEU C 310 -18.72 -18.66 41.92
N LYS C 311 -17.63 -19.12 42.55
CA LYS C 311 -17.60 -20.39 43.27
C LYS C 311 -18.71 -20.46 44.34
N GLY C 312 -19.61 -21.41 44.17
CA GLY C 312 -20.71 -21.64 45.10
C GLY C 312 -21.84 -20.64 45.04
N GLN C 313 -21.83 -19.74 44.04
CA GLN C 313 -22.92 -18.76 43.90
C GLN C 313 -24.05 -19.21 42.96
N ASP C 314 -24.22 -20.53 42.83
CA ASP C 314 -25.28 -21.14 42.04
C ASP C 314 -25.63 -22.49 42.68
N PRO C 315 -26.32 -22.44 43.83
CA PRO C 315 -26.71 -23.70 44.48
C PRO C 315 -27.84 -24.42 43.74
N ARG C 316 -28.60 -23.70 42.91
CA ARG C 316 -29.73 -24.26 42.19
C ARG C 316 -29.35 -25.01 40.91
N GLY C 317 -28.14 -24.76 40.40
CA GLY C 317 -27.68 -25.36 39.15
C GLY C 317 -28.32 -24.73 37.92
N LEU C 318 -28.74 -23.48 38.04
CA LEU C 318 -29.40 -22.74 37.00
C LEU C 318 -28.50 -22.36 35.84
N LEU C 319 -27.18 -22.27 36.08
CA LEU C 319 -26.26 -21.91 35.00
C LEU C 319 -26.04 -23.13 34.12
N GLY C 320 -26.26 -22.94 32.82
CA GLY C 320 -26.16 -23.98 31.82
C GLY C 320 -27.55 -24.46 31.44
N ARG C 321 -28.37 -24.70 32.44
CA ARG C 321 -29.74 -25.17 32.28
C ARG C 321 -30.65 -24.02 31.82
N GLN C 322 -30.44 -22.82 32.39
CA GLN C 322 -31.25 -21.63 32.10
C GLN C 322 -30.40 -20.49 31.56
N MET C 323 -29.23 -20.23 32.18
CA MET C 323 -28.35 -19.15 31.74
C MET C 323 -27.16 -19.65 30.93
N SER C 324 -26.58 -18.79 30.10
CA SER C 324 -25.41 -19.14 29.31
C SER C 324 -24.16 -19.13 30.21
N GLY C 325 -24.07 -18.12 31.06
CA GLY C 325 -22.97 -17.97 32.00
C GLY C 325 -23.35 -17.10 33.18
N GLY C 326 -22.41 -16.37 33.73
CA GLY C 326 -22.67 -15.51 34.88
C GLY C 326 -23.26 -14.15 34.57
N GLY C 327 -23.32 -13.80 33.30
CA GLY C 327 -23.86 -12.51 32.89
C GLY C 327 -22.84 -11.40 32.97
N ALA C 328 -23.27 -10.17 32.67
CA ALA C 328 -22.37 -9.01 32.70
C ALA C 328 -22.69 -8.07 33.86
N MET C 329 -23.29 -8.57 34.94
CA MET C 329 -23.66 -7.74 36.06
C MET C 329 -23.00 -8.20 37.33
N ILE C 330 -22.36 -7.27 38.03
CA ILE C 330 -21.65 -7.53 39.28
C ILE C 330 -22.24 -6.62 40.34
N ALA C 331 -22.54 -7.16 41.52
CA ALA C 331 -23.05 -6.36 42.63
C ALA C 331 -22.17 -6.66 43.83
N MET C 332 -21.55 -5.64 44.44
CA MET C 332 -20.63 -5.86 45.57
C MET C 332 -20.99 -5.08 46.83
N GLU C 333 -20.69 -5.68 47.98
CA GLU C 333 -20.95 -5.04 49.27
C GLU C 333 -19.64 -4.67 49.95
N LEU C 334 -19.47 -3.38 50.27
CA LEU C 334 -18.26 -2.84 50.90
C LEU C 334 -18.27 -3.03 52.43
N ALA C 335 -17.11 -3.35 53.00
CA ALA C 335 -16.99 -3.50 54.44
C ALA C 335 -17.06 -2.16 55.19
N GLY C 336 -16.71 -1.06 54.52
CA GLY C 336 -16.76 0.26 55.14
C GLY C 336 -18.14 0.90 55.18
N GLY C 337 -19.13 0.25 54.58
CA GLY C 337 -20.51 0.75 54.55
C GLY C 337 -20.70 1.88 53.57
N PHE C 338 -21.58 2.83 53.91
CA PHE C 338 -21.88 3.98 53.06
C PHE C 338 -20.69 4.96 52.96
N ASP C 339 -19.87 5.03 54.01
CA ASP C 339 -18.69 5.91 54.03
C ASP C 339 -17.68 5.50 52.95
N ALA C 340 -17.37 4.20 52.84
CA ALA C 340 -16.43 3.72 51.82
C ALA C 340 -17.05 3.66 50.42
N ALA C 341 -18.37 3.54 50.34
CA ALA C 341 -19.05 3.45 49.06
C ALA C 341 -18.93 4.74 48.24
N ARG C 342 -19.23 5.91 48.83
CA ARG C 342 -19.13 7.18 48.10
C ARG C 342 -17.68 7.57 47.80
N SER C 343 -16.73 7.18 48.68
CA SER C 343 -15.32 7.48 48.48
C SER C 343 -14.74 6.65 47.33
N PHE C 344 -15.21 5.41 47.17
CA PHE C 344 -14.79 4.50 46.11
C PHE C 344 -15.25 4.99 44.73
N VAL C 345 -16.46 5.57 44.67
CA VAL C 345 -17.04 6.07 43.43
C VAL C 345 -16.27 7.28 42.89
N GLU C 346 -15.93 8.24 43.76
CA GLU C 346 -15.22 9.44 43.31
C GLU C 346 -13.77 9.17 42.86
N HIS C 347 -13.13 8.12 43.41
CA HIS C 347 -11.76 7.77 43.02
C HIS C 347 -11.66 7.05 41.66
N CYS C 348 -12.79 6.60 41.10
CA CYS C 348 -12.79 5.92 39.81
C CYS C 348 -12.64 6.92 38.68
N ASN C 349 -11.74 6.63 37.72
CA ASN C 349 -11.53 7.53 36.60
C ASN C 349 -12.06 6.90 35.31
N LEU C 350 -11.75 5.61 35.10
CA LEU C 350 -12.18 4.87 33.93
C LEU C 350 -13.66 4.53 34.04
N VAL C 351 -14.09 4.00 35.19
CA VAL C 351 -15.49 3.61 35.40
C VAL C 351 -16.29 4.83 35.84
N VAL C 352 -17.36 5.16 35.11
CA VAL C 352 -18.17 6.32 35.42
C VAL C 352 -19.49 5.97 36.11
N HIS C 353 -20.10 6.95 36.79
CA HIS C 353 -21.36 6.74 37.49
C HIS C 353 -22.57 7.18 36.66
N ALA C 354 -23.65 6.37 36.66
CA ALA C 354 -24.88 6.68 35.92
C ALA C 354 -26.09 6.02 36.56
N VAL C 355 -27.29 6.57 36.33
CA VAL C 355 -28.53 6.00 36.87
C VAL C 355 -28.92 4.79 36.01
N SER C 356 -28.98 4.99 34.67
CA SER C 356 -29.29 3.89 33.75
C SER C 356 -27.99 3.15 33.49
N LEU C 357 -28.02 1.82 33.57
CA LEU C 357 -26.81 1.02 33.39
C LEU C 357 -26.96 -0.15 32.42
N GLY C 358 -25.94 -0.37 31.59
CA GLY C 358 -25.96 -1.45 30.60
C GLY C 358 -25.58 -1.00 29.21
N GLY C 359 -24.32 -0.63 29.03
CA GLY C 359 -23.84 -0.18 27.72
C GLY C 359 -22.49 -0.73 27.36
N ALA C 360 -21.87 -0.14 26.32
CA ALA C 360 -20.53 -0.53 25.87
C ALA C 360 -19.46 -0.12 26.89
N ASP C 361 -19.71 0.95 27.66
CA ASP C 361 -18.79 1.42 28.68
C ASP C 361 -19.17 0.85 30.06
N THR C 362 -18.17 0.58 30.91
CA THR C 362 -18.38 0.02 32.23
C THR C 362 -18.96 1.07 33.16
N LEU C 363 -20.04 0.73 33.87
CA LEU C 363 -20.73 1.68 34.76
C LEU C 363 -20.90 1.17 36.20
N ILE C 364 -20.99 2.11 37.16
CA ILE C 364 -21.21 1.83 38.58
C ILE C 364 -22.36 2.70 39.09
N GLN C 365 -23.18 2.18 40.02
CA GLN C 365 -24.30 2.95 40.55
C GLN C 365 -24.54 2.65 42.00
N HIS C 366 -24.42 3.66 42.82
CA HIS C 366 -24.67 3.54 44.25
C HIS C 366 -26.18 3.72 44.46
N PRO C 367 -26.90 2.67 44.91
CA PRO C 367 -28.36 2.81 45.12
C PRO C 367 -28.72 3.66 46.34
N ALA C 368 -27.87 3.62 47.37
CA ALA C 368 -28.08 4.39 48.59
C ALA C 368 -27.86 5.88 48.32
N SER C 369 -26.85 6.22 47.49
CA SER C 369 -26.51 7.60 47.11
C SER C 369 -27.39 8.16 45.97
N LEU C 370 -28.44 7.44 45.58
CA LEU C 370 -29.37 7.87 44.55
C LEU C 370 -30.75 8.15 45.16
N THR C 371 -31.18 7.29 46.09
CA THR C 371 -32.48 7.44 46.75
C THR C 371 -32.38 7.16 48.25
N PRO C 381 -32.62 -1.56 49.10
CA PRO C 381 -31.17 -1.72 48.87
C PRO C 381 -30.33 -1.47 50.13
N GLY C 382 -29.07 -1.89 50.09
CA GLY C 382 -28.15 -1.72 51.21
C GLY C 382 -27.39 -0.41 51.19
N ASP C 383 -27.07 0.12 52.37
CA ASP C 383 -26.33 1.38 52.45
C ASP C 383 -24.91 1.27 51.86
N GLY C 384 -24.23 0.16 52.15
CA GLY C 384 -22.89 -0.11 51.66
C GLY C 384 -22.90 -1.06 50.48
N LEU C 385 -23.84 -0.85 49.56
CA LEU C 385 -23.96 -1.69 48.38
C LEU C 385 -23.63 -0.88 47.13
N ILE C 386 -22.87 -1.47 46.18
CA ILE C 386 -22.52 -0.80 44.92
C ILE C 386 -22.81 -1.73 43.72
N ARG C 387 -23.55 -1.21 42.75
CA ARG C 387 -23.87 -1.97 41.55
C ARG C 387 -22.81 -1.73 40.48
N LEU C 388 -22.69 -2.66 39.53
CA LEU C 388 -21.69 -2.57 38.48
C LEU C 388 -22.15 -3.30 37.21
N SER C 389 -22.13 -2.61 36.06
CA SER C 389 -22.46 -3.17 34.75
C SER C 389 -21.18 -3.28 33.94
N VAL C 390 -20.81 -4.50 33.54
CA VAL C 390 -19.56 -4.77 32.81
C VAL C 390 -19.65 -4.49 31.31
N GLY C 391 -18.74 -3.65 30.83
CA GLY C 391 -18.69 -3.26 29.44
C GLY C 391 -17.73 -4.04 28.59
N LEU C 392 -17.27 -3.42 27.50
CA LEU C 392 -16.37 -4.05 26.53
C LEU C 392 -14.91 -3.70 26.73
N GLU C 393 -14.52 -3.24 27.92
CA GLU C 393 -13.11 -2.88 28.16
C GLU C 393 -12.23 -4.09 28.48
N HIS C 394 -10.90 -3.91 28.43
CA HIS C 394 -9.94 -4.98 28.75
C HIS C 394 -10.00 -5.24 30.25
N VAL C 395 -10.14 -6.51 30.65
CA VAL C 395 -10.27 -6.92 32.05
C VAL C 395 -9.18 -6.35 32.96
N ASP C 396 -7.92 -6.30 32.48
CA ASP C 396 -6.80 -5.77 33.26
C ASP C 396 -6.92 -4.26 33.48
N ASP C 397 -7.44 -3.52 32.48
CA ASP C 397 -7.61 -2.07 32.58
C ASP C 397 -8.70 -1.71 33.59
N LEU C 398 -9.76 -2.54 33.67
CA LEU C 398 -10.84 -2.31 34.64
C LEU C 398 -10.37 -2.66 36.04
N ALA C 399 -9.65 -3.78 36.18
CA ALA C 399 -9.17 -4.24 37.46
C ALA C 399 -8.18 -3.25 38.05
N ASP C 400 -7.32 -2.66 37.21
CA ASP C 400 -6.34 -1.68 37.69
C ASP C 400 -6.99 -0.42 38.24
N ASP C 401 -8.17 -0.04 37.70
CA ASP C 401 -8.91 1.13 38.13
C ASP C 401 -9.74 0.87 39.39
N LEU C 402 -10.40 -0.30 39.45
CA LEU C 402 -11.21 -0.63 40.61
C LEU C 402 -10.38 -0.91 41.86
N ILE C 403 -9.25 -1.59 41.71
CA ILE C 403 -8.38 -1.91 42.83
C ILE C 403 -7.77 -0.63 43.40
N ALA C 404 -7.32 0.28 42.54
CA ALA C 404 -6.75 1.55 42.98
C ALA C 404 -7.77 2.41 43.73
N ALA C 405 -9.03 2.38 43.31
CA ALA C 405 -10.07 3.15 43.99
C ALA C 405 -10.42 2.52 45.36
N LEU C 406 -10.35 1.18 45.46
CA LEU C 406 -10.59 0.45 46.69
C LEU C 406 -9.51 0.73 47.75
N ASP C 407 -8.28 1.05 47.31
CA ASP C 407 -7.15 1.35 48.18
C ASP C 407 -7.36 2.60 49.06
N ALA C 408 -8.46 3.33 48.87
CA ALA C 408 -8.81 4.52 49.66
C ALA C 408 -8.77 4.27 51.18
N SER C 409 -9.23 3.08 51.63
CA SER C 409 -9.22 2.76 53.06
C SER C 409 -7.81 2.41 53.54
N TRP D 87 -35.56 13.50 29.62
CA TRP D 87 -34.27 14.14 29.86
C TRP D 87 -33.47 14.33 28.55
N GLN D 88 -34.17 14.72 27.44
CA GLN D 88 -33.59 14.91 26.11
C GLN D 88 -33.57 16.39 25.68
N PRO D 89 -32.51 16.83 24.96
CA PRO D 89 -32.45 18.24 24.55
C PRO D 89 -33.39 18.63 23.42
N GLY D 90 -33.54 17.76 22.43
CA GLY D 90 -34.41 18.00 21.29
C GLY D 90 -35.87 18.09 21.65
N VAL D 91 -36.27 17.39 22.72
CA VAL D 91 -37.63 17.39 23.19
C VAL D 91 -37.93 18.70 23.91
N ALA D 92 -37.00 19.15 24.73
CA ALA D 92 -37.16 20.39 25.48
C ALA D 92 -37.32 21.60 24.56
N ARG D 93 -36.50 21.69 23.50
CA ARG D 93 -36.56 22.82 22.56
C ARG D 93 -37.88 22.85 21.78
N PHE D 94 -38.45 21.68 21.49
CA PHE D 94 -39.73 21.63 20.78
C PHE D 94 -40.84 22.00 21.76
N GLU D 95 -40.77 21.52 23.01
CA GLU D 95 -41.75 21.80 24.05
C GLU D 95 -41.93 23.30 24.27
N THR D 96 -40.83 24.03 24.50
CA THR D 96 -40.89 25.48 24.74
C THR D 96 -41.31 26.27 23.49
N ALA D 97 -41.00 25.75 22.30
CA ALA D 97 -41.38 26.43 21.07
C ALA D 97 -42.90 26.41 20.92
N LEU D 98 -43.53 25.25 21.20
CA LEU D 98 -44.98 25.13 21.08
C LEU D 98 -45.69 25.85 22.21
N ALA D 99 -45.13 25.81 23.42
CA ALA D 99 -45.73 26.51 24.57
C ALA D 99 -45.83 28.00 24.29
N GLY D 100 -44.81 28.56 23.63
CA GLY D 100 -44.78 29.96 23.24
C GLY D 100 -45.77 30.28 22.15
N LEU D 101 -45.94 29.36 21.20
CA LEU D 101 -46.88 29.51 20.10
C LEU D 101 -48.30 29.52 20.63
N GLU D 102 -48.61 28.65 21.59
CA GLU D 102 -49.95 28.54 22.19
C GLU D 102 -50.18 29.53 23.35
N HIS D 103 -49.11 30.22 23.79
CA HIS D 103 -49.08 31.18 24.89
C HIS D 103 -49.36 30.54 26.25
N ALA D 104 -49.00 29.24 26.40
CA ALA D 104 -49.13 28.45 27.60
C ALA D 104 -47.86 28.55 28.46
N GLU D 105 -47.97 28.28 29.77
CA GLU D 105 -46.82 28.34 30.68
C GLU D 105 -45.72 27.38 30.22
N GLU D 106 -46.07 26.14 29.96
CA GLU D 106 -45.13 25.12 29.49
C GLU D 106 -45.88 24.04 28.68
N ALA D 107 -45.16 23.13 28.02
CA ALA D 107 -45.78 22.05 27.25
C ALA D 107 -45.11 20.71 27.54
N VAL D 108 -45.85 19.61 27.39
CA VAL D 108 -45.29 18.28 27.62
C VAL D 108 -45.45 17.44 26.36
N ALA D 109 -44.33 16.93 25.82
CA ALA D 109 -44.36 16.16 24.58
C ALA D 109 -44.31 14.64 24.76
N PHE D 110 -45.15 13.94 23.99
CA PHE D 110 -45.32 12.49 23.99
C PHE D 110 -45.05 11.88 22.62
N ALA D 111 -44.88 10.54 22.57
CA ALA D 111 -44.59 9.80 21.35
C ALA D 111 -45.58 10.09 20.22
N THR D 112 -46.88 9.98 20.50
CA THR D 112 -47.94 10.23 19.53
C THR D 112 -49.06 11.09 20.18
N GLY D 113 -50.03 11.52 19.39
CA GLY D 113 -51.17 12.28 19.92
C GLY D 113 -51.97 11.46 20.90
N MET D 114 -52.08 10.15 20.65
CA MET D 114 -52.77 9.21 21.51
C MET D 114 -52.11 9.11 22.89
N ALA D 115 -50.77 9.14 22.92
CA ALA D 115 -50.04 9.11 24.16
C ALA D 115 -50.27 10.38 24.98
N ALA D 116 -50.45 11.53 24.33
CA ALA D 116 -50.70 12.77 25.05
C ALA D 116 -52.08 12.75 25.69
N MET D 117 -53.09 12.24 24.96
CA MET D 117 -54.45 12.12 25.47
C MET D 117 -54.51 11.10 26.59
N THR D 118 -53.78 9.98 26.44
CA THR D 118 -53.69 8.93 27.45
C THR D 118 -53.12 9.50 28.73
N ALA D 119 -52.03 10.29 28.63
CA ALA D 119 -51.41 10.90 29.80
C ALA D 119 -52.30 11.90 30.48
N ALA D 120 -53.04 12.68 29.70
CA ALA D 120 -53.97 13.67 30.26
C ALA D 120 -55.10 12.97 31.00
N LEU D 121 -55.60 11.86 30.44
CA LEU D 121 -56.67 11.10 31.05
C LEU D 121 -56.16 10.41 32.31
N LEU D 122 -54.95 9.84 32.26
CA LEU D 122 -54.34 9.19 33.41
C LEU D 122 -54.01 10.17 34.52
N ALA D 123 -53.67 11.43 34.16
CA ALA D 123 -53.37 12.46 35.15
C ALA D 123 -54.62 12.85 35.92
N ALA D 124 -55.79 12.82 35.23
CA ALA D 124 -57.07 13.13 35.86
C ALA D 124 -57.48 11.96 36.75
N VAL D 125 -57.32 10.72 36.26
CA VAL D 125 -57.67 9.53 37.03
C VAL D 125 -56.85 9.46 38.33
N SER D 126 -55.51 9.66 38.23
CA SER D 126 -54.59 9.65 39.38
C SER D 126 -54.92 10.72 40.40
N ALA D 127 -55.46 11.87 39.94
CA ALA D 127 -55.86 12.95 40.82
C ALA D 127 -57.18 12.71 41.54
N GLY D 128 -57.69 11.48 41.52
CA GLY D 128 -58.95 11.10 42.15
C GLY D 128 -60.17 11.72 41.48
N THR D 129 -60.05 11.97 40.18
CA THR D 129 -61.12 12.58 39.41
C THR D 129 -61.21 11.93 38.03
N PRO D 130 -61.81 10.72 37.96
CA PRO D 130 -61.81 9.99 36.69
C PRO D 130 -62.95 10.25 35.72
N HIS D 131 -63.83 11.20 36.03
CA HIS D 131 -64.95 11.49 35.16
C HIS D 131 -64.56 12.54 34.13
N ILE D 132 -64.99 12.33 32.89
CA ILE D 132 -64.69 13.22 31.78
C ILE D 132 -65.97 13.59 31.04
N VAL D 133 -66.21 14.89 30.87
CA VAL D 133 -67.37 15.36 30.11
C VAL D 133 -66.85 15.68 28.72
N ALA D 134 -67.10 14.79 27.76
CA ALA D 134 -66.62 14.99 26.41
C ALA D 134 -67.74 15.46 25.50
N VAL D 135 -67.42 16.41 24.60
CA VAL D 135 -68.41 16.96 23.67
C VAL D 135 -68.37 16.25 22.33
N ARG D 136 -69.39 15.43 22.05
CA ARG D 136 -69.49 14.72 20.77
C ARG D 136 -70.14 15.68 19.75
N PRO D 137 -69.58 15.81 18.51
CA PRO D 137 -68.48 15.04 17.86
C PRO D 137 -67.07 15.08 18.46
N LEU D 138 -66.28 14.03 18.18
CA LEU D 138 -64.89 13.94 18.62
C LEU D 138 -64.04 13.12 17.62
N TYR D 139 -62.69 13.27 17.66
CA TYR D 139 -61.75 12.54 16.80
C TYR D 139 -61.94 11.01 16.96
N GLY D 140 -61.86 10.28 15.85
CA GLY D 140 -62.03 8.83 15.78
C GLY D 140 -61.30 7.96 16.80
N GLY D 141 -59.99 8.18 16.96
CA GLY D 141 -59.18 7.42 17.90
C GLY D 141 -59.31 7.86 19.34
N SER D 142 -59.57 9.15 19.57
CA SER D 142 -59.72 9.76 20.90
C SER D 142 -61.01 9.29 21.59
N ASP D 143 -62.10 9.14 20.83
CA ASP D 143 -63.37 8.68 21.39
C ASP D 143 -63.32 7.21 21.82
N HIS D 144 -62.47 6.39 21.16
CA HIS D 144 -62.30 4.97 21.51
C HIS D 144 -61.70 4.82 22.89
N LEU D 145 -60.78 5.72 23.26
CA LEU D 145 -60.11 5.73 24.55
C LEU D 145 -61.12 5.96 25.69
N LEU D 146 -62.07 6.88 25.47
CA LEU D 146 -63.09 7.21 26.45
C LEU D 146 -64.18 6.15 26.49
N GLU D 147 -64.63 5.70 25.30
CA GLU D 147 -65.68 4.70 25.13
C GLU D 147 -65.33 3.40 25.80
N THR D 148 -64.09 2.92 25.62
CA THR D 148 -63.61 1.68 26.24
C THR D 148 -63.37 1.87 27.73
N GLY D 149 -62.82 3.03 28.08
CA GLY D 149 -62.50 3.36 29.47
C GLY D 149 -61.38 2.47 29.97
N LEU D 150 -60.35 2.32 29.14
CA LEU D 150 -59.19 1.49 29.44
C LEU D 150 -58.41 2.07 30.61
N LEU D 151 -58.26 3.39 30.64
CA LEU D 151 -57.51 4.06 31.68
C LEU D 151 -58.26 4.27 33.01
N GLY D 152 -59.45 3.68 33.13
CA GLY D 152 -60.27 3.83 34.34
C GLY D 152 -61.08 5.12 34.33
N THR D 153 -61.49 5.56 33.14
CA THR D 153 -62.24 6.79 32.97
C THR D 153 -63.72 6.51 32.74
N THR D 154 -64.56 7.44 33.18
CA THR D 154 -65.98 7.36 32.96
C THR D 154 -66.35 8.59 32.13
N VAL D 155 -66.90 8.39 30.92
CA VAL D 155 -67.23 9.52 30.05
C VAL D 155 -68.72 9.73 29.94
N THR D 156 -69.16 10.98 29.95
CA THR D 156 -70.57 11.31 29.76
C THR D 156 -70.64 12.28 28.59
N TRP D 157 -70.98 11.77 27.41
CA TRP D 157 -71.04 12.57 26.20
C TRP D 157 -72.16 13.60 26.27
N ALA D 158 -71.83 14.88 26.06
CA ALA D 158 -72.85 15.93 26.13
C ALA D 158 -72.70 16.94 24.99
N LYS D 159 -73.80 17.65 24.68
CA LYS D 159 -73.78 18.68 23.64
C LYS D 159 -73.07 19.93 24.18
N GLU D 160 -72.57 20.79 23.31
CA GLU D 160 -71.87 22.01 23.73
C GLU D 160 -72.76 22.90 24.58
N ALA D 161 -74.04 22.99 24.22
CA ALA D 161 -75.00 23.82 24.93
C ALA D 161 -75.24 23.41 26.38
N ASP D 162 -75.04 22.13 26.73
CA ASP D 162 -75.28 21.67 28.11
C ASP D 162 -74.13 20.86 28.69
N ILE D 163 -72.96 21.50 28.81
CA ILE D 163 -71.78 20.84 29.38
C ILE D 163 -71.86 20.89 30.90
N ALA D 164 -72.22 22.06 31.43
CA ALA D 164 -72.35 22.31 32.87
C ALA D 164 -73.21 21.30 33.60
N SER D 165 -74.29 20.85 32.97
CA SER D 165 -75.22 19.88 33.57
C SER D 165 -74.58 18.51 33.71
N ALA D 166 -73.76 18.11 32.72
CA ALA D 166 -73.08 16.82 32.74
C ALA D 166 -71.91 16.75 33.73
N ILE D 167 -71.42 17.90 34.21
CA ILE D 167 -70.31 17.93 35.15
C ILE D 167 -70.69 17.36 36.51
N GLN D 168 -70.05 16.25 36.87
CA GLN D 168 -70.23 15.58 38.16
C GLN D 168 -69.18 16.09 39.16
N ASP D 169 -69.27 15.64 40.43
CA ASP D 169 -68.30 16.05 41.45
C ASP D 169 -66.89 15.55 41.14
N ASP D 170 -66.80 14.37 40.50
CA ASP D 170 -65.53 13.76 40.13
C ASP D 170 -65.09 14.07 38.69
N THR D 171 -65.60 15.15 38.07
CA THR D 171 -65.19 15.50 36.71
C THR D 171 -63.88 16.26 36.74
N GLY D 172 -62.88 15.77 36.01
CA GLY D 172 -61.56 16.38 36.01
C GLY D 172 -61.16 17.07 34.73
N LEU D 173 -61.87 16.78 33.63
CA LEU D 173 -61.57 17.39 32.33
C LEU D 173 -62.83 17.56 31.49
N VAL D 174 -62.80 18.53 30.58
CA VAL D 174 -63.86 18.77 29.61
C VAL D 174 -63.16 18.70 28.25
N ILE D 175 -63.27 17.57 27.53
CA ILE D 175 -62.59 17.41 26.24
C ILE D 175 -63.45 18.01 25.12
N VAL D 176 -62.86 18.87 24.29
CA VAL D 176 -63.60 19.50 23.20
C VAL D 176 -62.73 19.77 21.95
N GLU D 177 -63.15 19.34 20.75
CA GLU D 177 -62.38 19.56 19.53
C GLU D 177 -63.04 20.62 18.69
N THR D 178 -62.30 21.67 18.25
CA THR D 178 -62.86 22.73 17.43
C THR D 178 -61.96 23.11 16.24
N PRO D 179 -62.53 23.15 15.01
CA PRO D 179 -63.92 22.87 14.64
C PRO D 179 -64.21 21.35 14.70
N ALA D 180 -65.41 20.99 15.20
CA ALA D 180 -65.92 19.62 15.46
C ALA D 180 -65.72 18.62 14.32
N ASN D 181 -64.55 17.97 14.26
CA ASN D 181 -64.22 17.00 13.23
C ASN D 181 -65.12 15.79 13.34
N PRO D 182 -65.75 15.36 12.23
CA PRO D 182 -65.57 15.83 10.84
C PRO D 182 -66.53 16.91 10.32
N SER D 183 -67.67 17.13 10.98
CA SER D 183 -68.71 18.08 10.60
C SER D 183 -68.24 19.55 10.46
N LEU D 184 -67.13 19.89 11.10
CA LEU D 184 -66.52 21.22 11.14
C LEU D 184 -67.46 22.27 11.73
N ASP D 185 -68.13 21.92 12.87
CA ASP D 185 -69.03 22.81 13.60
C ASP D 185 -68.17 23.63 14.58
N LEU D 186 -68.34 24.95 14.59
CA LEU D 186 -67.55 25.80 15.49
C LEU D 186 -68.06 25.76 16.93
N VAL D 187 -67.13 25.65 17.88
CA VAL D 187 -67.47 25.61 19.29
C VAL D 187 -66.95 26.88 19.97
N ASP D 188 -67.83 27.61 20.68
CA ASP D 188 -67.42 28.83 21.37
C ASP D 188 -66.65 28.49 22.63
N LEU D 189 -65.30 28.58 22.57
CA LEU D 189 -64.43 28.23 23.68
C LEU D 189 -64.67 29.07 24.91
N ASP D 190 -65.00 30.36 24.73
CA ASP D 190 -65.27 31.24 25.85
C ASP D 190 -66.50 30.75 26.63
N SER D 191 -67.53 30.26 25.91
CA SER D 191 -68.76 29.74 26.49
C SER D 191 -68.54 28.39 27.17
N VAL D 192 -67.67 27.56 26.60
CA VAL D 192 -67.37 26.26 27.17
C VAL D 192 -66.63 26.43 28.49
N VAL D 193 -65.63 27.31 28.52
CA VAL D 193 -64.85 27.56 29.73
C VAL D 193 -65.74 28.09 30.87
N SER D 194 -66.69 28.97 30.55
CA SER D 194 -67.62 29.51 31.56
C SER D 194 -68.55 28.40 32.09
N ALA D 195 -68.94 27.45 31.23
CA ALA D 195 -69.80 26.34 31.62
C ALA D 195 -69.06 25.34 32.49
N ALA D 196 -67.77 25.11 32.19
CA ALA D 196 -66.95 24.19 32.98
C ALA D 196 -66.67 24.75 34.37
N GLY D 197 -66.44 26.06 34.44
CA GLY D 197 -66.16 26.76 35.69
C GLY D 197 -64.81 26.35 36.25
N ASN D 198 -64.83 25.62 37.37
CA ASN D 198 -63.62 25.16 38.04
C ASN D 198 -63.00 23.88 37.41
N VAL D 199 -63.63 23.30 36.38
CA VAL D 199 -63.12 22.11 35.72
C VAL D 199 -62.20 22.49 34.55
N PRO D 200 -60.98 21.92 34.50
CA PRO D 200 -60.05 22.25 33.41
C PRO D 200 -60.59 21.81 32.05
N VAL D 201 -60.37 22.64 31.00
CA VAL D 201 -60.85 22.36 29.65
C VAL D 201 -59.69 21.98 28.70
N LEU D 202 -59.80 20.81 28.04
CA LEU D 202 -58.77 20.38 27.09
C LEU D 202 -59.29 20.56 25.67
N VAL D 203 -58.59 21.37 24.87
CA VAL D 203 -59.03 21.64 23.50
C VAL D 203 -58.11 21.01 22.46
N ASP D 204 -58.65 20.20 21.54
CA ASP D 204 -57.84 19.61 20.49
C ASP D 204 -57.68 20.64 19.36
N ASN D 205 -56.55 21.34 19.36
CA ASN D 205 -56.20 22.37 18.40
C ASN D 205 -55.36 21.79 17.26
N THR D 206 -55.51 20.50 16.93
CA THR D 206 -54.70 19.85 15.90
C THR D 206 -54.82 20.50 14.51
N PHE D 207 -56.05 20.62 13.97
CA PHE D 207 -56.26 21.17 12.64
C PHE D 207 -56.22 22.69 12.56
N CYS D 208 -56.38 23.36 13.69
CA CYS D 208 -56.36 24.81 13.73
C CYS D 208 -54.93 25.31 13.83
N THR D 209 -54.11 24.67 14.68
CA THR D 209 -52.73 25.05 14.98
C THR D 209 -52.67 26.41 15.68
N PRO D 210 -51.62 26.69 16.48
CA PRO D 210 -51.55 28.01 17.14
C PRO D 210 -51.62 29.20 16.17
N VAL D 211 -51.37 28.96 14.86
CA VAL D 211 -51.42 29.96 13.81
C VAL D 211 -52.86 30.48 13.63
N LEU D 212 -53.84 29.58 13.66
CA LEU D 212 -55.24 29.96 13.45
C LEU D 212 -56.12 29.92 14.68
N GLN D 213 -55.61 29.52 15.86
CA GLN D 213 -56.43 29.47 17.08
C GLN D 213 -55.60 29.39 18.35
N GLN D 214 -55.95 30.20 19.35
CA GLN D 214 -55.26 30.21 20.64
C GLN D 214 -56.25 29.86 21.73
N PRO D 215 -56.46 28.57 22.01
CA PRO D 215 -57.45 28.19 23.03
C PRO D 215 -57.09 28.65 24.43
N ILE D 216 -55.79 28.74 24.74
CA ILE D 216 -55.29 29.19 26.04
C ILE D 216 -55.85 30.58 26.39
N SER D 217 -55.87 31.48 25.39
CA SER D 217 -56.38 32.85 25.52
C SER D 217 -57.89 32.88 25.87
N HIS D 218 -58.64 31.88 25.42
CA HIS D 218 -60.07 31.78 25.73
C HIS D 218 -60.37 31.18 27.12
N GLY D 219 -59.35 30.61 27.78
CA GLY D 219 -59.52 30.03 29.10
C GLY D 219 -59.29 28.54 29.19
N ALA D 220 -58.87 27.90 28.07
CA ALA D 220 -58.62 26.48 28.07
C ALA D 220 -57.40 26.19 28.91
N ALA D 221 -57.52 25.24 29.83
CA ALA D 221 -56.41 24.88 30.71
C ALA D 221 -55.36 24.09 29.98
N LEU D 222 -55.79 23.19 29.09
CA LEU D 222 -54.89 22.34 28.31
C LEU D 222 -55.21 22.43 26.82
N VAL D 223 -54.19 22.35 25.97
CA VAL D 223 -54.38 22.37 24.52
C VAL D 223 -53.64 21.19 23.93
N LEU D 224 -54.39 20.21 23.42
CA LEU D 224 -53.78 19.00 22.87
C LEU D 224 -53.49 19.14 21.38
N HIS D 225 -52.43 18.47 20.93
CA HIS D 225 -52.04 18.49 19.53
C HIS D 225 -51.60 17.10 19.07
N SER D 226 -51.84 16.79 17.80
CA SER D 226 -51.34 15.58 17.20
C SER D 226 -50.35 16.09 16.13
N ALA D 227 -49.09 16.37 16.55
CA ALA D 227 -47.98 16.95 15.79
C ALA D 227 -47.73 16.36 14.39
N THR D 228 -48.22 15.17 14.17
CA THR D 228 -48.16 14.46 12.89
C THR D 228 -48.81 15.36 11.78
N LYS D 229 -50.02 15.85 12.06
CA LYS D 229 -50.77 16.70 11.15
C LYS D 229 -50.41 18.18 11.36
N TYR D 230 -49.89 18.81 10.31
CA TYR D 230 -49.61 20.24 10.27
C TYR D 230 -48.37 20.71 11.03
N LEU D 231 -48.22 20.38 12.33
CA LEU D 231 -47.06 20.84 13.11
C LEU D 231 -45.73 20.43 12.47
N GLY D 232 -45.63 19.16 12.06
CA GLY D 232 -44.46 18.62 11.40
C GLY D 232 -44.36 19.04 9.96
N GLY D 233 -45.51 19.09 9.29
CA GLY D 233 -45.58 19.54 7.90
C GLY D 233 -45.60 18.43 6.86
N HIS D 234 -45.02 17.27 7.20
CA HIS D 234 -44.94 16.13 6.28
C HIS D 234 -45.42 14.80 6.91
N GLY D 235 -45.52 14.76 8.25
CA GLY D 235 -45.98 13.57 8.95
C GLY D 235 -44.96 12.45 9.05
N ASP D 236 -43.70 12.72 8.63
CA ASP D 236 -42.58 11.77 8.67
C ASP D 236 -42.24 11.44 10.14
N ALA D 237 -42.33 12.45 11.01
CA ALA D 237 -42.08 12.27 12.42
C ALA D 237 -43.42 12.45 13.13
N MET D 238 -43.81 11.41 13.88
CA MET D 238 -45.03 11.38 14.67
C MET D 238 -44.82 12.22 15.93
N GLY D 239 -45.91 12.68 16.52
CA GLY D 239 -45.83 13.47 17.73
C GLY D 239 -47.17 13.68 18.40
N GLY D 240 -47.09 14.24 19.59
CA GLY D 240 -48.25 14.56 20.41
C GLY D 240 -47.77 15.48 21.52
N ILE D 241 -48.42 16.63 21.72
CA ILE D 241 -47.98 17.58 22.74
C ILE D 241 -49.16 18.33 23.38
N ILE D 242 -49.07 18.64 24.68
CA ILE D 242 -50.10 19.39 25.37
C ILE D 242 -49.50 20.66 25.94
N ALA D 243 -49.97 21.83 25.49
CA ALA D 243 -49.50 23.11 26.02
C ALA D 243 -50.45 23.48 27.14
N THR D 244 -49.93 23.58 28.36
CA THR D 244 -50.76 23.83 29.54
C THR D 244 -50.02 24.61 30.65
N ASN D 245 -50.73 24.99 31.73
CA ASN D 245 -50.17 25.66 32.90
C ASN D 245 -49.19 24.73 33.66
N ALA D 246 -48.37 25.29 34.54
CA ALA D 246 -47.38 24.57 35.31
C ALA D 246 -47.91 23.36 36.11
N ASP D 247 -49.08 23.47 36.79
CA ASP D 247 -49.61 22.35 37.58
C ASP D 247 -49.97 21.14 36.70
N TRP D 248 -50.73 21.38 35.63
CA TRP D 248 -51.11 20.31 34.73
C TRP D 248 -49.90 19.78 33.97
N ALA D 249 -48.91 20.63 33.68
CA ALA D 249 -47.70 20.18 33.00
C ALA D 249 -46.87 19.30 33.92
N MET D 250 -46.78 19.64 35.20
CA MET D 250 -46.05 18.80 36.16
C MET D 250 -46.76 17.45 36.32
N ARG D 251 -48.10 17.47 36.35
CA ARG D 251 -48.93 16.28 36.48
C ARG D 251 -48.72 15.35 35.27
N LEU D 252 -48.62 15.93 34.06
CA LEU D 252 -48.41 15.21 32.81
C LEU D 252 -47.01 14.62 32.74
N ARG D 253 -46.02 15.37 33.22
CA ARG D 253 -44.64 14.89 33.24
C ARG D 253 -44.52 13.70 34.17
N GLN D 254 -45.23 13.71 35.31
CA GLN D 254 -45.23 12.61 36.27
C GLN D 254 -45.79 11.33 35.64
N VAL D 255 -46.86 11.47 34.81
CA VAL D 255 -47.47 10.32 34.12
C VAL D 255 -46.48 9.82 33.12
N ARG D 256 -45.91 10.71 32.29
CA ARG D 256 -44.90 10.39 31.28
C ARG D 256 -43.72 9.64 31.89
N ALA D 257 -43.32 10.01 33.11
CA ALA D 257 -42.20 9.39 33.79
C ALA D 257 -42.35 7.88 34.01
N ILE D 258 -43.54 7.42 34.43
CA ILE D 258 -43.74 5.98 34.66
C ILE D 258 -44.51 5.29 33.51
N THR D 259 -45.27 6.05 32.72
CA THR D 259 -45.96 5.51 31.55
C THR D 259 -44.95 5.26 30.39
N GLY D 260 -43.88 6.07 30.32
CA GLY D 260 -42.83 5.94 29.32
C GLY D 260 -43.16 6.21 27.86
N ALA D 261 -44.19 7.02 27.56
CA ALA D 261 -44.57 7.31 26.18
C ALA D 261 -43.78 8.52 25.63
N LEU D 262 -42.47 8.41 25.64
CA LEU D 262 -41.57 9.50 25.25
C LEU D 262 -41.43 9.79 23.76
N LEU D 263 -41.20 11.08 23.41
CA LEU D 263 -40.97 11.50 22.02
C LEU D 263 -39.50 11.26 21.73
N HIS D 264 -39.19 10.64 20.57
CA HIS D 264 -37.80 10.40 20.22
C HIS D 264 -37.14 11.71 19.80
N PRO D 265 -35.90 11.97 20.21
CA PRO D 265 -35.28 13.26 19.86
C PRO D 265 -35.24 13.54 18.38
N MET D 266 -35.04 12.51 17.56
CA MET D 266 -35.03 12.67 16.10
C MET D 266 -36.40 13.17 15.62
N GLY D 267 -37.46 12.58 16.14
CA GLY D 267 -38.81 12.97 15.80
C GLY D 267 -39.12 14.36 16.30
N ALA D 268 -38.63 14.72 17.49
CA ALA D 268 -38.84 16.05 18.06
C ALA D 268 -38.11 17.11 17.24
N TYR D 269 -36.92 16.77 16.72
CA TYR D 269 -36.10 17.64 15.88
C TYR D 269 -36.83 17.95 14.58
N LEU D 270 -37.41 16.94 13.95
CA LEU D 270 -38.15 17.13 12.70
C LEU D 270 -39.39 18.01 12.94
N LEU D 271 -40.04 17.90 14.11
CA LEU D 271 -41.22 18.68 14.47
C LEU D 271 -40.83 20.12 14.71
N HIS D 272 -39.76 20.36 15.47
CA HIS D 272 -39.29 21.71 15.75
C HIS D 272 -38.78 22.41 14.47
N ARG D 273 -38.22 21.64 13.52
CA ARG D 273 -37.75 22.16 12.24
C ARG D 273 -38.97 22.62 11.43
N GLY D 274 -40.01 21.78 11.38
CA GLY D 274 -41.26 22.08 10.68
C GLY D 274 -42.09 23.18 11.33
N LEU D 275 -41.87 23.42 12.61
CA LEU D 275 -42.54 24.47 13.36
C LEU D 275 -42.13 25.84 12.85
N ARG D 276 -40.87 25.99 12.37
CA ARG D 276 -40.37 27.27 11.84
C ARG D 276 -41.18 27.71 10.61
N THR D 277 -41.60 26.77 9.77
CA THR D 277 -42.37 27.09 8.57
C THR D 277 -43.88 26.98 8.76
N LEU D 278 -44.37 26.68 9.98
CA LEU D 278 -45.81 26.52 10.26
C LEU D 278 -46.63 27.74 9.91
N ALA D 279 -46.10 28.93 10.22
CA ALA D 279 -46.80 30.17 9.95
C ALA D 279 -47.12 30.35 8.46
N VAL D 280 -46.12 30.19 7.57
CA VAL D 280 -46.35 30.36 6.13
C VAL D 280 -47.12 29.21 5.49
N ARG D 281 -47.09 28.02 6.09
CA ARG D 281 -47.79 26.88 5.56
C ARG D 281 -49.27 26.96 5.85
N MET D 282 -49.64 27.25 7.11
CA MET D 282 -51.06 27.33 7.48
C MET D 282 -51.75 28.50 6.82
N ARG D 283 -51.05 29.62 6.66
CA ARG D 283 -51.62 30.81 6.03
C ARG D 283 -51.88 30.50 4.55
N ALA D 284 -50.95 29.83 3.87
CA ALA D 284 -51.11 29.50 2.46
C ALA D 284 -52.18 28.42 2.26
N ALA D 285 -52.27 27.47 3.18
CA ALA D 285 -53.26 26.41 3.10
C ALA D 285 -54.65 26.94 3.35
N GLN D 286 -54.79 27.90 4.26
CA GLN D 286 -56.08 28.48 4.60
C GLN D 286 -56.60 29.32 3.44
N THR D 287 -55.73 30.14 2.83
CA THR D 287 -56.13 31.00 1.72
C THR D 287 -56.55 30.17 0.49
N THR D 288 -55.86 29.05 0.21
CA THR D 288 -56.25 28.18 -0.92
C THR D 288 -57.51 27.36 -0.61
N ALA D 289 -57.79 27.09 0.68
CA ALA D 289 -58.97 26.35 1.08
C ALA D 289 -60.22 27.23 0.94
N GLY D 290 -60.11 28.51 1.25
CA GLY D 290 -61.22 29.45 1.14
C GLY D 290 -61.75 29.61 -0.27
N GLU D 291 -60.82 29.60 -1.25
CA GLU D 291 -61.16 29.68 -2.67
C GLU D 291 -61.73 28.33 -3.14
N LEU D 292 -61.16 27.21 -2.66
CA LEU D 292 -61.61 25.86 -3.00
C LEU D 292 -63.02 25.58 -2.50
N ALA D 293 -63.37 26.11 -1.32
CA ALA D 293 -64.69 25.93 -0.73
C ALA D 293 -65.78 26.60 -1.56
N GLU D 294 -65.45 27.72 -2.21
CA GLU D 294 -66.40 28.45 -3.05
C GLU D 294 -66.69 27.63 -4.32
N ARG D 295 -65.63 27.03 -4.91
CA ARG D 295 -65.74 26.23 -6.12
C ARG D 295 -66.47 24.91 -5.92
N LEU D 296 -66.40 24.34 -4.73
CA LEU D 296 -67.07 23.08 -4.45
C LEU D 296 -68.59 23.21 -4.31
N ASP D 297 -69.08 24.24 -3.59
CA ASP D 297 -70.52 24.43 -3.43
C ASP D 297 -71.21 24.76 -4.75
N ALA D 298 -70.49 25.37 -5.70
CA ALA D 298 -71.03 25.71 -7.01
C ALA D 298 -71.33 24.48 -7.86
N HIS D 299 -70.60 23.37 -7.66
CA HIS D 299 -70.81 22.14 -8.42
C HIS D 299 -72.07 21.43 -7.94
N PRO D 300 -72.93 21.00 -8.88
CA PRO D 300 -74.18 20.33 -8.48
C PRO D 300 -74.03 18.90 -7.98
N ALA D 301 -72.83 18.31 -8.09
CA ALA D 301 -72.60 16.94 -7.66
C ALA D 301 -72.69 16.79 -6.14
N ILE D 302 -72.26 17.82 -5.41
CA ILE D 302 -72.33 17.78 -3.95
C ILE D 302 -73.46 18.66 -3.45
N SER D 303 -74.16 18.20 -2.40
CA SER D 303 -75.30 18.91 -1.83
C SER D 303 -74.86 20.14 -1.05
N VAL D 304 -73.99 19.96 -0.03
CA VAL D 304 -73.52 21.09 0.76
C VAL D 304 -72.04 20.91 1.14
N VAL D 305 -71.32 22.03 1.27
CA VAL D 305 -69.91 22.04 1.65
C VAL D 305 -69.77 22.74 3.00
N HIS D 306 -69.02 22.14 3.92
CA HIS D 306 -68.84 22.69 5.26
C HIS D 306 -67.48 23.36 5.35
N TYR D 307 -67.47 24.69 5.50
CA TYR D 307 -66.24 25.43 5.65
C TYR D 307 -66.59 26.68 6.41
N PRO D 308 -66.01 26.89 7.59
CA PRO D 308 -66.40 28.05 8.41
C PRO D 308 -66.42 29.41 7.70
N GLY D 309 -65.43 29.69 6.87
CA GLY D 309 -65.36 30.94 6.15
C GLY D 309 -66.20 30.96 4.89
N LEU D 310 -67.50 30.74 5.01
CA LEU D 310 -68.40 30.76 3.86
C LEU D 310 -69.72 31.48 4.17
N LYS D 311 -70.48 31.82 3.10
CA LYS D 311 -71.77 32.50 3.14
C LYS D 311 -72.73 31.98 4.20
N GLY D 312 -72.77 32.66 5.35
CA GLY D 312 -73.65 32.33 6.45
C GLY D 312 -73.27 31.10 7.26
N GLN D 313 -72.14 30.46 6.96
CA GLN D 313 -71.72 29.28 7.70
C GLN D 313 -71.16 29.56 9.10
N ASP D 314 -70.98 30.82 9.46
CA ASP D 314 -70.52 31.20 10.78
C ASP D 314 -71.58 32.10 11.46
N PRO D 315 -72.63 31.51 12.04
CA PRO D 315 -73.68 32.33 12.69
C PRO D 315 -73.31 32.87 14.07
N ARG D 316 -72.33 32.24 14.73
CA ARG D 316 -71.88 32.60 16.07
C ARG D 316 -70.91 33.79 16.11
N GLY D 317 -70.30 34.11 14.97
CA GLY D 317 -69.31 35.18 14.89
C GLY D 317 -67.99 34.78 15.52
N LEU D 318 -67.65 33.50 15.40
CA LEU D 318 -66.43 32.95 15.97
C LEU D 318 -65.18 33.27 15.17
N LEU D 319 -65.31 33.54 13.86
CA LEU D 319 -64.15 33.86 13.05
C LEU D 319 -63.72 35.29 13.31
N GLY D 320 -62.44 35.46 13.64
CA GLY D 320 -61.85 36.74 13.99
C GLY D 320 -61.70 36.84 15.50
N ARG D 321 -62.77 36.47 16.21
CA ARG D 321 -62.84 36.49 17.65
C ARG D 321 -62.05 35.33 18.25
N GLN D 322 -62.16 34.15 17.62
CA GLN D 322 -61.51 32.92 18.08
C GLN D 322 -60.56 32.34 17.03
N MET D 323 -61.00 32.30 15.77
CA MET D 323 -60.19 31.76 14.69
C MET D 323 -59.55 32.84 13.81
N SER D 324 -58.46 32.52 13.13
CA SER D 324 -57.79 33.46 12.23
C SER D 324 -58.57 33.57 10.91
N GLY D 325 -59.04 32.44 10.41
CA GLY D 325 -59.83 32.38 9.19
C GLY D 325 -60.64 31.12 9.13
N GLY D 326 -60.86 30.60 7.94
CA GLY D 326 -61.66 29.40 7.75
C GLY D 326 -60.95 28.09 7.98
N GLY D 327 -59.63 28.13 8.14
CA GLY D 327 -58.84 26.93 8.34
C GLY D 327 -58.50 26.22 7.04
N ALA D 328 -57.85 25.07 7.13
CA ALA D 328 -57.45 24.31 5.94
C ALA D 328 -58.20 23.00 5.78
N MET D 329 -59.37 22.88 6.38
CA MET D 329 -60.16 21.66 6.31
C MET D 329 -61.48 21.94 5.62
N ILE D 330 -61.91 21.04 4.73
CA ILE D 330 -63.18 21.19 4.02
C ILE D 330 -63.92 19.86 4.05
N ALA D 331 -65.15 19.83 4.59
CA ALA D 331 -65.96 18.62 4.60
C ALA D 331 -67.05 18.75 3.53
N MET D 332 -67.42 17.66 2.85
CA MET D 332 -68.40 17.73 1.76
C MET D 332 -69.24 16.47 1.64
N GLU D 333 -70.56 16.65 1.49
CA GLU D 333 -71.46 15.52 1.35
C GLU D 333 -71.99 15.40 -0.07
N LEU D 334 -71.70 14.26 -0.71
CA LEU D 334 -72.12 13.99 -2.08
C LEU D 334 -73.58 13.62 -2.18
N ALA D 335 -74.25 14.15 -3.18
CA ALA D 335 -75.67 13.90 -3.41
C ALA D 335 -75.97 12.46 -3.81
N GLY D 336 -74.97 11.74 -4.32
CA GLY D 336 -75.15 10.35 -4.72
C GLY D 336 -75.11 9.33 -3.59
N GLY D 337 -74.85 9.78 -2.37
CA GLY D 337 -74.78 8.90 -1.22
C GLY D 337 -73.43 8.22 -1.16
N PHE D 338 -73.38 6.96 -0.70
CA PHE D 338 -72.13 6.21 -0.63
C PHE D 338 -71.63 5.78 -2.01
N ASP D 339 -72.55 5.56 -2.97
CA ASP D 339 -72.25 5.12 -4.34
C ASP D 339 -71.36 6.14 -5.09
N ALA D 340 -71.72 7.43 -5.04
CA ALA D 340 -70.94 8.48 -5.69
C ALA D 340 -69.74 8.90 -4.87
N ALA D 341 -69.77 8.70 -3.54
CA ALA D 341 -68.68 9.08 -2.66
C ALA D 341 -67.44 8.21 -2.86
N ARG D 342 -67.60 6.88 -2.97
CA ARG D 342 -66.46 6.00 -3.22
C ARG D 342 -65.96 6.12 -4.67
N SER D 343 -66.87 6.43 -5.61
CA SER D 343 -66.57 6.65 -7.03
C SER D 343 -65.71 7.93 -7.19
N PHE D 344 -65.96 8.95 -6.35
CA PHE D 344 -65.20 10.20 -6.36
C PHE D 344 -63.77 9.99 -5.87
N VAL D 345 -63.59 9.10 -4.87
CA VAL D 345 -62.29 8.77 -4.32
C VAL D 345 -61.45 7.97 -5.31
N GLU D 346 -62.04 6.93 -5.93
CA GLU D 346 -61.33 6.07 -6.89
C GLU D 346 -60.99 6.80 -8.21
N HIS D 347 -61.73 7.87 -8.53
CA HIS D 347 -61.43 8.65 -9.74
C HIS D 347 -60.33 9.69 -9.53
N CYS D 348 -60.06 10.08 -8.28
CA CYS D 348 -59.03 11.05 -7.97
C CYS D 348 -57.62 10.49 -8.12
N ASN D 349 -56.77 11.22 -8.84
CA ASN D 349 -55.40 10.82 -9.13
C ASN D 349 -54.40 11.68 -8.37
N LEU D 350 -54.61 13.00 -8.38
CA LEU D 350 -53.75 13.98 -7.71
C LEU D 350 -54.01 13.98 -6.21
N VAL D 351 -55.27 14.17 -5.80
CA VAL D 351 -55.62 14.15 -4.38
C VAL D 351 -55.57 12.67 -3.92
N VAL D 352 -54.90 12.40 -2.80
CA VAL D 352 -54.68 11.02 -2.34
C VAL D 352 -55.74 10.53 -1.35
N HIS D 353 -56.04 9.21 -1.30
CA HIS D 353 -56.95 8.67 -0.29
C HIS D 353 -56.07 8.14 0.85
N ALA D 354 -56.27 8.66 2.08
CA ALA D 354 -55.45 8.25 3.24
C ALA D 354 -56.23 8.29 4.58
N VAL D 355 -55.74 7.57 5.61
CA VAL D 355 -56.38 7.53 6.93
C VAL D 355 -55.99 8.78 7.73
N SER D 356 -54.69 9.11 7.75
CA SER D 356 -54.21 10.32 8.41
C SER D 356 -54.34 11.47 7.43
N LEU D 357 -54.79 12.63 7.90
CA LEU D 357 -54.94 13.78 7.01
C LEU D 357 -54.43 15.08 7.68
N GLY D 358 -53.62 15.83 6.94
CA GLY D 358 -53.03 17.07 7.41
C GLY D 358 -51.53 17.14 7.18
N GLY D 359 -51.16 17.87 6.15
CA GLY D 359 -49.74 18.04 5.83
C GLY D 359 -49.52 19.00 4.67
N ALA D 360 -48.44 18.77 3.94
CA ALA D 360 -48.11 19.59 2.79
C ALA D 360 -48.87 19.17 1.52
N ASP D 361 -49.61 18.05 1.55
CA ASP D 361 -50.36 17.58 0.39
C ASP D 361 -51.86 17.52 0.66
N THR D 362 -52.66 17.57 -0.41
CA THR D 362 -54.12 17.51 -0.30
C THR D 362 -54.55 16.05 -0.25
N LEU D 363 -55.40 15.71 0.72
CA LEU D 363 -55.87 14.35 0.92
C LEU D 363 -57.39 14.31 1.04
N ILE D 364 -57.99 13.13 0.79
CA ILE D 364 -59.42 12.87 0.92
C ILE D 364 -59.64 11.57 1.69
N GLN D 365 -60.65 11.56 2.55
CA GLN D 365 -60.95 10.38 3.35
C GLN D 365 -62.43 10.12 3.35
N HIS D 366 -62.81 8.86 3.23
CA HIS D 366 -64.19 8.45 3.26
C HIS D 366 -64.39 7.63 4.52
N PRO D 367 -64.89 8.25 5.59
CA PRO D 367 -65.06 7.51 6.85
C PRO D 367 -66.05 6.36 6.78
N ALA D 368 -67.00 6.43 5.84
CA ALA D 368 -67.96 5.37 5.64
C ALA D 368 -67.26 4.17 4.96
N SER D 369 -66.34 4.44 4.02
CA SER D 369 -65.58 3.40 3.33
C SER D 369 -64.48 2.81 4.24
N LEU D 370 -63.91 3.65 5.16
CA LEU D 370 -62.85 3.28 6.10
C LEU D 370 -63.28 2.29 7.22
N THR D 371 -64.50 2.47 7.76
CA THR D 371 -65.00 1.59 8.82
C THR D 371 -66.49 1.29 8.67
N PRO D 381 -70.11 8.65 11.59
CA PRO D 381 -70.01 9.40 10.32
C PRO D 381 -71.21 9.16 9.39
N GLY D 382 -71.33 9.97 8.34
CA GLY D 382 -72.42 9.83 7.37
C GLY D 382 -72.06 8.93 6.22
N ASP D 383 -73.07 8.40 5.52
CA ASP D 383 -72.82 7.50 4.40
C ASP D 383 -72.12 8.15 3.19
N GLY D 384 -72.58 9.33 2.80
CA GLY D 384 -72.02 10.01 1.63
C GLY D 384 -71.22 11.23 1.97
N LEU D 385 -70.30 11.10 2.95
CA LEU D 385 -69.47 12.23 3.36
C LEU D 385 -67.98 12.00 3.14
N ILE D 386 -67.32 12.97 2.45
CA ILE D 386 -65.87 12.98 2.17
C ILE D 386 -65.19 14.14 2.97
N ARG D 387 -64.07 13.83 3.63
CA ARG D 387 -63.33 14.82 4.40
C ARG D 387 -62.07 15.17 3.61
N LEU D 388 -61.84 16.47 3.34
CA LEU D 388 -60.70 16.92 2.54
C LEU D 388 -59.73 17.85 3.28
N SER D 389 -58.45 17.44 3.41
CA SER D 389 -57.42 18.24 4.08
C SER D 389 -56.67 19.04 3.02
N VAL D 390 -56.95 20.36 2.89
CA VAL D 390 -56.30 21.22 1.91
C VAL D 390 -54.80 21.30 2.12
N GLY D 391 -54.06 21.16 1.03
CA GLY D 391 -52.61 21.17 1.06
C GLY D 391 -52.02 22.44 0.52
N LEU D 392 -50.73 22.40 0.18
CA LEU D 392 -50.04 23.58 -0.34
C LEU D 392 -50.17 23.76 -1.84
N GLU D 393 -50.79 22.80 -2.55
CA GLU D 393 -50.94 22.87 -4.00
C GLU D 393 -51.67 24.10 -4.50
N HIS D 394 -51.46 24.45 -5.78
CA HIS D 394 -52.11 25.61 -6.36
C HIS D 394 -53.60 25.37 -6.52
N VAL D 395 -54.42 26.30 -6.01
CA VAL D 395 -55.88 26.26 -6.03
C VAL D 395 -56.46 25.82 -7.38
N ASP D 396 -55.94 26.36 -8.48
CA ASP D 396 -56.44 26.02 -9.80
C ASP D 396 -56.21 24.56 -10.16
N ASP D 397 -54.97 24.07 -10.09
CA ASP D 397 -54.70 22.66 -10.39
C ASP D 397 -55.35 21.70 -9.38
N LEU D 398 -55.65 22.18 -8.17
CA LEU D 398 -56.33 21.41 -7.13
C LEU D 398 -57.81 21.25 -7.49
N ALA D 399 -58.43 22.34 -7.98
CA ALA D 399 -59.83 22.33 -8.39
C ALA D 399 -60.01 21.45 -9.61
N ASP D 400 -59.05 21.48 -10.54
CA ASP D 400 -59.08 20.69 -11.77
C ASP D 400 -59.19 19.19 -11.51
N ASP D 401 -58.50 18.67 -10.50
CA ASP D 401 -58.56 17.25 -10.19
C ASP D 401 -59.88 16.87 -9.50
N LEU D 402 -60.33 17.72 -8.56
CA LEU D 402 -61.55 17.44 -7.82
C LEU D 402 -62.81 17.54 -8.69
N ILE D 403 -62.89 18.58 -9.54
CA ILE D 403 -64.03 18.79 -10.40
C ILE D 403 -64.15 17.67 -11.42
N ALA D 404 -63.03 17.23 -12.01
CA ALA D 404 -63.07 16.13 -12.98
C ALA D 404 -63.47 14.80 -12.34
N ALA D 405 -63.09 14.56 -11.07
CA ALA D 405 -63.48 13.33 -10.37
C ALA D 405 -64.97 13.35 -9.99
N LEU D 406 -65.53 14.55 -9.75
CA LEU D 406 -66.96 14.72 -9.45
C LEU D 406 -67.81 14.48 -10.71
N ASP D 407 -67.28 14.82 -11.90
CA ASP D 407 -67.96 14.63 -13.19
C ASP D 407 -68.24 13.13 -13.46
N ALA D 408 -67.39 12.24 -12.91
CA ALA D 408 -67.56 10.79 -13.09
C ALA D 408 -68.31 10.13 -11.92
N SER D 409 -69.26 10.86 -11.32
CA SER D 409 -70.10 10.39 -10.21
C SER D 409 -69.28 9.92 -9.02
N TRP E 87 49.24 -11.05 -10.51
CA TRP E 87 49.47 -10.98 -11.95
C TRP E 87 48.12 -10.98 -12.70
N GLN E 88 47.21 -10.05 -12.32
CA GLN E 88 45.86 -9.87 -12.87
C GLN E 88 45.76 -8.60 -13.74
N PRO E 89 44.96 -8.63 -14.82
CA PRO E 89 44.86 -7.44 -15.68
C PRO E 89 44.05 -6.28 -15.09
N GLY E 90 42.93 -6.59 -14.44
CA GLY E 90 42.07 -5.59 -13.84
C GLY E 90 42.72 -4.83 -12.70
N VAL E 91 43.66 -5.49 -12.00
CA VAL E 91 44.37 -4.89 -10.91
C VAL E 91 45.41 -3.91 -11.44
N ALA E 92 46.13 -4.30 -12.49
CA ALA E 92 47.15 -3.46 -13.10
C ALA E 92 46.57 -2.15 -13.64
N ARG E 93 45.41 -2.21 -14.32
CA ARG E 93 44.80 -1.01 -14.89
C ARG E 93 44.32 -0.04 -13.80
N PHE E 94 43.88 -0.56 -12.65
CA PHE E 94 43.46 0.29 -11.55
C PHE E 94 44.69 0.90 -10.88
N GLU E 95 45.77 0.09 -10.70
CA GLU E 95 47.00 0.54 -10.09
C GLU E 95 47.59 1.75 -10.82
N THR E 96 47.76 1.66 -12.15
CA THR E 96 48.33 2.76 -12.93
C THR E 96 47.40 3.97 -13.01
N ALA E 97 46.08 3.75 -12.91
CA ALA E 97 45.14 4.87 -12.95
C ALA E 97 45.28 5.71 -11.70
N LEU E 98 45.42 5.08 -10.52
CA LEU E 98 45.57 5.80 -9.27
C LEU E 98 46.96 6.43 -9.15
N ALA E 99 48.00 5.73 -9.64
CA ALA E 99 49.36 6.26 -9.60
C ALA E 99 49.45 7.58 -10.38
N GLY E 100 48.73 7.65 -11.51
CA GLY E 100 48.68 8.85 -12.33
C GLY E 100 47.91 9.98 -11.66
N LEU E 101 46.82 9.63 -10.96
CA LEU E 101 46.00 10.59 -10.23
C LEU E 101 46.79 11.22 -9.10
N GLU E 102 47.56 10.40 -8.37
CA GLU E 102 48.39 10.86 -7.24
C GLU E 102 49.76 11.41 -7.66
N HIS E 103 50.14 11.24 -8.95
CA HIS E 103 51.40 11.66 -9.56
C HIS E 103 52.59 10.89 -9.00
N ALA E 104 52.36 9.63 -8.56
CA ALA E 104 53.36 8.72 -8.03
C ALA E 104 53.93 7.85 -9.15
N GLU E 105 55.14 7.31 -8.96
CA GLU E 105 55.79 6.46 -9.97
C GLU E 105 54.91 5.25 -10.30
N GLU E 106 54.47 4.54 -9.28
CA GLU E 106 53.61 3.38 -9.43
C GLU E 106 52.75 3.17 -8.17
N ALA E 107 51.77 2.26 -8.23
CA ALA E 107 50.91 1.99 -7.07
C ALA E 107 50.75 0.48 -6.86
N VAL E 108 50.51 0.06 -5.61
CA VAL E 108 50.33 -1.36 -5.31
C VAL E 108 48.97 -1.56 -4.66
N ALA E 109 48.13 -2.41 -5.25
CA ALA E 109 46.78 -2.63 -4.74
C ALA E 109 46.60 -3.92 -3.92
N PHE E 110 45.88 -3.77 -2.80
CA PHE E 110 45.60 -4.82 -1.84
C PHE E 110 44.09 -5.05 -1.65
N ALA E 111 43.72 -6.17 -1.03
CA ALA E 111 42.33 -6.56 -0.81
C ALA E 111 41.52 -5.45 -0.12
N THR E 112 42.02 -4.90 1.00
CA THR E 112 41.34 -3.84 1.75
C THR E 112 42.36 -2.75 2.15
N GLY E 113 41.90 -1.63 2.73
CA GLY E 113 42.78 -0.58 3.21
C GLY E 113 43.70 -1.08 4.31
N MET E 114 43.19 -1.99 5.14
CA MET E 114 43.95 -2.61 6.22
C MET E 114 45.10 -3.44 5.70
N ALA E 115 44.87 -4.16 4.59
CA ALA E 115 45.92 -4.96 3.97
C ALA E 115 47.04 -4.10 3.40
N ALA E 116 46.71 -2.89 2.92
CA ALA E 116 47.72 -2.00 2.38
C ALA E 116 48.60 -1.46 3.50
N MET E 117 47.98 -1.09 4.64
CA MET E 117 48.71 -0.60 5.81
C MET E 117 49.58 -1.70 6.40
N THR E 118 49.04 -2.94 6.45
CA THR E 118 49.74 -4.11 6.94
C THR E 118 50.99 -4.35 6.11
N ALA E 119 50.86 -4.29 4.78
CA ALA E 119 52.00 -4.50 3.87
C ALA E 119 53.04 -3.42 4.00
N ALA E 120 52.61 -2.17 4.18
CA ALA E 120 53.55 -1.05 4.35
C ALA E 120 54.32 -1.21 5.65
N LEU E 121 53.65 -1.64 6.72
CA LEU E 121 54.26 -1.85 8.01
C LEU E 121 55.21 -3.03 7.95
N LEU E 122 54.81 -4.13 7.29
CA LEU E 122 55.65 -5.31 7.14
C LEU E 122 56.87 -5.04 6.26
N ALA E 123 56.74 -4.14 5.27
CA ALA E 123 57.86 -3.77 4.40
C ALA E 123 58.93 -3.01 5.19
N ALA E 124 58.50 -2.20 6.17
CA ALA E 124 59.41 -1.45 7.01
C ALA E 124 60.08 -2.41 7.99
N VAL E 125 59.31 -3.33 8.60
CA VAL E 125 59.84 -4.31 9.55
C VAL E 125 60.90 -5.19 8.87
N SER E 126 60.59 -5.73 7.66
CA SER E 126 61.51 -6.57 6.89
C SER E 126 62.80 -5.85 6.52
N ALA E 127 62.72 -4.54 6.31
CA ALA E 127 63.89 -3.73 5.99
C ALA E 127 64.79 -3.43 7.22
N GLY E 128 64.56 -4.11 8.34
CA GLY E 128 65.34 -3.89 9.56
C GLY E 128 65.05 -2.56 10.22
N THR E 129 63.85 -2.02 10.01
CA THR E 129 63.47 -0.73 10.55
C THR E 129 62.01 -0.79 11.03
N PRO E 130 61.77 -1.39 12.21
CA PRO E 130 60.39 -1.58 12.68
C PRO E 130 59.75 -0.47 13.49
N HIS E 131 60.43 0.67 13.66
CA HIS E 131 59.88 1.77 14.43
C HIS E 131 59.04 2.68 13.56
N ILE E 132 57.90 3.13 14.07
CA ILE E 132 56.98 3.99 13.35
C ILE E 132 56.60 5.20 14.20
N VAL E 133 56.77 6.41 13.66
CA VAL E 133 56.36 7.62 14.37
C VAL E 133 55.00 8.00 13.80
N ALA E 134 53.92 7.79 14.55
CA ALA E 134 52.57 8.10 14.09
C ALA E 134 51.99 9.33 14.78
N VAL E 135 51.16 10.10 14.07
CA VAL E 135 50.57 11.32 14.59
C VAL E 135 49.29 11.07 15.40
N ARG E 136 48.92 12.04 16.24
CA ARG E 136 47.68 11.97 17.02
C ARG E 136 46.79 13.09 16.50
N PRO E 137 45.54 12.81 16.06
CA PRO E 137 44.86 11.51 16.03
C PRO E 137 45.11 10.66 14.77
N LEU E 138 44.48 9.48 14.68
CA LEU E 138 44.59 8.55 13.56
C LEU E 138 43.29 7.74 13.38
N TYR E 139 43.11 7.11 12.20
CA TYR E 139 41.94 6.28 11.87
C TYR E 139 41.79 5.12 12.88
N GLY E 140 40.55 4.83 13.27
CA GLY E 140 40.20 3.79 14.23
C GLY E 140 40.83 2.42 14.07
N GLY E 141 40.79 1.85 12.88
CA GLY E 141 41.35 0.54 12.60
C GLY E 141 42.87 0.52 12.41
N SER E 142 43.41 1.62 11.88
CA SER E 142 44.84 1.78 11.62
C SER E 142 45.65 1.90 12.91
N ASP E 143 45.09 2.59 13.93
CA ASP E 143 45.79 2.75 15.21
C ASP E 143 45.85 1.44 15.98
N HIS E 144 44.88 0.53 15.79
CA HIS E 144 44.87 -0.78 16.45
C HIS E 144 46.05 -1.64 15.99
N LEU E 145 46.42 -1.53 14.72
CA LEU E 145 47.52 -2.27 14.13
C LEU E 145 48.85 -1.87 14.77
N LEU E 146 49.03 -0.57 15.03
CA LEU E 146 50.25 -0.05 15.65
C LEU E 146 50.25 -0.30 17.15
N GLU E 147 49.10 -0.07 17.81
CA GLU E 147 48.91 -0.22 19.25
C GLU E 147 49.20 -1.65 19.69
N THR E 148 48.68 -2.64 18.96
CA THR E 148 48.91 -4.05 19.27
C THR E 148 50.33 -4.48 18.91
N GLY E 149 50.83 -3.96 17.79
CA GLY E 149 52.16 -4.28 17.30
C GLY E 149 52.22 -5.73 16.87
N LEU E 150 51.20 -6.18 16.15
CA LEU E 150 51.08 -7.56 15.68
C LEU E 150 52.18 -7.88 14.67
N LEU E 151 52.48 -6.93 13.78
CA LEU E 151 53.48 -7.13 12.74
C LEU E 151 54.94 -6.94 13.20
N GLY E 152 55.16 -6.78 14.49
CA GLY E 152 56.49 -6.56 15.05
C GLY E 152 56.92 -5.11 14.97
N THR E 153 55.96 -4.19 15.08
CA THR E 153 56.22 -2.77 15.00
C THR E 153 56.21 -2.11 16.36
N THR E 154 57.00 -1.06 16.51
CA THR E 154 57.05 -0.28 17.73
C THR E 154 56.60 1.13 17.36
N VAL E 155 55.52 1.62 17.96
CA VAL E 155 55.00 2.95 17.63
C VAL E 155 55.23 3.95 18.74
N THR E 156 55.59 5.18 18.37
CA THR E 156 55.76 6.27 19.33
C THR E 156 54.87 7.40 18.86
N TRP E 157 53.71 7.55 19.49
CA TRP E 157 52.74 8.56 19.12
C TRP E 157 53.25 9.95 19.43
N ALA E 158 53.29 10.84 18.44
CA ALA E 158 53.77 12.20 18.62
C ALA E 158 52.89 13.24 17.94
N LYS E 159 52.93 14.49 18.43
CA LYS E 159 52.16 15.59 17.85
C LYS E 159 52.83 16.05 16.55
N GLU E 160 52.08 16.74 15.67
CA GLU E 160 52.64 17.21 14.40
C GLU E 160 53.82 18.14 14.59
N ALA E 161 53.74 19.00 15.60
CA ALA E 161 54.81 19.95 15.89
C ALA E 161 56.15 19.32 16.29
N ASP E 162 56.15 18.10 16.85
CA ASP E 162 57.39 17.47 17.27
C ASP E 162 57.55 16.03 16.77
N ILE E 163 57.59 15.87 15.44
CA ILE E 163 57.76 14.56 14.84
C ILE E 163 59.24 14.18 14.83
N ALA E 164 60.09 15.14 14.43
CA ALA E 164 61.54 14.98 14.34
C ALA E 164 62.18 14.44 15.61
N SER E 165 61.69 14.86 16.78
CA SER E 165 62.21 14.42 18.08
C SER E 165 61.92 12.95 18.33
N ALA E 166 60.73 12.49 17.93
CA ALA E 166 60.33 11.09 18.11
C ALA E 166 61.03 10.12 17.16
N ILE E 167 61.66 10.62 16.10
CA ILE E 167 62.34 9.75 15.13
C ILE E 167 63.58 9.11 15.73
N GLN E 168 63.55 7.78 15.85
CA GLN E 168 64.67 6.97 16.33
C GLN E 168 65.54 6.50 15.16
N ASP E 169 66.68 5.83 15.45
CA ASP E 169 67.56 5.32 14.40
C ASP E 169 66.87 4.24 13.54
N ASP E 170 65.97 3.46 14.15
CA ASP E 170 65.25 2.40 13.47
C ASP E 170 63.86 2.82 12.96
N THR E 171 63.60 4.13 12.78
CA THR E 171 62.30 4.60 12.28
C THR E 171 62.25 4.47 10.77
N GLY E 172 61.24 3.75 10.26
CA GLY E 172 61.11 3.51 8.83
C GLY E 172 59.96 4.22 8.15
N LEU E 173 58.99 4.71 8.94
CA LEU E 173 57.83 5.40 8.39
C LEU E 173 57.29 6.47 9.34
N VAL E 174 56.63 7.47 8.78
CA VAL E 174 55.96 8.54 9.53
C VAL E 174 54.52 8.51 9.04
N ILE E 175 53.61 7.89 9.81
CA ILE E 175 52.20 7.78 9.40
C ILE E 175 51.44 9.04 9.79
N VAL E 176 50.71 9.64 8.84
CA VAL E 176 49.97 10.87 9.12
C VAL E 176 48.69 10.97 8.28
N GLU E 177 47.57 11.35 8.92
CA GLU E 177 46.31 11.49 8.21
C GLU E 177 45.87 12.96 8.19
N THR E 178 45.44 13.46 7.02
CA THR E 178 44.98 14.85 6.90
C THR E 178 43.77 15.00 5.96
N PRO E 179 42.69 15.66 6.44
CA PRO E 179 42.49 16.21 7.78
C PRO E 179 42.43 15.12 8.85
N ALA E 180 43.05 15.38 10.01
CA ALA E 180 43.16 14.43 11.13
C ALA E 180 41.83 13.94 11.70
N ASN E 181 41.30 12.83 11.14
CA ASN E 181 40.04 12.20 11.52
C ASN E 181 40.09 11.76 12.99
N PRO E 182 39.08 12.07 13.82
CA PRO E 182 37.78 12.70 13.50
C PRO E 182 37.67 14.22 13.67
N SER E 183 38.63 14.86 14.37
CA SER E 183 38.65 16.31 14.64
C SER E 183 38.76 17.20 13.38
N LEU E 184 39.31 16.62 12.30
CA LEU E 184 39.53 17.20 10.97
C LEU E 184 40.51 18.38 10.98
N ASP E 185 41.57 18.29 11.80
CA ASP E 185 42.61 19.31 11.91
C ASP E 185 43.56 19.19 10.74
N LEU E 186 43.90 20.32 10.09
CA LEU E 186 44.80 20.29 8.94
C LEU E 186 46.26 20.12 9.33
N VAL E 187 46.97 19.24 8.60
CA VAL E 187 48.37 18.95 8.85
C VAL E 187 49.22 19.47 7.69
N ASP E 188 50.24 20.31 7.96
CA ASP E 188 51.09 20.83 6.90
C ASP E 188 52.06 19.75 6.44
N LEU E 189 51.76 19.12 5.30
CA LEU E 189 52.57 18.05 4.73
C LEU E 189 53.99 18.48 4.42
N ASP E 190 54.17 19.72 3.95
CA ASP E 190 55.50 20.24 3.64
C ASP E 190 56.37 20.29 4.92
N SER E 191 55.76 20.66 6.06
CA SER E 191 56.44 20.74 7.35
C SER E 191 56.74 19.36 7.90
N VAL E 192 55.84 18.40 7.69
CA VAL E 192 56.01 17.04 8.16
C VAL E 192 57.18 16.39 7.42
N VAL E 193 57.21 16.53 6.09
CA VAL E 193 58.29 15.95 5.28
C VAL E 193 59.67 16.50 5.66
N SER E 194 59.76 17.82 5.95
CA SER E 194 61.01 18.44 6.36
C SER E 194 61.45 17.92 7.74
N ALA E 195 60.48 17.64 8.64
CA ALA E 195 60.76 17.10 9.97
C ALA E 195 61.22 15.65 9.90
N ALA E 196 60.64 14.86 8.98
CA ALA E 196 61.03 13.47 8.81
C ALA E 196 62.42 13.34 8.21
N GLY E 197 62.74 14.22 7.26
CA GLY E 197 64.02 14.22 6.59
C GLY E 197 64.21 13.00 5.71
N ASN E 198 65.12 12.11 6.10
CA ASN E 198 65.40 10.87 5.36
C ASN E 198 64.39 9.74 5.62
N VAL E 199 63.41 9.95 6.51
CA VAL E 199 62.41 8.94 6.81
C VAL E 199 61.20 9.07 5.88
N PRO E 200 60.79 7.98 5.22
CA PRO E 200 59.63 8.05 4.30
C PRO E 200 58.34 8.42 5.03
N VAL E 201 57.49 9.25 4.40
CA VAL E 201 56.24 9.70 5.00
C VAL E 201 55.02 9.06 4.30
N LEU E 202 54.14 8.40 5.08
CA LEU E 202 52.94 7.78 4.54
C LEU E 202 51.73 8.63 4.89
N VAL E 203 51.01 9.13 3.88
CA VAL E 203 49.86 9.98 4.12
C VAL E 203 48.55 9.29 3.75
N ASP E 204 47.60 9.22 4.71
CA ASP E 204 46.29 8.64 4.42
C ASP E 204 45.42 9.69 3.74
N ASN E 205 45.37 9.62 2.42
CA ASN E 205 44.61 10.53 1.58
C ASN E 205 43.21 9.96 1.26
N THR E 206 42.64 9.12 2.15
CA THR E 206 41.36 8.48 1.90
C THR E 206 40.21 9.47 1.68
N PHE E 207 39.96 10.39 2.63
CA PHE E 207 38.85 11.34 2.52
C PHE E 207 39.12 12.54 1.62
N CYS E 208 40.38 12.82 1.33
CA CYS E 208 40.75 13.93 0.46
C CYS E 208 40.67 13.53 -0.99
N THR E 209 41.18 12.32 -1.32
CA THR E 209 41.27 11.77 -2.68
C THR E 209 42.25 12.60 -3.54
N PRO E 210 42.86 12.02 -4.59
CA PRO E 210 43.77 12.81 -5.43
C PRO E 210 43.13 14.08 -6.02
N VAL E 211 41.79 14.15 -6.05
CA VAL E 211 41.02 15.27 -6.55
C VAL E 211 41.25 16.51 -5.68
N LEU E 212 41.27 16.33 -4.34
CA LEU E 212 41.43 17.45 -3.43
C LEU E 212 42.77 17.53 -2.72
N GLN E 213 43.70 16.59 -2.95
CA GLN E 213 45.01 16.65 -2.30
C GLN E 213 46.04 15.76 -2.98
N GLN E 214 47.27 16.28 -3.19
CA GLN E 214 48.35 15.54 -3.82
C GLN E 214 49.50 15.47 -2.84
N PRO E 215 49.50 14.48 -1.93
CA PRO E 215 50.60 14.41 -0.93
C PRO E 215 51.97 14.16 -1.53
N ILE E 216 52.03 13.43 -2.65
CA ILE E 216 53.27 13.13 -3.38
C ILE E 216 54.03 14.42 -3.72
N SER E 217 53.29 15.45 -4.19
CA SER E 217 53.83 16.76 -4.55
C SER E 217 54.46 17.50 -3.36
N HIS E 218 53.95 17.25 -2.15
CA HIS E 218 54.50 17.85 -0.93
C HIS E 218 55.74 17.13 -0.38
N GLY E 219 56.05 15.95 -0.91
CA GLY E 219 57.21 15.18 -0.48
C GLY E 219 56.89 13.86 0.18
N ALA E 220 55.61 13.47 0.23
CA ALA E 220 55.23 12.20 0.85
C ALA E 220 55.74 11.07 -0.02
N ALA E 221 56.42 10.10 0.61
CA ALA E 221 56.97 8.96 -0.11
C ALA E 221 55.85 7.99 -0.50
N LEU E 222 54.90 7.77 0.41
CA LEU E 222 53.80 6.85 0.19
C LEU E 222 52.46 7.54 0.45
N VAL E 223 51.42 7.17 -0.32
CA VAL E 223 50.09 7.72 -0.13
C VAL E 223 49.11 6.57 -0.03
N LEU E 224 48.56 6.34 1.17
CA LEU E 224 47.64 5.23 1.39
C LEU E 224 46.20 5.62 1.13
N HIS E 225 45.40 4.66 0.66
CA HIS E 225 44.00 4.87 0.38
C HIS E 225 43.16 3.69 0.81
N SER E 226 41.91 3.95 1.20
CA SER E 226 40.94 2.89 1.45
C SER E 226 39.90 3.13 0.37
N ALA E 227 40.12 2.49 -0.78
CA ALA E 227 39.29 2.61 -1.99
C ALA E 227 37.81 2.34 -1.77
N THR E 228 37.45 1.75 -0.61
CA THR E 228 36.05 1.47 -0.25
C THR E 228 35.30 2.82 -0.14
N LYS E 229 35.93 3.80 0.50
CA LYS E 229 35.37 5.13 0.68
C LYS E 229 35.86 6.07 -0.42
N TYR E 230 34.90 6.65 -1.19
CA TYR E 230 35.10 7.65 -2.24
C TYR E 230 35.68 7.14 -3.58
N LEU E 231 36.80 6.40 -3.57
CA LEU E 231 37.42 5.91 -4.80
C LEU E 231 36.46 5.07 -5.65
N GLY E 232 35.78 4.14 -4.99
CA GLY E 232 34.79 3.27 -5.63
C GLY E 232 33.49 3.99 -5.87
N GLY E 233 33.11 4.82 -4.91
CA GLY E 233 31.91 5.65 -4.97
C GLY E 233 30.73 5.09 -4.21
N HIS E 234 30.64 3.76 -4.16
CA HIS E 234 29.52 3.11 -3.48
C HIS E 234 29.96 2.15 -2.37
N GLY E 235 31.23 1.75 -2.36
CA GLY E 235 31.77 0.85 -1.35
C GLY E 235 31.35 -0.60 -1.51
N ASP E 236 30.72 -0.94 -2.65
CA ASP E 236 30.28 -2.31 -2.95
C ASP E 236 31.51 -3.23 -3.14
N ALA E 237 32.57 -2.68 -3.76
CA ALA E 237 33.83 -3.38 -3.95
C ALA E 237 34.83 -2.76 -3.00
N MET E 238 35.41 -3.59 -2.14
CA MET E 238 36.41 -3.17 -1.15
C MET E 238 37.75 -2.97 -1.84
N GLY E 239 38.60 -2.16 -1.24
CA GLY E 239 39.91 -1.91 -1.79
C GLY E 239 40.84 -1.18 -0.85
N GLY E 240 42.12 -1.18 -1.24
CA GLY E 240 43.20 -0.54 -0.52
C GLY E 240 44.37 -0.41 -1.47
N ILE E 241 44.94 0.80 -1.61
CA ILE E 241 46.04 1.00 -2.55
C ILE E 241 47.05 2.04 -2.03
N ILE E 242 48.35 1.85 -2.33
CA ILE E 242 49.38 2.80 -1.95
C ILE E 242 50.08 3.31 -3.19
N ALA E 243 50.01 4.62 -3.47
CA ALA E 243 50.71 5.22 -4.61
C ALA E 243 52.04 5.69 -4.08
N THR E 244 53.14 5.12 -4.58
CA THR E 244 54.48 5.42 -4.10
C THR E 244 55.57 5.29 -5.21
N ASN E 245 56.83 5.66 -4.88
CA ASN E 245 57.98 5.55 -5.76
C ASN E 245 58.31 4.07 -6.04
N ALA E 246 59.11 3.80 -7.08
CA ALA E 246 59.50 2.46 -7.50
C ALA E 246 60.10 1.58 -6.39
N ASP E 247 60.99 2.10 -5.53
CA ASP E 247 61.61 1.29 -4.45
C ASP E 247 60.58 0.79 -3.44
N TRP E 248 59.76 1.70 -2.92
CA TRP E 248 58.73 1.32 -1.97
C TRP E 248 57.65 0.47 -2.62
N ALA E 249 57.37 0.68 -3.92
CA ALA E 249 56.38 -0.13 -4.62
C ALA E 249 56.90 -1.54 -4.82
N MET E 250 58.19 -1.70 -5.14
CA MET E 250 58.77 -3.03 -5.28
C MET E 250 58.76 -3.75 -3.92
N ARG E 251 59.07 -3.02 -2.85
CA ARG E 251 59.08 -3.54 -1.48
C ARG E 251 57.68 -4.03 -1.08
N LEU E 252 56.63 -3.28 -1.45
CA LEU E 252 55.24 -3.60 -1.17
C LEU E 252 54.77 -4.81 -1.97
N ARG E 253 55.19 -4.89 -3.24
CA ARG E 253 54.85 -6.02 -4.09
C ARG E 253 55.45 -7.31 -3.55
N GLN E 254 56.68 -7.24 -2.99
CA GLN E 254 57.36 -8.40 -2.42
C GLN E 254 56.60 -8.92 -1.20
N VAL E 255 56.05 -8.00 -0.38
CA VAL E 255 55.27 -8.36 0.81
C VAL E 255 53.99 -9.01 0.32
N ARG E 256 53.28 -8.36 -0.63
CA ARG E 256 52.05 -8.86 -1.23
C ARG E 256 52.22 -10.27 -1.79
N ALA E 257 53.37 -10.55 -2.37
CA ALA E 257 53.68 -11.86 -2.95
C ALA E 257 53.56 -13.02 -1.96
N ILE E 258 54.11 -12.88 -0.74
CA ILE E 258 54.03 -13.97 0.24
C ILE E 258 52.93 -13.73 1.29
N THR E 259 52.51 -12.48 1.51
CA THR E 259 51.42 -12.17 2.44
C THR E 259 50.05 -12.53 1.80
N GLY E 260 49.95 -12.49 0.46
CA GLY E 260 48.77 -12.86 -0.29
C GLY E 260 47.50 -12.05 -0.10
N ALA E 261 47.60 -10.76 0.26
CA ALA E 261 46.41 -9.93 0.45
C ALA E 261 46.00 -9.25 -0.88
N LEU E 262 45.72 -10.06 -1.89
CA LEU E 262 45.40 -9.58 -3.23
C LEU E 262 44.00 -9.00 -3.46
N LEU E 263 43.91 -8.01 -4.38
CA LEU E 263 42.63 -7.40 -4.77
C LEU E 263 42.00 -8.32 -5.82
N HIS E 264 40.71 -8.63 -5.70
CA HIS E 264 40.04 -9.47 -6.69
C HIS E 264 39.80 -8.65 -7.95
N PRO E 265 40.01 -9.23 -9.15
CA PRO E 265 39.83 -8.46 -10.37
C PRO E 265 38.47 -7.80 -10.51
N MET E 266 37.42 -8.48 -10.06
CA MET E 266 36.06 -7.93 -10.11
C MET E 266 35.98 -6.66 -9.25
N GLY E 267 36.56 -6.72 -8.06
CA GLY E 267 36.59 -5.58 -7.16
C GLY E 267 37.44 -4.45 -7.71
N ALA E 268 38.54 -4.79 -8.36
CA ALA E 268 39.42 -3.79 -8.97
C ALA E 268 38.74 -3.11 -10.15
N TYR E 269 37.93 -3.86 -10.90
CA TYR E 269 37.17 -3.35 -12.04
C TYR E 269 36.15 -2.31 -11.57
N LEU E 270 35.42 -2.62 -10.49
CA LEU E 270 34.43 -1.69 -9.94
C LEU E 270 35.10 -0.39 -9.46
N LEU E 271 36.33 -0.50 -8.90
CA LEU E 271 37.08 0.65 -8.40
C LEU E 271 37.57 1.51 -9.56
N HIS E 272 38.12 0.88 -10.61
CA HIS E 272 38.60 1.59 -11.77
C HIS E 272 37.44 2.27 -12.54
N ARG E 273 36.25 1.64 -12.52
CA ARG E 273 35.06 2.20 -13.16
C ARG E 273 34.65 3.47 -12.40
N GLY E 274 34.61 3.38 -11.06
CA GLY E 274 34.27 4.49 -10.18
C GLY E 274 35.30 5.61 -10.17
N LEU E 275 36.53 5.29 -10.53
CA LEU E 275 37.61 6.27 -10.62
C LEU E 275 37.35 7.27 -11.73
N ARG E 276 36.68 6.86 -12.82
CA ARG E 276 36.38 7.76 -13.92
C ARG E 276 35.44 8.89 -13.50
N THR E 277 34.52 8.62 -12.58
CA THR E 277 33.59 9.64 -12.09
C THR E 277 34.05 10.33 -10.80
N LEU E 278 35.24 9.99 -10.27
CA LEU E 278 35.76 10.55 -9.02
C LEU E 278 35.86 12.07 -9.05
N ALA E 279 36.32 12.61 -10.16
CA ALA E 279 36.48 14.06 -10.30
C ALA E 279 35.16 14.82 -10.10
N VAL E 280 34.08 14.40 -10.79
CA VAL E 280 32.80 15.11 -10.68
C VAL E 280 32.08 14.82 -9.36
N ARG E 281 32.37 13.68 -8.71
CA ARG E 281 31.74 13.34 -7.46
C ARG E 281 32.33 14.11 -6.30
N MET E 282 33.67 14.17 -6.21
CA MET E 282 34.33 14.89 -5.13
C MET E 282 34.11 16.39 -5.22
N ARG E 283 34.06 16.93 -6.44
CA ARG E 283 33.82 18.36 -6.64
C ARG E 283 32.41 18.71 -6.19
N ALA E 284 31.42 17.87 -6.55
CA ALA E 284 30.04 18.13 -6.18
C ALA E 284 29.81 17.92 -4.68
N ALA E 285 30.50 16.95 -4.08
CA ALA E 285 30.37 16.69 -2.64
C ALA E 285 31.04 17.77 -1.80
N GLN E 286 32.12 18.34 -2.31
CA GLN E 286 32.83 19.40 -1.61
C GLN E 286 32.02 20.69 -1.63
N THR E 287 31.44 21.03 -2.79
CA THR E 287 30.65 22.25 -2.93
C THR E 287 29.36 22.18 -2.07
N THR E 288 28.68 21.01 -1.99
CA THR E 288 27.49 20.89 -1.15
C THR E 288 27.86 20.93 0.34
N ALA E 289 29.03 20.37 0.70
CA ALA E 289 29.53 20.37 2.08
C ALA E 289 29.86 21.78 2.56
N GLY E 290 30.42 22.60 1.67
CA GLY E 290 30.81 23.97 1.95
C GLY E 290 29.67 24.84 2.42
N GLU E 291 28.47 24.61 1.86
CA GLU E 291 27.26 25.32 2.24
C GLU E 291 26.61 24.65 3.46
N LEU E 292 26.71 23.31 3.56
CA LEU E 292 26.16 22.55 4.69
C LEU E 292 26.82 22.97 6.00
N ALA E 293 28.15 23.18 5.99
CA ALA E 293 28.92 23.58 7.16
C ALA E 293 28.58 24.99 7.64
N GLU E 294 28.17 25.87 6.71
CA GLU E 294 27.75 27.23 7.05
C GLU E 294 26.37 27.19 7.75
N ARG E 295 25.48 26.29 7.29
CA ARG E 295 24.12 26.15 7.84
C ARG E 295 24.05 25.48 9.21
N LEU E 296 25.11 24.77 9.61
CA LEU E 296 25.13 24.08 10.90
C LEU E 296 25.50 25.01 12.08
N ASP E 297 26.51 25.87 11.89
CA ASP E 297 26.97 26.79 12.94
C ASP E 297 25.90 27.80 13.35
N ALA E 298 24.98 28.14 12.44
CA ALA E 298 23.92 29.09 12.73
C ALA E 298 22.89 28.55 13.72
N HIS E 299 22.69 27.22 13.75
CA HIS E 299 21.73 26.61 14.67
C HIS E 299 22.28 26.59 16.10
N PRO E 300 21.46 27.00 17.08
CA PRO E 300 21.95 27.04 18.47
C PRO E 300 22.07 25.68 19.16
N ALA E 301 21.58 24.61 18.54
CA ALA E 301 21.65 23.27 19.14
C ALA E 301 23.09 22.76 19.24
N ILE E 302 23.94 23.13 18.27
CA ILE E 302 25.34 22.72 18.30
C ILE E 302 26.23 23.88 18.72
N SER E 303 27.28 23.58 19.48
CA SER E 303 28.19 24.61 19.97
C SER E 303 29.15 25.09 18.87
N VAL E 304 29.90 24.17 18.25
CA VAL E 304 30.84 24.54 17.20
C VAL E 304 30.89 23.45 16.10
N VAL E 305 31.18 23.88 14.86
CA VAL E 305 31.29 22.99 13.72
C VAL E 305 32.75 23.00 13.22
N HIS E 306 33.29 21.82 12.90
CA HIS E 306 34.67 21.70 12.43
C HIS E 306 34.71 21.38 10.93
N TYR E 307 35.16 22.36 10.14
CA TYR E 307 35.27 22.21 8.69
C TYR E 307 36.35 23.16 8.19
N PRO E 308 37.26 22.68 7.33
CA PRO E 308 38.37 23.55 6.88
C PRO E 308 37.99 24.79 6.07
N GLY E 309 37.08 24.63 5.10
CA GLY E 309 36.64 25.69 4.21
C GLY E 309 35.98 26.89 4.85
N LEU E 310 35.44 26.75 6.08
CA LEU E 310 34.79 27.86 6.78
C LEU E 310 35.81 28.94 7.13
N LYS E 311 35.43 30.22 7.01
CA LYS E 311 36.33 31.34 7.32
C LYS E 311 36.81 31.28 8.77
N GLY E 312 38.10 31.52 8.97
CA GLY E 312 38.71 31.46 10.28
C GLY E 312 39.11 30.06 10.71
N GLN E 313 38.57 29.03 10.03
CA GLN E 313 38.88 27.63 10.34
C GLN E 313 40.03 27.06 9.49
N ASP E 314 40.98 27.93 9.12
CA ASP E 314 42.19 27.59 8.37
C ASP E 314 43.23 28.65 8.69
N PRO E 315 43.82 28.60 9.90
CA PRO E 315 44.83 29.61 10.26
C PRO E 315 46.21 29.39 9.61
N ARG E 316 46.46 28.17 9.14
CA ARG E 316 47.73 27.79 8.53
C ARG E 316 47.86 28.20 7.04
N GLY E 317 46.74 28.48 6.38
CA GLY E 317 46.73 28.82 4.97
C GLY E 317 46.97 27.58 4.11
N LEU E 318 46.51 26.42 4.57
CA LEU E 318 46.70 25.17 3.87
C LEU E 318 45.76 24.97 2.69
N LEU E 319 44.60 25.65 2.68
CA LEU E 319 43.67 25.52 1.57
C LEU E 319 44.17 26.33 0.38
N GLY E 320 44.27 25.67 -0.76
CA GLY E 320 44.79 26.26 -1.98
C GLY E 320 46.22 25.82 -2.21
N ARG E 321 47.02 25.89 -1.15
CA ARG E 321 48.42 25.51 -1.15
C ARG E 321 48.56 23.97 -1.14
N GLN E 322 47.72 23.29 -0.36
CA GLN E 322 47.75 21.84 -0.20
C GLN E 322 46.44 21.18 -0.60
N MET E 323 45.31 21.76 -0.18
CA MET E 323 44.00 21.22 -0.49
C MET E 323 43.29 21.98 -1.60
N SER E 324 42.34 21.32 -2.29
CA SER E 324 41.56 21.96 -3.34
C SER E 324 40.49 22.87 -2.72
N GLY E 325 39.84 22.38 -1.67
CA GLY E 325 38.82 23.12 -0.94
C GLY E 325 38.67 22.60 0.47
N GLY E 326 37.48 22.74 1.04
CA GLY E 326 37.23 22.28 2.41
C GLY E 326 37.01 20.78 2.55
N GLY E 327 36.76 20.11 1.43
CA GLY E 327 36.52 18.68 1.43
C GLY E 327 35.05 18.33 1.58
N ALA E 328 34.75 17.04 1.72
CA ALA E 328 33.37 16.58 1.89
C ALA E 328 33.13 15.95 3.26
N MET E 329 33.89 16.35 4.27
CA MET E 329 33.73 15.80 5.62
C MET E 329 33.48 16.93 6.61
N ILE E 330 32.41 16.80 7.41
CA ILE E 330 32.06 17.81 8.40
C ILE E 330 31.89 17.17 9.78
N ALA E 331 32.54 17.73 10.79
CA ALA E 331 32.43 17.23 12.16
C ALA E 331 31.71 18.27 13.03
N MET E 332 31.08 17.82 14.14
CA MET E 332 30.32 18.75 15.00
C MET E 332 30.15 18.25 16.42
N GLU E 333 29.99 19.18 17.36
CA GLU E 333 29.78 18.87 18.77
C GLU E 333 28.48 19.46 19.29
N LEU E 334 27.59 18.60 19.80
CA LEU E 334 26.29 19.00 20.32
C LEU E 334 26.41 19.61 21.70
N ALA E 335 25.67 20.69 21.95
CA ALA E 335 25.69 21.33 23.25
C ALA E 335 25.05 20.48 24.36
N GLY E 336 24.15 19.58 23.99
CA GLY E 336 23.50 18.70 24.95
C GLY E 336 24.30 17.48 25.37
N GLY E 337 25.48 17.30 24.80
CA GLY E 337 26.35 16.17 25.11
C GLY E 337 25.90 14.87 24.48
N PHE E 338 26.11 13.76 25.19
CA PHE E 338 25.74 12.43 24.71
C PHE E 338 24.22 12.24 24.66
N ASP E 339 23.47 12.92 25.55
CA ASP E 339 22.01 12.85 25.60
C ASP E 339 21.38 13.37 24.30
N ALA E 340 21.84 14.54 23.82
CA ALA E 340 21.31 15.12 22.58
C ALA E 340 21.89 14.44 21.34
N ALA E 341 23.09 13.83 21.44
CA ALA E 341 23.73 13.15 20.32
C ALA E 341 22.95 11.94 19.81
N ARG E 342 22.50 11.05 20.70
CA ARG E 342 21.73 9.87 20.29
C ARG E 342 20.31 10.22 19.86
N SER E 343 19.72 11.28 20.45
CA SER E 343 18.36 11.70 20.09
C SER E 343 18.35 12.36 18.70
N PHE E 344 19.41 13.10 18.36
CA PHE E 344 19.52 13.74 17.05
C PHE E 344 19.74 12.70 15.94
N VAL E 345 20.50 11.63 16.23
CA VAL E 345 20.76 10.57 15.25
C VAL E 345 19.48 9.85 14.84
N GLU E 346 18.64 9.46 15.81
CA GLU E 346 17.39 8.73 15.52
C GLU E 346 16.35 9.58 14.78
N HIS E 347 16.36 10.91 14.96
CA HIS E 347 15.42 11.79 14.28
C HIS E 347 15.75 12.03 12.79
N CYS E 348 16.94 11.61 12.33
CA CYS E 348 17.32 11.76 10.94
C CYS E 348 16.64 10.69 10.10
N ASN E 349 16.17 11.08 8.92
CA ASN E 349 15.47 10.17 8.01
C ASN E 349 16.25 10.01 6.70
N LEU E 350 16.71 11.14 6.14
CA LEU E 350 17.48 11.14 4.91
C LEU E 350 18.90 10.68 5.22
N VAL E 351 19.50 11.19 6.29
CA VAL E 351 20.85 10.82 6.66
C VAL E 351 20.84 9.54 7.45
N VAL E 352 21.60 8.55 7.01
CA VAL E 352 21.64 7.26 7.70
C VAL E 352 22.93 7.05 8.49
N HIS E 353 22.88 6.16 9.49
CA HIS E 353 24.03 5.86 10.34
C HIS E 353 24.78 4.62 9.87
N ALA E 354 26.12 4.68 9.87
CA ALA E 354 26.96 3.55 9.47
C ALA E 354 28.37 3.67 10.09
N VAL E 355 29.08 2.53 10.22
CA VAL E 355 30.43 2.54 10.76
C VAL E 355 31.39 3.02 9.67
N SER E 356 31.32 2.40 8.47
CA SER E 356 32.13 2.82 7.33
C SER E 356 31.43 4.00 6.67
N LEU E 357 32.17 5.07 6.40
CA LEU E 357 31.58 6.28 5.82
C LEU E 357 32.39 6.83 4.65
N GLY E 358 31.69 7.28 3.61
CA GLY E 358 32.34 7.83 2.43
C GLY E 358 31.81 7.25 1.14
N GLY E 359 30.56 7.56 0.83
CA GLY E 359 29.94 7.07 -0.39
C GLY E 359 29.11 8.10 -1.09
N ALA E 360 28.28 7.65 -2.03
CA ALA E 360 27.38 8.51 -2.78
C ALA E 360 26.25 9.06 -1.89
N ASP E 361 25.88 8.32 -0.82
CA ASP E 361 24.85 8.74 0.13
C ASP E 361 25.49 9.43 1.34
N THR E 362 24.81 10.43 1.92
CA THR E 362 25.30 11.16 3.08
C THR E 362 25.09 10.34 4.34
N LEU E 363 26.15 10.16 5.13
CA LEU E 363 26.07 9.35 6.34
C LEU E 363 26.45 10.12 7.62
N ILE E 364 26.06 9.58 8.79
CA ILE E 364 26.40 10.12 10.10
C ILE E 364 26.96 9.04 11.01
N GLN E 365 27.81 9.41 11.99
CA GLN E 365 28.41 8.45 12.91
C GLN E 365 28.69 9.04 14.31
N HIS E 366 28.30 8.30 15.34
CA HIS E 366 28.53 8.70 16.72
C HIS E 366 29.67 7.83 17.30
N PRO E 367 30.87 8.42 17.50
CA PRO E 367 31.99 7.61 18.04
C PRO E 367 31.76 7.12 19.46
N ALA E 368 31.05 7.92 20.27
CA ALA E 368 30.76 7.56 21.65
C ALA E 368 29.75 6.39 21.70
N SER E 369 28.71 6.43 20.86
CA SER E 369 27.71 5.35 20.83
C SER E 369 28.18 4.08 20.07
N LEU E 370 29.40 4.09 19.49
CA LEU E 370 29.94 2.95 18.75
C LEU E 370 30.89 2.16 19.64
N THR E 371 31.75 2.86 20.39
CA THR E 371 32.72 2.22 21.27
C THR E 371 32.81 2.95 22.62
N PRO E 381 37.85 9.69 22.07
CA PRO E 381 36.85 10.59 21.46
C PRO E 381 35.95 11.31 22.48
N GLY E 382 35.17 12.29 21.99
CA GLY E 382 34.25 13.05 22.81
C GLY E 382 32.88 12.41 22.92
N ASP E 383 32.20 12.62 24.05
CA ASP E 383 30.89 12.03 24.28
C ASP E 383 29.78 12.66 23.43
N GLY E 384 29.82 13.98 23.26
CA GLY E 384 28.81 14.68 22.48
C GLY E 384 29.34 15.15 21.13
N LEU E 385 29.84 14.22 20.31
CA LEU E 385 30.39 14.58 19.01
C LEU E 385 29.88 13.65 17.92
N ILE E 386 29.62 14.19 16.72
CA ILE E 386 29.13 13.39 15.60
C ILE E 386 29.91 13.72 14.32
N ARG E 387 30.10 12.70 13.48
CA ARG E 387 30.77 12.82 12.20
C ARG E 387 29.78 12.76 11.03
N LEU E 388 30.18 13.25 9.85
CA LEU E 388 29.30 13.25 8.69
C LEU E 388 30.09 13.08 7.41
N SER E 389 29.54 12.32 6.47
CA SER E 389 30.17 12.11 5.17
C SER E 389 29.24 12.68 4.11
N VAL E 390 29.54 13.88 3.58
CA VAL E 390 28.70 14.52 2.57
C VAL E 390 28.66 13.73 1.26
N GLY E 391 27.45 13.47 0.80
CA GLY E 391 27.20 12.72 -0.41
C GLY E 391 26.78 13.58 -1.60
N LEU E 392 26.15 12.96 -2.58
CA LEU E 392 25.77 13.64 -3.79
C LEU E 392 24.35 14.20 -3.75
N GLU E 393 23.75 14.38 -2.56
CA GLU E 393 22.39 14.91 -2.46
C GLU E 393 22.33 16.43 -2.59
N HIS E 394 21.13 16.97 -2.85
CA HIS E 394 20.94 18.41 -2.98
C HIS E 394 21.16 19.04 -1.61
N VAL E 395 22.03 20.07 -1.58
CA VAL E 395 22.42 20.81 -0.38
C VAL E 395 21.25 21.20 0.51
N ASP E 396 20.17 21.71 -0.10
CA ASP E 396 18.99 22.12 0.65
C ASP E 396 18.24 20.95 1.29
N ASP E 397 18.16 19.81 0.58
CA ASP E 397 17.47 18.62 1.07
C ASP E 397 18.15 18.02 2.31
N LEU E 398 19.49 18.06 2.34
CA LEU E 398 20.23 17.53 3.49
C LEU E 398 20.11 18.46 4.69
N ALA E 399 20.10 19.78 4.44
CA ALA E 399 19.98 20.79 5.47
C ALA E 399 18.60 20.73 6.14
N ASP E 400 17.53 20.52 5.34
CA ASP E 400 16.14 20.43 5.83
C ASP E 400 15.92 19.25 6.79
N ASP E 401 16.69 18.16 6.62
CA ASP E 401 16.56 17.00 7.50
C ASP E 401 17.31 17.18 8.81
N LEU E 402 18.56 17.66 8.74
CA LEU E 402 19.38 17.84 9.93
C LEU E 402 18.87 18.95 10.85
N ILE E 403 18.25 20.00 10.29
CA ILE E 403 17.68 21.07 11.11
C ILE E 403 16.46 20.53 11.85
N ALA E 404 15.59 19.80 11.14
CA ALA E 404 14.39 19.23 11.74
C ALA E 404 14.73 18.22 12.84
N ALA E 405 15.83 17.45 12.66
CA ALA E 405 16.26 16.46 13.65
C ALA E 405 16.87 17.13 14.89
N LEU E 406 17.57 18.27 14.70
CA LEU E 406 18.15 19.01 15.82
C LEU E 406 17.07 19.68 16.68
N ASP E 407 15.92 20.05 16.07
CA ASP E 407 14.78 20.68 16.77
C ASP E 407 14.23 19.77 17.87
N ALA E 408 14.29 18.45 17.67
CA ALA E 408 13.82 17.51 18.68
C ALA E 408 14.97 17.10 19.61
N SER E 409 15.36 18.02 20.50
CA SER E 409 16.41 17.87 21.52
C SER E 409 17.57 16.93 21.13
N TRP F 87 32.21 -9.30 7.00
CA TRP F 87 30.76 -9.21 7.20
C TRP F 87 30.01 -9.28 5.86
N GLN F 88 30.39 -10.25 4.99
CA GLN F 88 29.81 -10.48 3.65
C GLN F 88 29.01 -11.80 3.62
N PRO F 89 27.90 -11.84 2.86
CA PRO F 89 27.10 -13.08 2.82
C PRO F 89 27.71 -14.23 2.03
N GLY F 90 28.31 -13.91 0.89
CA GLY F 90 28.94 -14.90 0.02
C GLY F 90 30.12 -15.60 0.66
N VAL F 91 30.81 -14.90 1.56
CA VAL F 91 31.95 -15.45 2.27
C VAL F 91 31.49 -16.43 3.34
N ALA F 92 30.44 -16.05 4.08
CA ALA F 92 29.90 -16.89 5.13
C ALA F 92 29.39 -18.24 4.59
N ARG F 93 28.68 -18.24 3.45
CA ARG F 93 28.14 -19.46 2.88
C ARG F 93 29.24 -20.40 2.40
N PHE F 94 30.35 -19.85 1.91
CA PHE F 94 31.48 -20.67 1.48
C PHE F 94 32.20 -21.23 2.71
N GLU F 95 32.38 -20.39 3.75
CA GLU F 95 33.04 -20.78 5.00
C GLU F 95 32.36 -22.00 5.62
N THR F 96 31.04 -21.95 5.83
CA THR F 96 30.31 -23.07 6.45
C THR F 96 30.25 -24.30 5.56
N ALA F 97 30.30 -24.12 4.22
CA ALA F 97 30.27 -25.25 3.31
C ALA F 97 31.56 -26.06 3.45
N LEU F 98 32.71 -25.38 3.53
CA LEU F 98 33.99 -26.04 3.67
C LEU F 98 34.18 -26.62 5.06
N ALA F 99 33.71 -25.92 6.09
CA ALA F 99 33.80 -26.42 7.47
C ALA F 99 33.06 -27.75 7.61
N GLY F 100 31.93 -27.88 6.94
CA GLY F 100 31.15 -29.12 6.93
C GLY F 100 31.84 -30.23 6.18
N LEU F 101 32.49 -29.88 5.05
CA LEU F 101 33.23 -30.83 4.24
C LEU F 101 34.41 -31.40 5.01
N GLU F 102 35.14 -30.53 5.74
CA GLU F 102 36.31 -30.94 6.53
C GLU F 102 35.94 -31.47 7.94
N HIS F 103 34.67 -31.34 8.34
CA HIS F 103 34.12 -31.75 9.63
C HIS F 103 34.68 -30.93 10.81
N ALA F 104 35.07 -29.68 10.52
CA ALA F 104 35.60 -28.72 11.49
C ALA F 104 34.46 -27.87 12.07
N GLU F 105 34.67 -27.30 13.27
CA GLU F 105 33.67 -26.48 13.93
C GLU F 105 33.26 -25.29 13.04
N GLU F 106 34.24 -24.56 12.54
CA GLU F 106 34.01 -23.42 11.66
C GLU F 106 35.24 -23.19 10.75
N ALA F 107 35.11 -22.32 9.75
CA ALA F 107 36.23 -22.01 8.86
C ALA F 107 36.38 -20.52 8.66
N VAL F 108 37.60 -20.05 8.38
CA VAL F 108 37.84 -18.62 8.15
C VAL F 108 38.44 -18.43 6.76
N ALA F 109 37.78 -17.62 5.91
CA ALA F 109 38.24 -17.41 4.54
C ALA F 109 39.01 -16.10 4.31
N PHE F 110 40.11 -16.21 3.56
CA PHE F 110 41.03 -15.15 3.21
C PHE F 110 41.15 -14.96 1.70
N ALA F 111 41.72 -13.82 1.27
CA ALA F 111 41.90 -13.46 -0.13
C ALA F 111 42.60 -14.56 -0.94
N THR F 112 43.73 -15.07 -0.46
CA THR F 112 44.51 -16.11 -1.13
C THR F 112 44.99 -17.17 -0.08
N GLY F 113 45.59 -18.27 -0.54
CA GLY F 113 46.13 -19.28 0.36
C GLY F 113 47.23 -18.72 1.23
N MET F 114 48.02 -17.80 0.67
CA MET F 114 49.10 -17.12 1.37
C MET F 114 48.58 -16.27 2.52
N ALA F 115 47.44 -15.61 2.31
CA ALA F 115 46.83 -14.80 3.35
C ALA F 115 46.32 -15.65 4.51
N ALA F 116 45.87 -16.88 4.23
CA ALA F 116 45.39 -17.77 5.28
C ALA F 116 46.57 -18.25 6.15
N MET F 117 47.69 -18.58 5.50
CA MET F 117 48.91 -19.01 6.20
C MET F 117 49.49 -17.86 7.02
N THR F 118 49.46 -16.65 6.45
CA THR F 118 49.94 -15.44 7.10
C THR F 118 49.14 -15.19 8.37
N ALA F 119 47.81 -15.31 8.28
CA ALA F 119 46.93 -15.09 9.44
C ALA F 119 47.14 -16.13 10.50
N ALA F 120 47.35 -17.39 10.10
CA ALA F 120 47.60 -18.47 11.06
C ALA F 120 48.91 -18.25 11.79
N LEU F 121 49.94 -17.80 11.07
CA LEU F 121 51.25 -17.52 11.64
C LEU F 121 51.16 -16.31 12.55
N LEU F 122 50.45 -15.25 12.14
CA LEU F 122 50.27 -14.06 12.95
C LEU F 122 49.45 -14.31 14.20
N ALA F 123 48.50 -15.26 14.14
CA ALA F 123 47.68 -15.64 15.29
C ALA F 123 48.52 -16.34 16.35
N ALA F 124 49.52 -17.12 15.91
CA ALA F 124 50.42 -17.82 16.81
C ALA F 124 51.39 -16.79 17.43
N VAL F 125 51.94 -15.89 16.61
CA VAL F 125 52.86 -14.86 17.07
C VAL F 125 52.19 -13.97 18.14
N SER F 126 50.96 -13.48 17.85
CA SER F 126 50.18 -12.64 18.77
C SER F 126 49.87 -13.32 20.08
N ALA F 127 49.71 -14.66 20.05
CA ALA F 127 49.45 -15.44 21.26
C ALA F 127 50.70 -15.68 22.12
N GLY F 128 51.80 -14.97 21.83
CA GLY F 128 53.06 -15.11 22.56
C GLY F 128 53.75 -16.44 22.30
N THR F 129 53.52 -17.01 21.12
CA THR F 129 54.10 -18.29 20.75
C THR F 129 54.54 -18.26 19.28
N PRO F 130 55.68 -17.62 18.99
CA PRO F 130 56.10 -17.44 17.59
C PRO F 130 56.94 -18.55 16.95
N HIS F 131 57.16 -19.66 17.66
CA HIS F 131 57.97 -20.75 17.12
C HIS F 131 57.10 -21.71 16.33
N ILE F 132 57.60 -22.17 15.19
CA ILE F 132 56.89 -23.09 14.31
C ILE F 132 57.78 -24.27 13.94
N VAL F 133 57.29 -25.49 14.16
CA VAL F 133 58.03 -26.68 13.77
C VAL F 133 57.43 -27.11 12.43
N ALA F 134 58.10 -26.78 11.32
CA ALA F 134 57.58 -27.12 10.00
C ALA F 134 58.31 -28.31 9.42
N VAL F 135 57.59 -29.22 8.75
CA VAL F 135 58.20 -30.40 8.15
C VAL F 135 59.09 -30.01 6.94
N ARG F 136 60.24 -30.71 6.77
CA ARG F 136 61.19 -30.47 5.68
C ARG F 136 60.52 -30.30 4.29
N PRO F 137 59.71 -31.25 3.75
CA PRO F 137 59.07 -31.00 2.45
C PRO F 137 57.85 -30.09 2.58
N LEU F 138 57.89 -28.93 1.92
CA LEU F 138 56.79 -27.97 2.03
C LEU F 138 56.55 -27.20 0.73
N TYR F 139 55.36 -26.56 0.62
CA TYR F 139 54.93 -25.75 -0.52
C TYR F 139 55.91 -24.60 -0.74
N GLY F 140 56.23 -24.34 -2.00
CA GLY F 140 57.17 -23.31 -2.43
C GLY F 140 56.98 -21.93 -1.82
N GLY F 141 55.76 -21.39 -1.92
CA GLY F 141 55.47 -20.08 -1.37
C GLY F 141 55.34 -20.06 0.15
N SER F 142 54.87 -21.17 0.74
CA SER F 142 54.67 -21.31 2.18
C SER F 142 56.00 -21.35 2.95
N ASP F 143 57.01 -22.03 2.37
CA ASP F 143 58.31 -22.13 3.00
C ASP F 143 59.07 -20.80 3.00
N HIS F 144 58.77 -19.89 2.05
CA HIS F 144 59.38 -18.56 1.97
C HIS F 144 58.94 -17.68 3.14
N LEU F 145 57.68 -17.83 3.56
CA LEU F 145 57.10 -17.08 4.66
C LEU F 145 57.82 -17.42 5.98
N LEU F 146 58.13 -18.70 6.19
CA LEU F 146 58.80 -19.15 7.40
C LEU F 146 60.29 -18.86 7.34
N GLU F 147 60.92 -19.09 6.17
CA GLU F 147 62.35 -18.88 5.93
C GLU F 147 62.74 -17.43 6.16
N THR F 148 61.95 -16.49 5.64
CA THR F 148 62.21 -15.06 5.83
C THR F 148 61.90 -14.62 7.25
N GLY F 149 60.82 -15.16 7.81
CA GLY F 149 60.36 -14.82 9.15
C GLY F 149 59.88 -13.39 9.19
N LEU F 150 59.11 -13.00 8.18
CA LEU F 150 58.58 -11.64 8.04
C LEU F 150 57.61 -11.33 9.18
N LEU F 151 56.76 -12.28 9.53
CA LEU F 151 55.75 -12.10 10.56
C LEU F 151 56.26 -12.22 12.00
N GLY F 152 57.57 -12.33 12.18
CA GLY F 152 58.18 -12.50 13.49
C GLY F 152 58.17 -13.93 13.96
N THR F 153 58.29 -14.87 13.02
CA THR F 153 58.26 -16.30 13.32
C THR F 153 59.65 -16.90 13.29
N THR F 154 59.85 -17.93 14.10
CA THR F 154 61.11 -18.66 14.13
C THR F 154 60.77 -20.10 13.73
N VAL F 155 61.36 -20.59 12.65
CA VAL F 155 61.06 -21.94 12.17
C VAL F 155 62.22 -22.90 12.40
N THR F 156 61.91 -24.13 12.81
CA THR F 156 62.92 -25.16 12.98
C THR F 156 62.46 -26.35 12.13
N TRP F 157 63.03 -26.50 10.94
CA TRP F 157 62.67 -27.57 10.00
C TRP F 157 63.04 -28.94 10.55
N ALA F 158 62.07 -29.85 10.64
CA ALA F 158 62.34 -31.19 11.16
C ALA F 158 61.68 -32.28 10.32
N LYS F 159 62.21 -33.50 10.37
CA LYS F 159 61.65 -34.64 9.65
C LYS F 159 60.38 -35.13 10.37
N GLU F 160 59.51 -35.86 9.68
CA GLU F 160 58.27 -36.36 10.27
C GLU F 160 58.54 -37.26 11.48
N ALA F 161 59.57 -38.09 11.40
CA ALA F 161 59.93 -39.00 12.47
C ALA F 161 60.34 -38.33 13.78
N ASP F 162 60.87 -37.09 13.73
CA ASP F 162 61.31 -36.40 14.95
C ASP F 162 60.77 -34.97 15.07
N ILE F 163 59.44 -34.85 15.15
CA ILE F 163 58.80 -33.54 15.31
C ILE F 163 58.81 -33.15 16.78
N ALA F 164 58.48 -34.09 17.67
CA ALA F 164 58.43 -33.92 19.12
C ALA F 164 59.70 -33.32 19.71
N SER F 165 60.86 -33.71 19.18
CA SER F 165 62.15 -33.21 19.65
C SER F 165 62.34 -31.73 19.33
N ALA F 166 61.89 -31.31 18.14
CA ALA F 166 62.01 -29.93 17.70
C ALA F 166 61.05 -28.96 18.40
N ILE F 167 60.02 -29.48 19.08
CA ILE F 167 59.05 -28.64 19.78
C ILE F 167 59.66 -27.93 20.97
N GLN F 168 59.71 -26.60 20.91
CA GLN F 168 60.20 -25.74 21.98
C GLN F 168 59.03 -25.28 22.88
N ASP F 169 59.34 -24.56 23.99
CA ASP F 169 58.29 -24.06 24.89
C ASP F 169 57.38 -23.05 24.20
N ASP F 170 57.93 -22.28 23.25
CA ASP F 170 57.17 -21.26 22.52
C ASP F 170 56.66 -21.75 21.16
N THR F 171 56.51 -23.07 20.94
CA THR F 171 55.99 -23.59 19.68
C THR F 171 54.48 -23.52 19.68
N GLY F 172 53.92 -22.85 18.67
CA GLY F 172 52.49 -22.65 18.56
C GLY F 172 51.81 -23.43 17.46
N LEU F 173 52.58 -23.91 16.48
CA LEU F 173 52.03 -24.66 15.35
C LEU F 173 53.00 -25.70 14.82
N VAL F 174 52.45 -26.75 14.21
CA VAL F 174 53.24 -27.80 13.54
C VAL F 174 52.70 -27.84 12.10
N ILE F 175 53.42 -27.22 11.15
CA ILE F 175 52.96 -27.17 9.77
C ILE F 175 53.37 -28.44 9.03
N VAL F 176 52.42 -29.09 8.34
CA VAL F 176 52.72 -30.31 7.61
C VAL F 176 51.86 -30.46 6.34
N GLU F 177 52.52 -30.72 5.19
CA GLU F 177 51.79 -30.91 3.95
C GLU F 177 51.75 -32.39 3.61
N THR F 178 50.57 -32.94 3.31
CA THR F 178 50.44 -34.35 2.94
C THR F 178 49.44 -34.52 1.76
N PRO F 179 49.87 -35.15 0.63
CA PRO F 179 51.19 -35.75 0.38
C PRO F 179 52.27 -34.69 0.16
N ALA F 180 53.49 -34.95 0.71
CA ALA F 180 54.67 -34.07 0.70
C ALA F 180 55.08 -33.57 -0.67
N ASN F 181 54.49 -32.45 -1.11
CA ASN F 181 54.77 -31.82 -2.40
C ASN F 181 56.24 -31.34 -2.42
N PRO F 182 57.03 -31.68 -3.46
CA PRO F 182 56.66 -32.35 -4.72
C PRO F 182 56.85 -33.88 -4.81
N SER F 183 57.61 -34.48 -3.88
CA SER F 183 57.93 -35.93 -3.89
C SER F 183 56.73 -36.87 -3.70
N LEU F 184 55.60 -36.36 -3.17
CA LEU F 184 54.34 -37.08 -2.90
C LEU F 184 54.49 -38.18 -1.83
N ASP F 185 55.31 -37.94 -0.79
CA ASP F 185 55.53 -38.88 0.31
C ASP F 185 54.39 -38.76 1.32
N LEU F 186 53.79 -39.88 1.71
CA LEU F 186 52.68 -39.88 2.65
C LEU F 186 53.12 -39.65 4.10
N VAL F 187 52.39 -38.79 4.81
CA VAL F 187 52.68 -38.45 6.19
C VAL F 187 51.57 -38.99 7.09
N ASP F 188 51.90 -39.79 8.12
CA ASP F 188 50.89 -40.33 9.02
C ASP F 188 50.42 -39.24 9.98
N LEU F 189 49.25 -38.66 9.70
CA LEU F 189 48.68 -37.58 10.51
C LEU F 189 48.42 -37.98 11.95
N ASP F 190 48.01 -39.23 12.17
CA ASP F 190 47.77 -39.73 13.53
C ASP F 190 49.05 -39.70 14.35
N SER F 191 50.19 -40.05 13.72
CA SER F 191 51.51 -40.06 14.36
C SER F 191 52.03 -38.65 14.61
N VAL F 192 51.75 -37.74 13.69
CA VAL F 192 52.18 -36.34 13.82
C VAL F 192 51.45 -35.70 14.99
N VAL F 193 50.12 -35.88 15.07
CA VAL F 193 49.33 -35.31 16.15
C VAL F 193 49.77 -35.82 17.54
N SER F 194 50.11 -37.11 17.64
CA SER F 194 50.58 -37.69 18.90
C SER F 194 51.96 -37.10 19.28
N ALA F 195 52.81 -36.81 18.28
CA ALA F 195 54.13 -36.23 18.51
C ALA F 195 54.02 -34.77 18.94
N ALA F 196 53.07 -34.03 18.37
CA ALA F 196 52.85 -32.63 18.74
C ALA F 196 52.28 -32.49 20.15
N GLY F 197 51.37 -33.40 20.50
CA GLY F 197 50.72 -33.39 21.80
C GLY F 197 49.80 -32.21 21.98
N ASN F 198 50.18 -31.27 22.86
CA ASN F 198 49.39 -30.06 23.12
C ASN F 198 49.58 -28.94 22.09
N VAL F 199 50.46 -29.14 21.09
CA VAL F 199 50.71 -28.12 20.07
C VAL F 199 49.76 -28.33 18.89
N PRO F 200 49.04 -27.26 18.48
CA PRO F 200 48.10 -27.40 17.34
C PRO F 200 48.80 -27.79 16.04
N VAL F 201 48.18 -28.66 15.24
CA VAL F 201 48.76 -29.13 13.99
C VAL F 201 48.01 -28.54 12.76
N LEU F 202 48.72 -27.89 11.84
CA LEU F 202 48.11 -27.33 10.65
C LEU F 202 48.46 -28.19 9.44
N VAL F 203 47.45 -28.75 8.77
CA VAL F 203 47.68 -29.62 7.62
C VAL F 203 47.25 -28.98 6.30
N ASP F 204 48.16 -28.90 5.32
CA ASP F 204 47.80 -28.35 4.01
C ASP F 204 47.13 -29.44 3.19
N ASN F 205 45.80 -29.43 3.18
CA ASN F 205 44.97 -30.39 2.46
C ASN F 205 44.59 -29.87 1.07
N THR F 206 45.43 -29.01 0.45
CA THR F 206 45.11 -28.40 -0.84
C THR F 206 44.88 -29.43 -1.96
N PHE F 207 45.85 -30.33 -2.22
CA PHE F 207 45.74 -31.31 -3.31
C PHE F 207 44.89 -32.53 -2.97
N CYS F 208 44.66 -32.79 -1.69
CA CYS F 208 43.86 -33.93 -1.28
C CYS F 208 42.39 -33.58 -1.31
N THR F 209 42.03 -32.37 -0.83
CA THR F 209 40.65 -31.87 -0.70
C THR F 209 39.87 -32.71 0.32
N PRO F 210 38.81 -32.14 0.95
CA PRO F 210 38.03 -32.94 1.90
C PRO F 210 37.46 -34.26 1.32
N VAL F 211 37.40 -34.36 -0.02
CA VAL F 211 36.91 -35.51 -0.74
C VAL F 211 37.84 -36.72 -0.52
N LEU F 212 39.16 -36.48 -0.54
CA LEU F 212 40.12 -37.58 -0.39
C LEU F 212 40.87 -37.60 0.95
N GLN F 213 40.64 -36.63 1.85
CA GLN F 213 41.34 -36.63 3.14
C GLN F 213 40.67 -35.73 4.17
N GLN F 214 40.52 -36.23 5.40
CA GLN F 214 39.91 -35.47 6.49
C GLN F 214 40.93 -35.34 7.61
N PRO F 215 41.80 -34.32 7.58
CA PRO F 215 42.83 -34.20 8.62
C PRO F 215 42.27 -33.94 10.01
N ILE F 216 41.11 -33.24 10.09
CA ILE F 216 40.42 -32.93 11.35
C ILE F 216 40.15 -34.22 12.15
N SER F 217 39.69 -35.28 11.44
CA SER F 217 39.39 -36.59 12.03
C SER F 217 40.63 -37.27 12.64
N HIS F 218 41.82 -36.99 12.09
CA HIS F 218 43.07 -37.54 12.61
C HIS F 218 43.64 -36.77 13.82
N GLY F 219 43.08 -35.60 14.11
CA GLY F 219 43.51 -34.79 15.24
C GLY F 219 44.13 -33.45 14.88
N ALA F 220 44.12 -33.09 13.58
CA ALA F 220 44.68 -31.82 13.16
C ALA F 220 43.80 -30.69 13.66
N ALA F 221 44.40 -29.69 14.31
CA ALA F 221 43.65 -28.57 14.84
C ALA F 221 43.19 -27.63 13.73
N LEU F 222 44.06 -27.42 12.73
CA LEU F 222 43.77 -26.53 11.62
C LEU F 222 44.01 -27.24 10.29
N VAL F 223 43.20 -26.92 9.27
CA VAL F 223 43.36 -27.50 7.94
C VAL F 223 43.38 -26.37 6.94
N LEU F 224 44.54 -26.11 6.34
CA LEU F 224 44.70 -25.03 5.38
C LEU F 224 44.39 -25.45 3.97
N HIS F 225 43.85 -24.53 3.16
CA HIS F 225 43.53 -24.79 1.77
C HIS F 225 43.91 -23.61 0.89
N SER F 226 44.28 -23.89 -0.36
CA SER F 226 44.52 -22.86 -1.35
C SER F 226 43.44 -23.13 -2.37
N ALA F 227 42.24 -22.59 -2.08
CA ALA F 227 40.98 -22.76 -2.81
C ALA F 227 41.06 -22.57 -4.33
N THR F 228 42.11 -21.91 -4.81
CA THR F 228 42.30 -21.70 -6.25
C THR F 228 42.49 -23.07 -6.93
N LYS F 229 43.35 -23.91 -6.33
CA LYS F 229 43.62 -25.27 -6.80
C LYS F 229 42.52 -26.24 -6.32
N TYR F 230 41.81 -26.88 -7.27
CA TYR F 230 40.78 -27.91 -7.05
C TYR F 230 39.45 -27.40 -6.46
N LEU F 231 39.45 -26.71 -5.31
CA LEU F 231 38.21 -26.22 -4.66
C LEU F 231 37.32 -25.42 -5.62
N GLY F 232 37.92 -24.49 -6.34
CA GLY F 232 37.22 -23.67 -7.32
C GLY F 232 36.96 -24.44 -8.60
N GLY F 233 37.93 -25.25 -8.99
CA GLY F 233 37.82 -26.11 -10.17
C GLY F 233 38.52 -25.55 -11.38
N HIS F 234 38.55 -24.22 -11.51
CA HIS F 234 39.17 -23.58 -12.67
C HIS F 234 40.28 -22.59 -12.31
N GLY F 235 40.34 -22.16 -11.05
CA GLY F 235 41.34 -21.22 -10.59
C GLY F 235 41.11 -19.78 -11.01
N ASP F 236 39.93 -19.49 -11.59
CA ASP F 236 39.54 -18.15 -12.04
C ASP F 236 39.35 -17.23 -10.81
N ALA F 237 38.81 -17.80 -9.72
CA ALA F 237 38.66 -17.06 -8.48
C ALA F 237 39.68 -17.63 -7.48
N MET F 238 40.53 -16.75 -6.96
CA MET F 238 41.56 -17.10 -5.99
C MET F 238 40.90 -17.25 -4.61
N GLY F 239 41.55 -17.98 -3.73
CA GLY F 239 41.03 -18.19 -2.39
C GLY F 239 42.03 -18.83 -1.46
N GLY F 240 41.65 -18.86 -0.19
CA GLY F 240 42.42 -19.44 0.90
C GLY F 240 41.53 -19.58 2.10
N ILE F 241 41.45 -20.77 2.70
CA ILE F 241 40.56 -20.98 3.84
C ILE F 241 41.14 -21.98 4.85
N ILE F 242 40.87 -21.77 6.15
CA ILE F 242 41.33 -22.68 7.19
C ILE F 242 40.12 -23.21 7.94
N ALA F 243 39.91 -24.54 7.91
CA ALA F 243 38.80 -25.15 8.65
C ALA F 243 39.39 -25.57 9.99
N THR F 244 38.89 -24.99 11.08
CA THR F 244 39.45 -25.25 12.41
C THR F 244 38.38 -25.13 13.53
N ASN F 245 38.77 -25.44 14.78
CA ASN F 245 37.92 -25.34 15.97
C ASN F 245 37.58 -23.87 16.27
N ALA F 246 36.57 -23.63 17.10
CA ALA F 246 36.11 -22.29 17.47
C ALA F 246 37.18 -21.34 18.02
N ASP F 247 38.10 -21.81 18.89
CA ASP F 247 39.14 -20.93 19.45
C ASP F 247 40.12 -20.42 18.38
N TRP F 248 40.64 -21.34 17.55
CA TRP F 248 41.55 -20.95 16.49
C TRP F 248 40.82 -20.15 15.41
N ALA F 249 39.53 -20.43 15.18
CA ALA F 249 38.76 -19.67 14.20
C ALA F 249 38.52 -18.25 14.68
N MET F 250 38.23 -18.06 15.98
CA MET F 250 38.05 -16.72 16.54
C MET F 250 39.39 -15.95 16.46
N ARG F 251 40.50 -16.64 16.74
CA ARG F 251 41.84 -16.06 16.70
C ARG F 251 42.18 -15.59 15.29
N LEU F 252 41.80 -16.38 14.27
CA LEU F 252 42.03 -16.09 12.85
C LEU F 252 41.16 -14.94 12.38
N ARG F 253 39.91 -14.87 12.85
CA ARG F 253 38.99 -13.79 12.51
C ARG F 253 39.51 -12.46 13.07
N GLN F 254 40.10 -12.48 14.27
CA GLN F 254 40.67 -11.30 14.90
C GLN F 254 41.83 -10.76 14.09
N VAL F 255 42.68 -11.66 13.54
CA VAL F 255 43.81 -11.27 12.70
C VAL F 255 43.27 -10.67 11.42
N ARG F 256 42.32 -11.37 10.77
CA ARG F 256 41.67 -10.92 9.55
C ARG F 256 41.07 -9.53 9.70
N ALA F 257 40.52 -9.25 10.87
CA ALA F 257 39.90 -7.95 11.16
C ALA F 257 40.86 -6.75 10.98
N ILE F 258 42.09 -6.86 11.50
CA ILE F 258 43.05 -5.74 11.37
C ILE F 258 44.06 -5.96 10.24
N THR F 259 44.31 -7.21 9.83
CA THR F 259 45.20 -7.51 8.71
C THR F 259 44.49 -7.20 7.36
N GLY F 260 43.16 -7.29 7.31
CA GLY F 260 42.36 -6.98 6.14
C GLY F 260 42.54 -7.82 4.89
N ALA F 261 42.95 -9.08 5.01
CA ALA F 261 43.14 -9.95 3.83
C ALA F 261 41.84 -10.68 3.48
N LEU F 262 40.78 -9.91 3.21
CA LEU F 262 39.45 -10.44 2.95
C LEU F 262 39.20 -11.07 1.58
N LEU F 263 38.32 -12.09 1.53
CA LEU F 263 37.91 -12.75 0.28
C LEU F 263 36.82 -11.89 -0.33
N HIS F 264 36.90 -11.60 -1.64
CA HIS F 264 35.85 -10.82 -2.31
C HIS F 264 34.62 -11.70 -2.49
N PRO F 265 33.42 -11.16 -2.27
CA PRO F 265 32.21 -11.99 -2.39
C PRO F 265 32.07 -12.67 -3.75
N MET F 266 32.47 -12.01 -4.83
CA MET F 266 32.41 -12.61 -6.17
C MET F 266 33.31 -13.85 -6.24
N GLY F 267 34.52 -13.73 -5.69
CA GLY F 267 35.45 -14.84 -5.65
C GLY F 267 34.96 -15.96 -4.77
N ALA F 268 34.33 -15.61 -3.65
CA ALA F 268 33.79 -16.60 -2.73
C ALA F 268 32.61 -17.35 -3.35
N TYR F 269 31.80 -16.65 -4.17
CA TYR F 269 30.66 -17.21 -4.87
C TYR F 269 31.13 -18.25 -5.88
N LEU F 270 32.19 -17.93 -6.64
CA LEU F 270 32.72 -18.87 -7.63
C LEU F 270 33.28 -20.13 -6.95
N LEU F 271 33.87 -19.97 -5.75
CA LEU F 271 34.43 -21.08 -4.99
C LEU F 271 33.32 -21.97 -4.45
N HIS F 272 32.28 -21.37 -3.88
CA HIS F 272 31.15 -22.12 -3.35
C HIS F 272 30.38 -22.84 -4.47
N ARG F 273 30.34 -22.25 -5.68
CA ARG F 273 29.68 -22.84 -6.85
C ARG F 273 30.47 -24.10 -7.26
N GLY F 274 31.79 -23.97 -7.33
CA GLY F 274 32.69 -25.07 -7.67
C GLY F 274 32.77 -26.15 -6.62
N LEU F 275 32.45 -25.81 -5.37
CA LEU F 275 32.44 -26.76 -4.26
C LEU F 275 31.35 -27.81 -4.44
N ARG F 276 30.22 -27.45 -5.09
CA ARG F 276 29.12 -28.38 -5.34
C ARG F 276 29.56 -29.54 -6.22
N THR F 277 30.42 -29.28 -7.19
CA THR F 277 30.91 -30.32 -8.09
C THR F 277 32.24 -30.95 -7.67
N LEU F 278 32.81 -30.55 -6.51
CA LEU F 278 34.10 -31.06 -6.03
C LEU F 278 34.13 -32.57 -5.88
N ALA F 279 33.04 -33.14 -5.35
CA ALA F 279 32.96 -34.57 -5.14
C ALA F 279 33.12 -35.38 -6.44
N VAL F 280 32.38 -35.03 -7.51
CA VAL F 280 32.48 -35.76 -8.77
C VAL F 280 33.74 -35.45 -9.55
N ARG F 281 34.36 -34.29 -9.31
CA ARG F 281 35.58 -33.91 -10.03
C ARG F 281 36.78 -34.63 -9.46
N MET F 282 36.94 -34.66 -8.12
CA MET F 282 38.07 -35.32 -7.49
C MET F 282 38.01 -36.83 -7.67
N ARG F 283 36.81 -37.41 -7.64
CA ARG F 283 36.64 -38.85 -7.82
C ARG F 283 37.04 -39.23 -9.26
N ALA F 284 36.61 -38.43 -10.24
CA ALA F 284 36.93 -38.72 -11.63
C ALA F 284 38.40 -38.47 -11.93
N ALA F 285 39.00 -37.44 -11.32
CA ALA F 285 40.41 -37.14 -11.55
C ALA F 285 41.33 -38.17 -10.87
N GLN F 286 40.89 -38.75 -9.73
CA GLN F 286 41.66 -39.77 -9.02
C GLN F 286 41.64 -41.08 -9.80
N THR F 287 40.47 -41.47 -10.30
CA THR F 287 40.33 -42.71 -11.06
C THR F 287 41.12 -42.66 -12.38
N THR F 288 41.15 -41.49 -13.06
CA THR F 288 41.92 -41.36 -14.30
C THR F 288 43.43 -41.30 -14.02
N ALA F 289 43.84 -40.81 -12.84
CA ALA F 289 45.25 -40.73 -12.45
C ALA F 289 45.81 -42.12 -12.16
N GLY F 290 45.01 -42.97 -11.51
CA GLY F 290 45.40 -44.33 -11.16
C GLY F 290 45.72 -45.19 -12.37
N GLU F 291 44.94 -45.03 -13.44
CA GLU F 291 45.14 -45.75 -14.69
C GLU F 291 46.36 -45.15 -15.45
N LEU F 292 46.51 -43.82 -15.40
CA LEU F 292 47.61 -43.11 -16.05
C LEU F 292 48.95 -43.47 -15.44
N ALA F 293 49.00 -43.66 -14.12
CA ALA F 293 50.23 -44.00 -13.43
C ALA F 293 50.74 -45.40 -13.81
N GLU F 294 49.81 -46.33 -14.14
CA GLU F 294 50.18 -47.69 -14.56
C GLU F 294 50.84 -47.64 -15.94
N ARG F 295 50.29 -46.82 -16.85
CA ARG F 295 50.80 -46.67 -18.20
C ARG F 295 52.14 -45.92 -18.24
N LEU F 296 52.40 -45.02 -17.27
CA LEU F 296 53.64 -44.26 -17.25
C LEU F 296 54.86 -45.10 -16.81
N ASP F 297 54.71 -45.96 -15.79
CA ASP F 297 55.80 -46.81 -15.32
C ASP F 297 56.21 -47.86 -16.36
N ALA F 298 55.26 -48.29 -17.21
CA ALA F 298 55.52 -49.26 -18.26
C ALA F 298 56.45 -48.70 -19.35
N HIS F 299 56.43 -47.37 -19.58
CA HIS F 299 57.27 -46.73 -20.59
C HIS F 299 58.72 -46.67 -20.10
N PRO F 300 59.68 -47.07 -20.95
CA PRO F 300 61.08 -47.05 -20.52
C PRO F 300 61.74 -45.67 -20.46
N ALA F 301 61.06 -44.62 -20.93
CA ALA F 301 61.61 -43.26 -20.92
C ALA F 301 61.78 -42.72 -19.51
N ILE F 302 60.86 -43.10 -18.59
CA ILE F 302 60.95 -42.66 -17.21
C ILE F 302 61.43 -43.81 -16.32
N SER F 303 62.26 -43.49 -15.32
CA SER F 303 62.79 -44.53 -14.43
C SER F 303 61.73 -45.01 -13.43
N VAL F 304 61.13 -44.09 -12.66
CA VAL F 304 60.12 -44.46 -11.69
C VAL F 304 59.01 -43.38 -11.61
N VAL F 305 57.77 -43.82 -11.31
CA VAL F 305 56.63 -42.92 -11.18
C VAL F 305 56.15 -42.90 -9.72
N HIS F 306 55.91 -41.71 -9.17
CA HIS F 306 55.47 -41.55 -7.78
C HIS F 306 53.97 -41.30 -7.69
N TYR F 307 53.23 -42.34 -7.32
CA TYR F 307 51.78 -42.27 -7.16
C TYR F 307 51.37 -43.31 -6.13
N PRO F 308 50.74 -42.88 -5.02
CA PRO F 308 50.33 -43.84 -3.99
C PRO F 308 49.28 -44.82 -4.48
N GLY F 309 49.54 -46.10 -4.25
CA GLY F 309 48.60 -47.14 -4.63
C GLY F 309 48.75 -48.38 -3.76
N LEU F 310 47.62 -49.03 -3.38
CA LEU F 310 47.68 -50.24 -2.57
C LEU F 310 48.35 -51.43 -3.30
N LYS F 311 48.66 -51.26 -4.59
CA LYS F 311 49.32 -52.27 -5.40
C LYS F 311 50.84 -52.01 -5.50
N GLY F 312 51.43 -51.37 -4.49
CA GLY F 312 52.86 -51.10 -4.50
C GLY F 312 53.32 -49.98 -3.59
N GLN F 313 53.16 -48.74 -4.02
CA GLN F 313 53.62 -47.57 -3.27
C GLN F 313 52.74 -47.21 -2.08
N ASP F 314 52.79 -48.03 -1.01
CA ASP F 314 52.04 -47.80 0.23
C ASP F 314 52.62 -48.68 1.36
N PRO F 315 53.83 -48.40 1.90
CA PRO F 315 54.36 -49.25 2.97
C PRO F 315 53.76 -48.96 4.35
N ARG F 316 53.24 -47.75 4.55
CA ARG F 316 52.65 -47.33 5.81
C ARG F 316 51.19 -47.78 6.00
N GLY F 317 50.50 -48.11 4.91
CA GLY F 317 49.10 -48.49 4.95
C GLY F 317 48.20 -47.29 5.20
N LEU F 318 48.60 -46.12 4.67
CA LEU F 318 47.87 -44.88 4.85
C LEU F 318 46.65 -44.75 3.94
N LEU F 319 46.62 -45.47 2.81
CA LEU F 319 45.48 -45.39 1.91
C LEU F 319 44.33 -46.23 2.47
N GLY F 320 43.17 -45.61 2.59
CA GLY F 320 41.98 -46.22 3.16
C GLY F 320 41.80 -45.74 4.58
N ARG F 321 42.89 -45.75 5.35
CA ARG F 321 42.92 -45.32 6.75
C ARG F 321 42.87 -43.79 6.84
N GLN F 322 43.62 -43.11 5.95
CA GLN F 322 43.73 -41.66 5.95
C GLN F 322 43.25 -41.05 4.62
N MET F 323 43.65 -41.66 3.50
CA MET F 323 43.27 -41.16 2.18
C MET F 323 42.17 -41.99 1.53
N SER F 324 41.42 -41.39 0.59
CA SER F 324 40.36 -42.08 -0.13
C SER F 324 40.98 -43.00 -1.19
N GLY F 325 41.99 -42.51 -1.90
CA GLY F 325 42.69 -43.26 -2.92
C GLY F 325 44.08 -42.69 -3.16
N GLY F 326 44.56 -42.79 -4.39
CA GLY F 326 45.87 -42.28 -4.73
C GLY F 326 45.96 -40.80 -5.03
N GLY F 327 44.81 -40.14 -5.14
CA GLY F 327 44.77 -38.72 -5.45
C GLY F 327 44.89 -38.42 -6.93
N ALA F 328 44.96 -37.13 -7.29
CA ALA F 328 45.09 -36.73 -8.69
C ALA F 328 46.43 -36.02 -8.92
N MET F 329 47.48 -36.50 -8.25
CA MET F 329 48.81 -35.91 -8.38
C MET F 329 49.83 -37.00 -8.70
N ILE F 330 50.58 -36.81 -9.80
CA ILE F 330 51.59 -37.75 -10.27
C ILE F 330 52.95 -37.05 -10.47
N ALA F 331 53.95 -37.47 -9.70
CA ALA F 331 55.30 -36.95 -9.84
C ALA F 331 56.13 -38.01 -10.61
N MET F 332 57.09 -37.59 -11.43
CA MET F 332 57.86 -38.53 -12.25
C MET F 332 59.30 -38.10 -12.48
N GLU F 333 60.22 -39.06 -12.59
CA GLU F 333 61.62 -38.74 -12.86
C GLU F 333 62.08 -39.36 -14.18
N LEU F 334 62.54 -38.51 -15.10
CA LEU F 334 62.99 -38.92 -16.42
C LEU F 334 64.38 -39.52 -16.36
N ALA F 335 64.59 -40.61 -17.08
CA ALA F 335 65.90 -41.24 -17.13
C ALA F 335 66.97 -40.39 -17.84
N GLY F 336 66.54 -39.50 -18.73
CA GLY F 336 67.46 -38.63 -19.45
C GLY F 336 67.90 -37.39 -18.70
N GLY F 337 67.38 -37.19 -17.49
CA GLY F 337 67.74 -36.05 -16.66
C GLY F 337 67.08 -34.76 -17.10
N PHE F 338 67.78 -33.63 -16.94
CA PHE F 338 67.28 -32.31 -17.31
C PHE F 338 67.14 -32.15 -18.83
N ASP F 339 68.00 -32.83 -19.61
CA ASP F 339 67.97 -32.78 -21.07
C ASP F 339 66.64 -33.33 -21.62
N ALA F 340 66.21 -34.50 -21.14
CA ALA F 340 64.95 -35.11 -21.57
C ALA F 340 63.72 -34.43 -20.96
N ALA F 341 63.88 -33.80 -19.77
CA ALA F 341 62.79 -33.12 -19.08
C ALA F 341 62.23 -31.92 -19.84
N ARG F 342 63.09 -31.03 -20.37
CA ARG F 342 62.61 -29.87 -21.13
C ARG F 342 62.11 -30.25 -22.53
N SER F 343 62.68 -31.29 -23.13
CA SER F 343 62.28 -31.75 -24.45
C SER F 343 60.89 -32.41 -24.41
N PHE F 344 60.58 -33.12 -23.32
CA PHE F 344 59.29 -33.78 -23.15
C PHE F 344 58.16 -32.75 -22.93
N VAL F 345 58.47 -31.64 -22.25
CA VAL F 345 57.49 -30.59 -21.98
C VAL F 345 57.07 -29.84 -23.27
N GLU F 346 58.03 -29.49 -24.13
CA GLU F 346 57.72 -28.78 -25.37
C GLU F 346 56.95 -29.64 -26.38
N HIS F 347 57.12 -30.97 -26.34
CA HIS F 347 56.41 -31.88 -27.26
C HIS F 347 54.94 -32.11 -26.87
N CYS F 348 54.52 -31.70 -25.67
CA CYS F 348 53.14 -31.88 -25.23
C CYS F 348 52.23 -30.84 -25.85
N ASN F 349 51.09 -31.27 -26.39
CA ASN F 349 50.13 -30.38 -27.02
C ASN F 349 48.87 -30.28 -26.17
N LEU F 350 48.37 -31.43 -25.71
CA LEU F 350 47.17 -31.48 -24.87
C LEU F 350 47.48 -30.98 -23.46
N VAL F 351 48.60 -31.45 -22.88
CA VAL F 351 49.02 -31.08 -21.53
C VAL F 351 49.81 -29.78 -21.55
N VAL F 352 49.33 -28.77 -20.83
CA VAL F 352 49.99 -27.47 -20.81
C VAL F 352 50.82 -27.26 -19.55
N HIS F 353 51.83 -26.37 -19.63
CA HIS F 353 52.70 -26.07 -18.51
C HIS F 353 52.27 -24.80 -17.76
N ALA F 354 52.32 -24.82 -16.43
CA ALA F 354 51.95 -23.67 -15.59
C ALA F 354 52.65 -23.71 -14.22
N VAL F 355 52.80 -22.56 -13.55
CA VAL F 355 53.42 -22.51 -12.22
C VAL F 355 52.39 -22.97 -11.18
N SER F 356 51.18 -22.39 -11.20
CA SER F 356 50.10 -22.80 -10.31
C SER F 356 49.43 -24.02 -10.96
N LEU F 357 49.21 -25.08 -10.19
CA LEU F 357 48.64 -26.30 -10.75
C LEU F 357 47.50 -26.89 -9.95
N GLY F 358 46.52 -27.43 -10.67
CA GLY F 358 45.37 -28.06 -10.05
C GLY F 358 44.05 -27.52 -10.56
N GLY F 359 43.73 -27.84 -11.80
CA GLY F 359 42.47 -27.41 -12.39
C GLY F 359 41.77 -28.50 -13.16
N ALA F 360 40.68 -28.12 -13.85
CA ALA F 360 39.91 -29.02 -14.69
C ALA F 360 40.75 -29.55 -15.85
N ASP F 361 41.76 -28.79 -16.32
CA ASP F 361 42.65 -29.20 -17.39
C ASP F 361 43.92 -29.83 -16.81
N THR F 362 44.53 -30.77 -17.54
CA THR F 362 45.74 -31.45 -17.08
C THR F 362 46.95 -30.54 -17.25
N LEU F 363 47.74 -30.37 -16.18
CA LEU F 363 48.90 -29.49 -16.21
C LEU F 363 50.22 -30.20 -15.84
N ILE F 364 51.36 -29.57 -16.19
CA ILE F 364 52.72 -30.05 -15.91
C ILE F 364 53.62 -28.93 -15.40
N GLN F 365 54.63 -29.28 -14.59
CA GLN F 365 55.55 -28.29 -14.06
C GLN F 365 56.95 -28.88 -13.81
N HIS F 366 57.99 -28.23 -14.35
CA HIS F 366 59.39 -28.62 -14.18
C HIS F 366 60.00 -27.72 -13.10
N PRO F 367 60.27 -28.27 -11.90
CA PRO F 367 60.84 -27.44 -10.82
C PRO F 367 62.25 -26.94 -11.13
N ALA F 368 63.04 -27.74 -11.85
CA ALA F 368 64.39 -27.36 -12.23
C ALA F 368 64.39 -26.22 -13.25
N SER F 369 63.49 -26.29 -14.25
CA SER F 369 63.40 -25.23 -15.27
C SER F 369 62.64 -23.98 -14.79
N LEU F 370 62.12 -23.96 -13.54
CA LEU F 370 61.39 -22.84 -12.99
C LEU F 370 62.31 -22.01 -12.08
N THR F 371 63.12 -22.68 -11.26
CA THR F 371 64.04 -22.01 -10.35
C THR F 371 65.40 -22.71 -10.32
N PRO F 381 65.10 -29.36 -5.12
CA PRO F 381 64.46 -30.27 -6.08
C PRO F 381 65.45 -30.96 -7.03
N GLY F 382 64.97 -31.97 -7.74
CA GLY F 382 65.77 -32.75 -8.69
C GLY F 382 65.82 -32.13 -10.08
N ASP F 383 66.93 -32.36 -10.81
CA ASP F 383 67.09 -31.81 -12.15
C ASP F 383 66.20 -32.48 -13.21
N GLY F 384 66.05 -33.80 -13.13
CA GLY F 384 65.22 -34.53 -14.08
C GLY F 384 63.91 -35.01 -13.49
N LEU F 385 63.11 -34.08 -12.94
CA LEU F 385 61.83 -34.43 -12.34
C LEU F 385 60.72 -33.51 -12.82
N ILE F 386 59.53 -34.07 -13.08
CA ILE F 386 58.37 -33.31 -13.54
C ILE F 386 57.11 -33.63 -12.70
N ARG F 387 56.29 -32.61 -12.42
CA ARG F 387 55.03 -32.76 -11.67
C ARG F 387 53.84 -32.78 -12.64
N LEU F 388 52.74 -33.42 -12.22
CA LEU F 388 51.56 -33.53 -13.06
C LEU F 388 50.26 -33.55 -12.24
N SER F 389 49.28 -32.71 -12.63
CA SER F 389 47.99 -32.68 -11.98
C SER F 389 46.95 -33.20 -12.97
N VAL F 390 46.45 -34.43 -12.77
CA VAL F 390 45.48 -35.05 -13.67
C VAL F 390 44.12 -34.33 -13.62
N GLY F 391 43.63 -33.91 -14.78
CA GLY F 391 42.37 -33.19 -14.90
C GLY F 391 41.18 -34.06 -15.19
N LEU F 392 40.16 -33.49 -15.86
CA LEU F 392 38.91 -34.19 -16.18
C LEU F 392 38.86 -34.75 -17.61
N GLU F 393 40.02 -34.93 -18.25
CA GLU F 393 40.08 -35.47 -19.60
C GLU F 393 39.96 -37.00 -19.62
N HIS F 394 39.64 -37.58 -20.79
CA HIS F 394 39.53 -39.02 -20.96
C HIS F 394 40.92 -39.64 -20.82
N VAL F 395 41.06 -40.70 -20.00
CA VAL F 395 42.32 -41.37 -19.72
C VAL F 395 43.09 -41.77 -21.00
N ASP F 396 42.39 -42.26 -22.03
CA ASP F 396 43.02 -42.65 -23.29
C ASP F 396 43.58 -41.46 -24.06
N ASP F 397 42.90 -40.30 -24.01
CA ASP F 397 43.35 -39.09 -24.69
C ASP F 397 44.61 -38.51 -24.04
N LEU F 398 44.73 -38.64 -22.71
CA LEU F 398 45.87 -38.15 -21.96
C LEU F 398 47.09 -39.05 -22.16
N ALA F 399 46.86 -40.38 -22.19
CA ALA F 399 47.93 -41.36 -22.37
C ALA F 399 48.49 -41.31 -23.79
N ASP F 400 47.64 -41.02 -24.80
CA ASP F 400 48.10 -40.93 -26.20
C ASP F 400 49.03 -39.72 -26.41
N ASP F 401 48.81 -38.63 -25.67
CA ASP F 401 49.61 -37.42 -25.78
C ASP F 401 50.93 -37.50 -25.00
N LEU F 402 50.90 -38.07 -23.79
CA LEU F 402 52.10 -38.20 -22.97
C LEU F 402 53.08 -39.21 -23.54
N ILE F 403 52.58 -40.34 -24.07
CA ILE F 403 53.42 -41.38 -24.64
C ILE F 403 54.12 -40.85 -25.89
N ALA F 404 53.40 -40.14 -26.76
CA ALA F 404 53.96 -39.56 -27.97
C ALA F 404 55.05 -38.52 -27.65
N ALA F 405 54.88 -37.73 -26.58
CA ALA F 405 55.86 -36.72 -26.17
C ALA F 405 57.11 -37.35 -25.55
N LEU F 406 56.96 -38.52 -24.91
CA LEU F 406 58.07 -39.28 -24.32
C LEU F 406 58.93 -39.93 -25.41
N ASP F 407 58.32 -40.30 -26.56
CA ASP F 407 59.01 -40.90 -27.69
C ASP F 407 60.07 -39.98 -28.28
N ALA F 408 59.82 -38.66 -28.26
CA ALA F 408 60.79 -37.69 -28.75
C ALA F 408 61.68 -37.23 -27.58
N SER F 409 62.53 -38.15 -27.10
CA SER F 409 63.47 -37.94 -25.99
C SER F 409 62.81 -37.42 -24.70
N TRP G 87 29.78 -8.66 -30.77
CA TRP G 87 31.22 -8.79 -30.96
C TRP G 87 31.96 -8.72 -29.63
N GLN G 88 31.65 -9.69 -28.74
CA GLN G 88 32.21 -9.86 -27.39
C GLN G 88 33.16 -11.07 -27.35
N PRO G 89 34.23 -11.01 -26.55
CA PRO G 89 35.18 -12.14 -26.51
C PRO G 89 34.67 -13.38 -25.80
N GLY G 90 33.99 -13.19 -24.66
CA GLY G 90 33.44 -14.27 -23.85
C GLY G 90 32.38 -15.08 -24.57
N VAL G 91 31.64 -14.42 -25.47
CA VAL G 91 30.60 -15.07 -26.25
C VAL G 91 31.21 -15.94 -27.34
N ALA G 92 32.23 -15.43 -28.02
CA ALA G 92 32.91 -16.16 -29.07
C ALA G 92 33.54 -17.45 -28.58
N ARG G 93 34.21 -17.42 -27.40
CA ARG G 93 34.86 -18.61 -26.85
C ARG G 93 33.85 -19.67 -26.44
N PHE G 94 32.66 -19.27 -25.98
CA PHE G 94 31.63 -20.22 -25.61
C PHE G 94 31.01 -20.81 -26.90
N GLU G 95 30.79 -19.97 -27.92
CA GLU G 95 30.21 -20.39 -29.19
C GLU G 95 31.04 -21.51 -29.84
N THR G 96 32.35 -21.29 -30.00
CA THR G 96 33.22 -22.29 -30.61
C THR G 96 33.38 -23.55 -29.76
N ALA G 97 33.28 -23.42 -28.43
CA ALA G 97 33.39 -24.58 -27.56
C ALA G 97 32.21 -25.51 -27.76
N LEU G 98 30.99 -24.95 -27.87
CA LEU G 98 29.80 -25.76 -28.07
C LEU G 98 29.73 -26.31 -29.48
N ALA G 99 30.15 -25.53 -30.48
CA ALA G 99 30.15 -25.98 -31.86
C ALA G 99 31.03 -27.23 -32.02
N GLY G 100 32.16 -27.26 -31.31
CA GLY G 100 33.08 -28.39 -31.32
C GLY G 100 32.49 -29.59 -30.61
N LEU G 101 31.76 -29.37 -29.51
CA LEU G 101 31.12 -30.42 -28.75
C LEU G 101 30.04 -31.09 -29.57
N GLU G 102 29.25 -30.29 -30.31
CA GLU G 102 28.16 -30.80 -31.16
C GLU G 102 28.63 -31.24 -32.56
N HIS G 103 29.91 -30.96 -32.91
CA HIS G 103 30.54 -31.25 -34.20
C HIS G 103 29.93 -30.47 -35.36
N ALA G 104 29.38 -29.27 -35.06
CA ALA G 104 28.79 -28.34 -36.02
C ALA G 104 29.84 -27.36 -36.54
N GLU G 105 29.60 -26.76 -37.71
CA GLU G 105 30.54 -25.82 -38.31
C GLU G 105 30.79 -24.63 -37.38
N GLU G 106 29.71 -24.03 -36.88
CA GLU G 106 29.78 -22.90 -35.95
C GLU G 106 28.51 -22.84 -35.09
N ALA G 107 28.49 -21.99 -34.07
CA ALA G 107 27.31 -21.85 -33.21
C ALA G 107 27.00 -20.37 -32.96
N VAL G 108 25.72 -20.06 -32.71
CA VAL G 108 25.31 -18.68 -32.44
C VAL G 108 24.65 -18.60 -31.08
N ALA G 109 25.18 -17.76 -30.19
CA ALA G 109 24.65 -17.66 -28.83
C ALA G 109 23.73 -16.45 -28.59
N PHE G 110 22.63 -16.70 -27.89
CA PHE G 110 21.57 -15.75 -27.56
C PHE G 110 21.36 -15.63 -26.05
N ALA G 111 20.66 -14.56 -25.61
CA ALA G 111 20.41 -14.28 -24.21
C ALA G 111 19.81 -15.47 -23.46
N THR G 112 18.74 -16.09 -24.00
CA THR G 112 18.07 -17.23 -23.40
C THR G 112 17.74 -18.29 -24.48
N GLY G 113 17.25 -19.46 -24.07
CA GLY G 113 16.84 -20.51 -25.02
C GLY G 113 15.73 -20.04 -25.93
N MET G 114 14.81 -19.21 -25.38
CA MET G 114 13.70 -18.62 -26.11
C MET G 114 14.17 -17.68 -27.20
N ALA G 115 15.21 -16.91 -26.92
CA ALA G 115 15.77 -16.01 -27.92
C ALA G 115 16.42 -16.76 -29.08
N ALA G 116 17.00 -17.95 -28.82
CA ALA G 116 17.60 -18.75 -29.87
C ALA G 116 16.53 -19.32 -30.79
N MET G 117 15.42 -19.81 -30.21
CA MET G 117 14.30 -20.34 -30.97
C MET G 117 13.62 -19.23 -31.77
N THR G 118 13.48 -18.04 -31.17
CA THR G 118 12.90 -16.87 -31.81
C THR G 118 13.72 -16.50 -33.05
N ALA G 119 15.05 -16.46 -32.90
CA ALA G 119 15.93 -16.10 -34.01
C ALA G 119 15.88 -17.14 -35.12
N ALA G 120 15.80 -18.42 -34.76
CA ALA G 120 15.72 -19.50 -35.74
C ALA G 120 14.42 -19.40 -36.53
N LEU G 121 13.32 -19.09 -35.84
CA LEU G 121 12.01 -18.94 -36.45
C LEU G 121 11.99 -17.71 -37.34
N LEU G 122 12.56 -16.60 -36.86
CA LEU G 122 12.63 -15.36 -37.64
C LEU G 122 13.52 -15.50 -38.86
N ALA G 123 14.58 -16.32 -38.78
CA ALA G 123 15.47 -16.56 -39.91
C ALA G 123 14.75 -17.33 -41.02
N ALA G 124 13.83 -18.24 -40.64
CA ALA G 124 13.05 -19.01 -41.60
C ALA G 124 12.00 -18.08 -42.22
N VAL G 125 11.32 -17.27 -41.40
CA VAL G 125 10.30 -16.34 -41.89
C VAL G 125 10.90 -15.34 -42.90
N SER G 126 12.05 -14.73 -42.55
CA SER G 126 12.76 -13.77 -43.40
C SER G 126 13.19 -14.39 -44.74
N ALA G 127 13.51 -15.69 -44.73
CA ALA G 127 13.89 -16.40 -45.94
C ALA G 127 12.70 -16.75 -46.85
N GLY G 128 11.53 -16.19 -46.59
CA GLY G 128 10.32 -16.45 -47.37
C GLY G 128 9.78 -17.86 -47.19
N THR G 129 10.03 -18.44 -46.01
CA THR G 129 9.58 -19.79 -45.69
C THR G 129 9.09 -19.84 -44.24
N PRO G 130 7.87 -19.35 -43.98
CA PRO G 130 7.40 -19.27 -42.59
C PRO G 130 6.67 -20.49 -42.02
N HIS G 131 6.59 -21.58 -42.77
CA HIS G 131 5.90 -22.77 -42.28
C HIS G 131 6.85 -23.66 -41.50
N ILE G 132 6.37 -24.20 -40.38
CA ILE G 132 7.15 -25.05 -39.50
C ILE G 132 6.38 -26.34 -39.20
N VAL G 133 7.03 -27.49 -39.44
CA VAL G 133 6.41 -28.78 -39.10
C VAL G 133 7.00 -29.18 -37.75
N ALA G 134 6.24 -29.01 -36.68
CA ALA G 134 6.71 -29.32 -35.34
C ALA G 134 6.15 -30.64 -34.83
N VAL G 135 6.96 -31.41 -34.10
CA VAL G 135 6.52 -32.69 -33.52
C VAL G 135 5.55 -32.44 -32.38
N ARG G 136 4.56 -33.32 -32.21
CA ARG G 136 3.55 -33.17 -31.15
C ARG G 136 4.17 -33.00 -29.74
N PRO G 137 5.02 -33.90 -29.17
CA PRO G 137 5.57 -33.64 -27.82
C PRO G 137 6.67 -32.59 -27.84
N LEU G 138 6.39 -31.38 -27.33
CA LEU G 138 7.37 -30.30 -27.35
C LEU G 138 7.46 -29.55 -26.00
N TYR G 139 8.57 -28.81 -25.81
CA TYR G 139 8.90 -27.97 -24.65
C TYR G 139 7.78 -26.93 -24.42
N GLY G 140 7.36 -26.76 -23.15
CA GLY G 140 6.29 -25.84 -22.74
C GLY G 140 6.32 -24.43 -23.30
N GLY G 141 7.45 -23.76 -23.21
CA GLY G 141 7.61 -22.40 -23.71
C GLY G 141 7.82 -22.30 -25.22
N SER G 142 8.43 -23.33 -25.83
CA SER G 142 8.71 -23.38 -27.27
C SER G 142 7.43 -23.57 -28.08
N ASP G 143 6.48 -24.36 -27.57
CA ASP G 143 5.22 -24.59 -28.28
C ASP G 143 4.33 -23.34 -28.28
N HIS G 144 4.46 -22.48 -27.25
CA HIS G 144 3.69 -21.22 -27.18
C HIS G 144 4.08 -20.27 -28.30
N LEU G 145 5.36 -20.26 -28.68
CA LEU G 145 5.89 -19.41 -29.73
C LEU G 145 5.28 -19.78 -31.09
N LEU G 146 5.12 -21.08 -31.34
CA LEU G 146 4.55 -21.58 -32.58
C LEU G 146 3.03 -21.45 -32.58
N GLU G 147 2.39 -21.81 -31.44
CA GLU G 147 0.94 -21.77 -31.26
C GLU G 147 0.38 -20.36 -31.47
N THR G 148 1.05 -19.35 -30.89
CA THR G 148 0.64 -17.95 -31.05
C THR G 148 0.97 -17.42 -32.43
N GLY G 149 2.13 -17.81 -32.95
CA GLY G 149 2.58 -17.38 -34.26
C GLY G 149 2.90 -15.90 -34.25
N LEU G 150 3.59 -15.45 -33.18
CA LEU G 150 3.94 -14.05 -33.00
C LEU G 150 4.92 -13.58 -34.09
N LEU G 151 5.88 -14.43 -34.43
CA LEU G 151 6.89 -14.11 -35.41
C LEU G 151 6.45 -14.25 -36.88
N GLY G 152 5.17 -14.51 -37.11
CA GLY G 152 4.64 -14.70 -38.45
C GLY G 152 4.84 -16.11 -38.96
N THR G 153 4.78 -17.09 -38.05
CA THR G 153 4.98 -18.49 -38.38
C THR G 153 3.66 -19.25 -38.42
N THR G 154 3.60 -20.27 -39.27
CA THR G 154 2.45 -21.15 -39.36
C THR G 154 2.94 -22.54 -38.99
N VAL G 155 2.37 -23.14 -37.94
CA VAL G 155 2.80 -24.46 -37.49
C VAL G 155 1.77 -25.55 -37.77
N THR G 156 2.24 -26.71 -38.20
CA THR G 156 1.36 -27.86 -38.43
C THR G 156 1.94 -29.01 -37.60
N TRP G 157 1.34 -29.25 -36.43
CA TRP G 157 1.78 -30.30 -35.52
C TRP G 157 1.58 -31.68 -36.10
N ALA G 158 2.63 -32.48 -36.18
CA ALA G 158 2.54 -33.82 -36.74
C ALA G 158 3.31 -34.86 -35.91
N LYS G 159 2.91 -36.13 -36.01
CA LYS G 159 3.59 -37.23 -35.30
C LYS G 159 4.91 -37.56 -36.00
N GLU G 160 5.84 -38.21 -35.30
CA GLU G 160 7.14 -38.55 -35.87
C GLU G 160 7.02 -39.43 -37.11
N ALA G 161 6.07 -40.37 -37.09
CA ALA G 161 5.86 -41.28 -38.20
C ALA G 161 5.41 -40.61 -39.50
N ASP G 162 4.76 -39.43 -39.43
CA ASP G 162 4.29 -38.76 -40.65
C ASP G 162 4.68 -37.28 -40.71
N ILE G 163 5.99 -37.00 -40.74
CA ILE G 163 6.50 -35.64 -40.85
C ILE G 163 6.47 -35.20 -42.30
N ALA G 164 6.95 -36.07 -43.20
CA ALA G 164 7.02 -35.84 -44.64
C ALA G 164 5.72 -35.37 -45.27
N SER G 165 4.59 -35.91 -44.79
CA SER G 165 3.27 -35.54 -45.31
C SER G 165 2.90 -34.11 -44.95
N ALA G 166 3.26 -33.68 -43.73
CA ALA G 166 2.96 -32.33 -43.26
C ALA G 166 3.83 -31.24 -43.90
N ILE G 167 4.93 -31.61 -44.57
CA ILE G 167 5.82 -30.65 -45.19
C ILE G 167 5.19 -29.99 -46.40
N GLN G 168 4.97 -28.67 -46.30
CA GLN G 168 4.41 -27.85 -47.37
C GLN G 168 5.55 -27.23 -48.20
N ASP G 169 5.21 -26.52 -49.30
CA ASP G 169 6.21 -25.88 -50.15
C ASP G 169 6.98 -24.78 -49.40
N ASP G 170 6.31 -24.10 -48.47
CA ASP G 170 6.91 -23.03 -47.67
C ASP G 170 7.45 -23.49 -46.31
N THR G 171 7.73 -24.79 -46.13
CA THR G 171 8.26 -25.29 -44.85
C THR G 171 9.76 -25.04 -44.78
N GLY G 172 10.21 -24.34 -43.73
CA GLY G 172 11.62 -24.00 -43.57
C GLY G 172 12.34 -24.71 -42.46
N LEU G 173 11.59 -25.33 -41.53
CA LEU G 173 12.19 -26.04 -40.40
C LEU G 173 11.33 -27.20 -39.93
N VAL G 174 11.97 -28.20 -39.32
CA VAL G 174 11.29 -29.34 -38.71
C VAL G 174 11.78 -29.36 -37.25
N ILE G 175 10.96 -28.86 -36.32
CA ILE G 175 11.36 -28.80 -34.92
C ILE G 175 11.07 -30.12 -34.23
N VAL G 176 12.05 -30.69 -33.53
CA VAL G 176 11.87 -31.97 -32.85
C VAL G 176 12.68 -32.08 -31.55
N GLU G 177 12.03 -32.52 -30.46
CA GLU G 177 12.70 -32.68 -29.18
C GLU G 177 12.91 -34.16 -28.85
N THR G 178 14.15 -34.55 -28.52
CA THR G 178 14.43 -35.95 -28.16
C THR G 178 15.35 -36.07 -26.94
N PRO G 179 14.92 -36.81 -25.90
CA PRO G 179 13.64 -37.54 -25.77
C PRO G 179 12.44 -36.60 -25.64
N ALA G 180 11.28 -37.01 -26.17
CA ALA G 180 10.04 -36.24 -26.20
C ALA G 180 9.50 -35.82 -24.83
N ASN G 181 9.95 -34.67 -24.31
CA ASN G 181 9.55 -34.12 -23.01
C ASN G 181 8.05 -33.80 -23.02
N PRO G 182 7.27 -34.26 -22.01
CA PRO G 182 7.67 -34.94 -20.76
C PRO G 182 7.64 -36.47 -20.75
N SER G 183 6.98 -37.11 -21.74
CA SER G 183 6.82 -38.58 -21.81
C SER G 183 8.12 -39.38 -21.96
N LEU G 184 9.20 -38.72 -22.44
CA LEU G 184 10.54 -39.27 -22.67
C LEU G 184 10.57 -40.38 -23.74
N ASP G 185 9.81 -40.18 -24.83
CA ASP G 185 9.76 -41.12 -25.95
C ASP G 185 10.93 -40.83 -26.89
N LEU G 186 11.67 -41.87 -27.30
CA LEU G 186 12.81 -41.68 -28.19
C LEU G 186 12.40 -41.46 -29.64
N VAL G 187 13.04 -40.50 -30.29
CA VAL G 187 12.76 -40.15 -31.68
C VAL G 187 13.97 -40.53 -32.54
N ASP G 188 13.76 -41.32 -33.61
CA ASP G 188 14.88 -41.70 -34.49
C ASP G 188 15.24 -40.54 -35.38
N LEU G 189 16.33 -39.84 -35.05
CA LEU G 189 16.80 -38.67 -35.79
C LEU G 189 17.16 -38.99 -37.23
N ASP G 190 17.72 -40.18 -37.48
CA ASP G 190 18.07 -40.59 -38.83
C ASP G 190 16.81 -40.68 -39.71
N SER G 191 15.70 -41.19 -39.13
CA SER G 191 14.41 -41.33 -39.82
C SER G 191 13.75 -39.98 -40.05
N VAL G 192 13.89 -39.06 -39.09
CA VAL G 192 13.31 -37.73 -39.20
C VAL G 192 14.01 -36.95 -40.32
N VAL G 193 15.35 -36.99 -40.36
CA VAL G 193 16.11 -36.29 -41.39
C VAL G 193 15.77 -36.80 -42.80
N SER G 194 15.59 -38.13 -42.96
CA SER G 194 15.22 -38.71 -44.25
C SER G 194 13.80 -38.28 -44.67
N ALA G 195 12.89 -38.11 -43.70
CA ALA G 195 11.53 -37.67 -43.96
C ALA G 195 11.49 -36.19 -44.33
N ALA G 196 12.34 -35.37 -43.72
CA ALA G 196 12.40 -33.94 -44.02
C ALA G 196 13.01 -33.69 -45.40
N GLY G 197 14.02 -34.47 -45.75
CA GLY G 197 14.70 -34.36 -47.03
C GLY G 197 15.49 -33.07 -47.13
N ASN G 198 15.03 -32.17 -48.00
CA ASN G 198 15.67 -30.86 -48.22
C ASN G 198 15.32 -29.80 -47.15
N VAL G 199 14.44 -30.12 -46.20
CA VAL G 199 14.05 -29.18 -45.15
C VAL G 199 14.98 -29.31 -43.95
N PRO G 200 15.56 -28.19 -43.48
CA PRO G 200 16.46 -28.25 -42.31
C PRO G 200 15.78 -28.75 -41.05
N VAL G 201 16.47 -29.58 -40.25
CA VAL G 201 15.90 -30.14 -39.02
C VAL G 201 16.53 -29.52 -37.77
N LEU G 202 15.71 -28.98 -36.85
CA LEU G 202 16.21 -28.39 -35.61
C LEU G 202 15.90 -29.33 -34.44
N VAL G 203 16.95 -29.79 -33.76
CA VAL G 203 16.78 -30.72 -32.65
C VAL G 203 17.08 -30.08 -31.30
N ASP G 204 16.13 -30.14 -30.35
CA ASP G 204 16.37 -29.60 -29.02
C ASP G 204 17.13 -30.64 -28.20
N ASN G 205 18.45 -30.47 -28.13
CA ASN G 205 19.36 -31.37 -27.42
C ASN G 205 19.62 -30.85 -25.99
N THR G 206 18.68 -30.12 -25.38
CA THR G 206 18.87 -29.54 -24.05
C THR G 206 19.17 -30.57 -22.96
N PHE G 207 18.30 -31.58 -22.78
CA PHE G 207 18.47 -32.59 -21.72
C PHE G 207 19.47 -33.69 -22.05
N CYS G 208 19.79 -33.87 -23.33
CA CYS G 208 20.72 -34.90 -23.74
C CYS G 208 22.15 -34.38 -23.64
N THR G 209 22.38 -33.12 -24.07
CA THR G 209 23.69 -32.46 -24.13
C THR G 209 24.61 -33.17 -25.14
N PRO G 210 25.60 -32.47 -25.72
CA PRO G 210 26.51 -33.14 -26.67
C PRO G 210 27.21 -34.39 -26.10
N VAL G 211 27.23 -34.53 -24.75
CA VAL G 211 27.82 -35.66 -24.05
C VAL G 211 27.05 -36.95 -24.35
N LEU G 212 25.72 -36.87 -24.37
CA LEU G 212 24.89 -38.05 -24.58
C LEU G 212 24.19 -38.12 -25.94
N GLN G 213 24.35 -37.10 -26.81
CA GLN G 213 23.69 -37.14 -28.13
C GLN G 213 24.30 -36.15 -29.10
N GLN G 214 24.55 -36.58 -30.34
CA GLN G 214 25.12 -35.73 -31.37
C GLN G 214 24.13 -35.67 -32.53
N PRO G 215 23.14 -34.76 -32.49
CA PRO G 215 22.15 -34.72 -33.57
C PRO G 215 22.73 -34.33 -34.93
N ILE G 216 23.81 -33.52 -34.94
CA ILE G 216 24.49 -33.09 -36.17
C ILE G 216 24.94 -34.31 -36.98
N SER G 217 25.49 -35.33 -36.30
CA SER G 217 25.96 -36.57 -36.91
C SER G 217 24.83 -37.36 -37.58
N HIS G 218 23.59 -37.24 -37.07
CA HIS G 218 22.43 -37.91 -37.66
C HIS G 218 21.83 -37.16 -38.87
N GLY G 219 22.26 -35.92 -39.11
CA GLY G 219 21.78 -35.13 -40.23
C GLY G 219 21.02 -33.88 -39.86
N ALA G 220 20.93 -33.57 -38.56
CA ALA G 220 20.22 -32.37 -38.12
C ALA G 220 21.00 -31.15 -38.56
N ALA G 221 20.31 -30.20 -39.20
CA ALA G 221 20.93 -28.97 -39.67
C ALA G 221 21.24 -28.03 -38.51
N LEU G 222 20.31 -27.95 -37.55
CA LEU G 222 20.46 -27.07 -36.40
C LEU G 222 20.25 -27.85 -35.09
N VAL G 223 20.98 -27.49 -34.03
CA VAL G 223 20.84 -28.12 -32.73
C VAL G 223 20.64 -27.04 -31.70
N LEU G 224 19.44 -26.94 -31.13
CA LEU G 224 19.13 -25.89 -30.16
C LEU G 224 19.43 -26.34 -28.73
N HIS G 225 19.81 -25.40 -27.88
CA HIS G 225 20.12 -25.67 -26.49
C HIS G 225 19.57 -24.57 -25.59
N SER G 226 19.19 -24.93 -24.37
CA SER G 226 18.79 -23.96 -23.36
C SER G 226 19.86 -24.13 -22.30
N ALA G 227 20.98 -23.44 -22.49
CA ALA G 227 22.21 -23.48 -21.70
C ALA G 227 22.03 -23.37 -20.19
N THR G 228 20.90 -22.84 -19.73
CA THR G 228 20.59 -22.69 -18.30
C THR G 228 20.62 -24.09 -17.64
N LYS G 229 19.99 -25.06 -18.29
CA LYS G 229 19.91 -26.43 -17.82
C LYS G 229 21.07 -27.28 -18.38
N TYR G 230 21.83 -27.91 -17.47
CA TYR G 230 22.95 -28.81 -17.72
C TYR G 230 24.24 -28.15 -18.28
N LEU G 231 24.16 -27.36 -19.36
CA LEU G 231 25.35 -26.71 -19.95
C LEU G 231 26.10 -25.85 -18.93
N GLY G 232 25.37 -25.03 -18.20
CA GLY G 232 25.94 -24.17 -17.16
C GLY G 232 26.23 -24.95 -15.89
N GLY G 233 25.35 -25.89 -15.57
CA GLY G 233 25.49 -26.76 -14.41
C GLY G 233 24.66 -26.33 -13.22
N HIS G 234 24.47 -25.02 -13.06
CA HIS G 234 23.72 -24.49 -11.93
C HIS G 234 22.54 -23.61 -12.33
N GLY G 235 22.52 -23.12 -13.57
CA GLY G 235 21.45 -22.28 -14.05
C GLY G 235 21.48 -20.84 -13.56
N ASP G 236 22.60 -20.44 -12.90
CA ASP G 236 22.79 -19.08 -12.38
C ASP G 236 22.93 -18.08 -13.55
N ALA G 237 23.59 -18.51 -14.63
CA ALA G 237 23.72 -17.74 -15.85
C ALA G 237 22.84 -18.37 -16.91
N MET G 238 21.93 -17.58 -17.45
CA MET G 238 20.99 -18.01 -18.48
C MET G 238 21.69 -18.04 -19.83
N GLY G 239 21.15 -18.83 -20.74
CA GLY G 239 21.72 -18.95 -22.07
C GLY G 239 20.83 -19.67 -23.05
N GLY G 240 21.24 -19.62 -24.31
CA GLY G 240 20.57 -20.25 -25.42
C GLY G 240 21.53 -20.25 -26.59
N ILE G 241 21.75 -21.40 -27.22
CA ILE G 241 22.72 -21.48 -28.32
C ILE G 241 22.30 -22.50 -29.38
N ILE G 242 22.58 -22.21 -30.66
CA ILE G 242 22.27 -23.12 -31.76
C ILE G 242 23.56 -23.50 -32.48
N ALA G 243 23.92 -24.78 -32.49
CA ALA G 243 25.10 -25.25 -33.19
C ALA G 243 24.62 -25.69 -34.56
N THR G 244 25.08 -25.02 -35.62
CA THR G 244 24.62 -25.29 -36.99
C THR G 244 25.71 -25.02 -38.06
N ASN G 245 25.41 -25.33 -39.33
CA ASN G 245 26.28 -25.09 -40.48
C ASN G 245 26.46 -23.57 -40.72
N ALA G 246 27.47 -23.20 -41.50
CA ALA G 246 27.79 -21.81 -41.81
C ALA G 246 26.63 -20.96 -42.37
N ASP G 247 25.81 -21.49 -43.30
CA ASP G 247 24.67 -20.73 -43.87
C ASP G 247 23.62 -20.36 -42.81
N TRP G 248 23.17 -21.36 -42.04
CA TRP G 248 22.20 -21.11 -41.00
C TRP G 248 22.79 -20.27 -39.87
N ALA G 249 24.09 -20.41 -39.60
CA ALA G 249 24.73 -19.61 -38.56
C ALA G 249 24.84 -18.15 -38.99
N MET G 250 25.13 -17.90 -40.28
CA MET G 250 25.18 -16.53 -40.79
C MET G 250 23.78 -15.91 -40.74
N ARG G 251 22.76 -16.70 -41.09
CA ARG G 251 21.36 -16.29 -41.07
C ARG G 251 20.92 -15.90 -39.66
N LEU G 252 21.34 -16.69 -38.65
CA LEU G 252 21.03 -16.47 -37.24
C LEU G 252 21.75 -15.24 -36.71
N ARG G 253 23.00 -15.03 -37.12
CA ARG G 253 23.77 -13.86 -36.70
C ARG G 253 23.14 -12.59 -37.23
N GLN G 254 22.59 -12.63 -38.47
CA GLN G 254 21.93 -11.48 -39.09
C GLN G 254 20.69 -11.10 -38.29
N VAL G 255 19.92 -12.10 -37.82
CA VAL G 255 18.73 -11.86 -37.01
C VAL G 255 19.16 -11.24 -35.69
N ARG G 256 20.14 -11.86 -35.03
CA ARG G 256 20.71 -11.40 -33.76
C ARG G 256 21.17 -9.95 -33.84
N ALA G 257 21.75 -9.55 -34.98
CA ALA G 257 22.24 -8.21 -35.21
C ALA G 257 21.18 -7.12 -35.03
N ILE G 258 19.98 -7.31 -35.57
CA ILE G 258 18.92 -6.29 -35.44
C ILE G 258 17.89 -6.65 -34.37
N THR G 259 17.73 -7.94 -34.02
CA THR G 259 16.83 -8.37 -32.95
C THR G 259 17.44 -8.03 -31.56
N GLY G 260 18.77 -8.01 -31.47
CA GLY G 260 19.49 -7.65 -30.24
C GLY G 260 19.36 -8.54 -29.03
N ALA G 261 19.07 -9.83 -29.22
CA ALA G 261 18.94 -10.77 -28.09
C ALA G 261 20.29 -11.38 -27.71
N LEU G 262 21.26 -10.52 -27.39
CA LEU G 262 22.63 -10.91 -27.09
C LEU G 262 22.89 -11.56 -25.74
N LEU G 263 23.87 -12.48 -25.69
CA LEU G 263 24.30 -13.13 -24.45
C LEU G 263 25.27 -12.18 -23.76
N HIS G 264 25.10 -11.94 -22.45
CA HIS G 264 26.01 -11.07 -21.72
C HIS G 264 27.32 -11.81 -21.51
N PRO G 265 28.48 -11.13 -21.66
CA PRO G 265 29.75 -11.83 -21.51
C PRO G 265 29.92 -12.53 -20.17
N MET G 266 29.39 -11.95 -19.09
CA MET G 266 29.46 -12.57 -17.77
C MET G 266 28.72 -13.91 -17.77
N GLY G 267 27.54 -13.91 -18.36
CA GLY G 267 26.74 -15.12 -18.48
C GLY G 267 27.39 -16.15 -19.37
N ALA G 268 28.02 -15.69 -20.46
CA ALA G 268 28.71 -16.59 -21.38
C ALA G 268 29.94 -17.22 -20.72
N TYR G 269 30.62 -16.46 -19.85
CA TYR G 269 31.79 -16.91 -19.10
C TYR G 269 31.39 -18.03 -18.15
N LEU G 270 30.28 -17.86 -17.43
CA LEU G 270 29.82 -18.88 -16.50
C LEU G 270 29.43 -20.18 -17.24
N LEU G 271 28.88 -20.04 -18.46
CA LEU G 271 28.48 -21.19 -19.28
C LEU G 271 29.71 -21.92 -19.80
N HIS G 272 30.69 -21.19 -20.31
CA HIS G 272 31.92 -21.78 -20.82
C HIS G 272 32.73 -22.45 -19.69
N ARG G 273 32.66 -21.90 -18.46
CA ARG G 273 33.33 -22.45 -17.28
C ARG G 273 32.67 -23.80 -16.96
N GLY G 274 31.34 -23.84 -16.92
CA GLY G 274 30.57 -25.05 -16.67
C GLY G 274 30.66 -26.09 -17.76
N LEU G 275 30.99 -25.67 -18.97
CA LEU G 275 31.15 -26.56 -20.11
C LEU G 275 32.34 -27.48 -19.91
N ARG G 276 33.40 -27.01 -19.21
CA ARG G 276 34.59 -27.82 -18.95
C ARG G 276 34.25 -29.07 -18.13
N THR G 277 33.33 -28.93 -17.19
CA THR G 277 32.94 -30.06 -16.33
C THR G 277 31.70 -30.82 -16.83
N LEU G 278 31.13 -30.44 -17.99
CA LEU G 278 29.93 -31.08 -18.54
C LEU G 278 30.07 -32.58 -18.74
N ALA G 279 31.24 -33.00 -19.24
CA ALA G 279 31.49 -34.40 -19.48
C ALA G 279 31.36 -35.27 -18.22
N VAL G 280 32.03 -34.87 -17.11
CA VAL G 280 31.98 -35.65 -15.87
C VAL G 280 30.65 -35.53 -15.15
N ARG G 281 29.91 -34.43 -15.36
CA ARG G 281 28.63 -34.23 -14.70
C ARG G 281 27.55 -35.06 -15.33
N MET G 282 27.45 -35.04 -16.67
CA MET G 282 26.41 -35.81 -17.36
C MET G 282 26.62 -37.30 -17.23
N ARG G 283 27.89 -37.75 -17.23
CA ARG G 283 28.20 -39.17 -17.10
C ARG G 283 27.82 -39.65 -15.70
N ALA G 284 28.12 -38.84 -14.67
CA ALA G 284 27.80 -39.21 -13.30
C ALA G 284 26.29 -39.14 -13.05
N ALA G 285 25.59 -38.16 -13.65
CA ALA G 285 24.15 -38.04 -13.46
C ALA G 285 23.39 -39.15 -14.19
N GLN G 286 23.91 -39.62 -15.33
CA GLN G 286 23.30 -40.69 -16.10
C GLN G 286 23.44 -42.02 -15.38
N THR G 287 24.64 -42.30 -14.83
CA THR G 287 24.88 -43.55 -14.12
C THR G 287 24.06 -43.63 -12.83
N THR G 288 23.87 -42.50 -12.11
CA THR G 288 23.05 -42.49 -10.90
C THR G 288 21.55 -42.58 -11.24
N ALA G 289 21.14 -42.09 -12.42
CA ALA G 289 19.74 -42.15 -12.85
C ALA G 289 19.33 -43.58 -13.22
N GLY G 290 20.24 -44.31 -13.86
CA GLY G 290 20.00 -45.70 -14.26
C GLY G 290 19.75 -46.63 -13.09
N GLU G 291 20.48 -46.42 -11.99
CA GLU G 291 20.32 -47.21 -10.77
C GLU G 291 19.04 -46.79 -10.06
N LEU G 292 18.72 -45.48 -10.05
CA LEU G 292 17.51 -44.97 -9.41
C LEU G 292 16.25 -45.44 -10.11
N ALA G 293 16.29 -45.62 -11.44
CA ALA G 293 15.14 -46.08 -12.23
C ALA G 293 14.79 -47.55 -11.97
N GLU G 294 15.79 -48.35 -11.55
CA GLU G 294 15.59 -49.75 -11.20
C GLU G 294 14.88 -49.81 -9.84
N ARG G 295 15.31 -48.96 -8.88
CA ARG G 295 14.73 -48.90 -7.55
C ARG G 295 13.30 -48.32 -7.55
N LEU G 296 12.99 -47.45 -8.52
CA LEU G 296 11.67 -46.84 -8.65
C LEU G 296 10.62 -47.85 -9.10
N ASP G 297 10.95 -48.66 -10.12
CA ASP G 297 10.05 -49.66 -10.69
C ASP G 297 9.66 -50.75 -9.68
N ALA G 298 10.56 -51.03 -8.71
CA ALA G 298 10.37 -52.04 -7.68
C ALA G 298 9.36 -51.62 -6.60
N HIS G 299 9.22 -50.31 -6.35
CA HIS G 299 8.27 -49.82 -5.34
C HIS G 299 6.84 -49.90 -5.87
N PRO G 300 5.92 -50.42 -5.05
CA PRO G 300 4.53 -50.55 -5.53
C PRO G 300 3.72 -49.27 -5.56
N ALA G 301 4.27 -48.15 -5.04
CA ALA G 301 3.57 -46.87 -5.02
C ALA G 301 3.38 -46.31 -6.44
N ILE G 302 4.35 -46.55 -7.33
CA ILE G 302 4.23 -46.09 -8.71
C ILE G 302 3.91 -47.25 -9.64
N SER G 303 3.08 -46.99 -10.65
CA SER G 303 2.69 -48.03 -11.59
C SER G 303 3.82 -48.39 -12.57
N VAL G 304 4.37 -47.40 -13.30
CA VAL G 304 5.45 -47.67 -14.24
C VAL G 304 6.47 -46.51 -14.28
N VAL G 305 7.71 -46.82 -14.67
CA VAL G 305 8.77 -45.81 -14.80
C VAL G 305 9.13 -45.67 -16.29
N HIS G 306 9.27 -44.42 -16.77
CA HIS G 306 9.60 -44.14 -18.17
C HIS G 306 11.06 -43.73 -18.34
N TYR G 307 11.98 -44.67 -18.09
CA TYR G 307 13.40 -44.41 -18.26
C TYR G 307 13.95 -45.26 -19.39
N PRO G 308 14.24 -44.67 -20.56
CA PRO G 308 14.79 -45.47 -21.66
C PRO G 308 16.25 -45.80 -21.39
N GLY G 309 16.47 -46.90 -20.68
CA GLY G 309 17.79 -47.38 -20.27
C GLY G 309 17.68 -48.76 -19.67
N LEU G 310 16.60 -49.01 -18.91
CA LEU G 310 16.27 -50.31 -18.33
C LEU G 310 15.85 -51.17 -19.52
N LYS G 311 16.51 -52.34 -19.71
CA LYS G 311 16.23 -53.22 -20.85
C LYS G 311 14.74 -53.53 -21.04
N GLY G 312 14.25 -53.25 -22.24
CA GLY G 312 12.84 -53.38 -22.58
C GLY G 312 12.22 -52.05 -22.95
N GLN G 313 12.69 -50.98 -22.30
CA GLN G 313 12.21 -49.63 -22.57
C GLN G 313 13.03 -48.99 -23.70
N ASP G 314 13.39 -49.78 -24.72
CA ASP G 314 14.13 -49.35 -25.90
C ASP G 314 13.81 -50.30 -27.06
N PRO G 315 12.61 -50.19 -27.63
CA PRO G 315 12.24 -51.10 -28.72
C PRO G 315 12.86 -50.72 -30.07
N ARG G 316 13.25 -49.45 -30.24
CA ARG G 316 13.82 -48.96 -31.48
C ARG G 316 15.32 -49.23 -31.63
N GLY G 317 16.01 -49.53 -30.53
CA GLY G 317 17.45 -49.74 -30.56
C GLY G 317 18.20 -48.43 -30.73
N LEU G 318 17.65 -47.34 -30.20
CA LEU G 318 18.25 -46.01 -30.32
C LEU G 318 19.41 -45.78 -29.37
N LEU G 319 19.48 -46.53 -28.25
CA LEU G 319 20.57 -46.36 -27.30
C LEU G 319 21.82 -47.03 -27.85
N GLY G 320 22.91 -46.28 -27.91
CA GLY G 320 24.18 -46.72 -28.46
C GLY G 320 24.37 -46.17 -29.85
N ARG G 321 23.32 -46.30 -30.67
CA ARG G 321 23.28 -45.83 -32.05
C ARG G 321 23.14 -44.30 -32.10
N GLN G 322 22.30 -43.74 -31.22
CA GLN G 322 22.02 -42.30 -31.17
C GLN G 322 22.36 -41.69 -29.81
N MET G 323 22.00 -42.38 -28.71
CA MET G 323 22.28 -41.89 -27.37
C MET G 323 23.45 -42.61 -26.70
N SER G 324 24.09 -41.96 -25.72
CA SER G 324 25.19 -42.55 -24.99
C SER G 324 24.67 -43.57 -23.97
N GLY G 325 23.58 -43.22 -23.30
CA GLY G 325 22.93 -44.09 -22.33
C GLY G 325 21.49 -43.70 -22.13
N GLY G 326 20.97 -43.89 -20.92
CA GLY G 326 19.60 -43.57 -20.59
C GLY G 326 19.31 -42.11 -20.27
N GLY G 327 20.35 -41.32 -20.11
CA GLY G 327 20.22 -39.91 -19.78
C GLY G 327 20.01 -39.67 -18.30
N ALA G 328 19.81 -38.40 -17.92
CA ALA G 328 19.60 -38.04 -16.52
C ALA G 328 18.19 -37.51 -16.29
N MET G 329 17.21 -38.01 -17.05
CA MET G 329 15.82 -37.58 -16.90
C MET G 329 14.94 -38.80 -16.66
N ILE G 330 14.10 -38.76 -15.62
CA ILE G 330 13.22 -39.88 -15.30
C ILE G 330 11.78 -39.42 -15.19
N ALA G 331 10.88 -40.06 -15.94
CA ALA G 331 9.44 -39.76 -15.88
C ALA G 331 8.72 -40.89 -15.14
N MET G 332 7.66 -40.58 -14.37
CA MET G 332 6.96 -41.60 -13.59
C MET G 332 5.48 -41.26 -13.39
N GLU G 333 4.66 -42.30 -13.23
CA GLU G 333 3.23 -42.13 -12.98
C GLU G 333 2.82 -42.83 -11.68
N LEU G 334 2.25 -42.06 -10.75
CA LEU G 334 1.83 -42.57 -9.45
C LEU G 334 0.52 -43.30 -9.56
N ALA G 335 0.40 -44.43 -8.87
CA ALA G 335 -0.83 -45.20 -8.88
C ALA G 335 -1.99 -44.49 -8.16
N GLY G 336 -1.68 -43.59 -7.23
CA GLY G 336 -2.70 -42.85 -6.51
C GLY G 336 -3.26 -41.63 -7.24
N GLY G 337 -2.75 -41.34 -8.43
CA GLY G 337 -3.19 -40.21 -9.23
C GLY G 337 -2.68 -38.88 -8.73
N PHE G 338 -3.50 -37.83 -8.87
CA PHE G 338 -3.14 -36.47 -8.44
C PHE G 338 -3.05 -36.36 -6.91
N ASP G 339 -3.85 -37.15 -6.18
CA ASP G 339 -3.84 -37.15 -4.72
C ASP G 339 -2.49 -37.58 -4.16
N ALA G 340 -1.92 -38.68 -4.68
CA ALA G 340 -0.62 -39.16 -4.23
C ALA G 340 0.55 -38.34 -4.80
N ALA G 341 0.35 -37.68 -5.95
CA ALA G 341 1.37 -36.88 -6.60
C ALA G 341 1.80 -35.65 -5.79
N ARG G 342 0.84 -34.88 -5.25
CA ARG G 342 1.18 -33.69 -4.45
C ARG G 342 1.69 -34.07 -3.05
N SER G 343 1.21 -35.18 -2.50
CA SER G 343 1.62 -35.64 -1.18
C SER G 343 3.06 -36.14 -1.20
N PHE G 344 3.47 -36.79 -2.29
CA PHE G 344 4.83 -37.31 -2.44
C PHE G 344 5.85 -36.18 -2.59
N VAL G 345 5.46 -35.07 -3.26
CA VAL G 345 6.32 -33.91 -3.47
C VAL G 345 6.64 -33.19 -2.15
N GLU G 346 5.62 -32.96 -1.30
CA GLU G 346 5.83 -32.26 -0.03
C GLU G 346 6.66 -33.07 0.98
N HIS G 347 6.61 -34.41 0.91
CA HIS G 347 7.39 -35.26 1.82
C HIS G 347 8.90 -35.32 1.48
N CYS G 348 9.33 -34.63 0.40
CA CYS G 348 10.73 -34.60 0.00
C CYS G 348 11.49 -33.54 0.80
N ASN G 349 12.62 -33.93 1.43
CA ASN G 349 13.48 -33.04 2.20
C ASN G 349 14.74 -32.69 1.37
N LEU G 350 15.31 -33.70 0.69
CA LEU G 350 16.51 -33.56 -0.15
C LEU G 350 16.13 -33.03 -1.53
N VAL G 351 15.10 -33.62 -2.16
CA VAL G 351 14.70 -33.20 -3.49
C VAL G 351 13.79 -32.00 -3.47
N VAL G 352 14.19 -30.92 -4.12
CA VAL G 352 13.40 -29.70 -4.17
C VAL G 352 12.64 -29.62 -5.53
N HIS G 353 11.45 -29.00 -5.52
CA HIS G 353 10.62 -28.83 -6.72
C HIS G 353 10.90 -27.46 -7.36
N ALA G 354 10.88 -27.39 -8.70
CA ALA G 354 11.08 -26.15 -9.46
C ALA G 354 10.45 -26.22 -10.87
N VAL G 355 10.19 -25.06 -11.51
CA VAL G 355 9.63 -25.04 -12.86
C VAL G 355 10.73 -25.34 -13.88
N SER G 356 11.86 -24.62 -13.78
CA SER G 356 13.02 -24.88 -14.64
C SER G 356 13.79 -26.04 -14.02
N LEU G 357 14.14 -27.05 -14.83
CA LEU G 357 14.82 -28.22 -14.29
C LEU G 357 16.04 -28.65 -15.10
N GLY G 358 17.08 -29.07 -14.40
CA GLY G 358 18.32 -29.52 -15.02
C GLY G 358 19.56 -28.88 -14.40
N GLY G 359 19.86 -29.24 -13.17
CA GLY G 359 21.02 -28.67 -12.49
C GLY G 359 21.81 -29.69 -11.71
N ALA G 360 22.75 -29.20 -10.90
CA ALA G 360 23.60 -30.04 -10.05
C ALA G 360 22.80 -30.71 -8.93
N ASP G 361 21.70 -30.08 -8.48
CA ASP G 361 20.84 -30.64 -7.45
C ASP G 361 19.66 -31.39 -8.09
N THR G 362 19.17 -32.45 -7.43
CA THR G 362 18.06 -33.27 -7.93
C THR G 362 16.75 -32.51 -7.86
N LEU G 363 15.96 -32.55 -8.94
CA LEU G 363 14.70 -31.82 -9.02
C LEU G 363 13.47 -32.69 -9.30
N ILE G 364 12.28 -32.16 -9.00
CA ILE G 364 10.97 -32.79 -9.22
C ILE G 364 10.00 -31.76 -9.82
N GLN G 365 9.11 -32.18 -10.73
CA GLN G 365 8.14 -31.26 -11.33
C GLN G 365 6.81 -31.91 -11.65
N HIS G 366 5.72 -31.37 -11.08
CA HIS G 366 4.36 -31.87 -11.30
C HIS G 366 3.67 -31.01 -12.36
N PRO G 367 3.49 -31.54 -13.59
CA PRO G 367 2.85 -30.74 -14.64
C PRO G 367 1.38 -30.41 -14.35
N ALA G 368 0.68 -31.31 -13.66
CA ALA G 368 -0.71 -31.08 -13.30
C ALA G 368 -0.84 -29.98 -12.24
N SER G 369 0.05 -29.99 -11.23
CA SER G 369 0.01 -28.97 -10.18
C SER G 369 0.64 -27.62 -10.61
N LEU G 370 1.17 -27.53 -11.84
CA LEU G 370 1.78 -26.29 -12.36
C LEU G 370 0.79 -25.55 -13.25
N THR G 371 0.07 -26.28 -14.11
CA THR G 371 -0.90 -25.68 -15.02
C THR G 371 -2.19 -26.50 -15.08
N PRO G 381 -1.12 -32.90 -20.47
CA PRO G 381 -0.40 -33.77 -19.52
C PRO G 381 -1.33 -34.58 -18.59
N GLY G 382 -0.76 -35.57 -17.93
CA GLY G 382 -1.48 -36.45 -17.02
C GLY G 382 -1.61 -35.89 -15.61
N ASP G 383 -2.69 -36.26 -14.92
CA ASP G 383 -2.94 -35.77 -13.56
C ASP G 383 -1.99 -36.39 -12.52
N GLY G 384 -1.71 -37.68 -12.63
CA GLY G 384 -0.82 -38.35 -11.70
C GLY G 384 0.54 -38.67 -12.29
N LEU G 385 1.25 -37.65 -12.77
CA LEU G 385 2.56 -37.84 -13.38
C LEU G 385 3.57 -36.83 -12.84
N ILE G 386 4.80 -37.29 -12.58
CA ILE G 386 5.87 -36.44 -12.06
C ILE G 386 7.16 -36.59 -12.90
N ARG G 387 7.88 -35.49 -13.10
CA ARG G 387 9.16 -35.48 -13.82
C ARG G 387 10.32 -35.42 -12.81
N LEU G 388 11.52 -35.89 -13.22
CA LEU G 388 12.68 -35.88 -12.33
C LEU G 388 14.01 -35.62 -13.04
N SER G 389 14.76 -34.62 -12.58
CA SER G 389 16.07 -34.27 -13.11
C SER G 389 17.13 -34.76 -12.13
N VAL G 390 17.83 -35.85 -12.48
CA VAL G 390 18.86 -36.42 -11.62
C VAL G 390 20.11 -35.55 -11.59
N GLY G 391 20.55 -35.20 -10.38
CA GLY G 391 21.71 -34.35 -10.16
C GLY G 391 22.99 -35.11 -9.89
N LEU G 392 23.85 -34.53 -9.03
CA LEU G 392 25.14 -35.12 -8.70
C LEU G 392 25.20 -35.72 -7.30
N GLU G 393 24.06 -36.05 -6.70
CA GLU G 393 24.05 -36.65 -5.36
C GLU G 393 24.33 -38.15 -5.38
N HIS G 394 24.66 -38.72 -4.21
CA HIS G 394 24.93 -40.14 -4.08
C HIS G 394 23.62 -40.90 -4.28
N VAL G 395 23.63 -41.92 -5.15
CA VAL G 395 22.45 -42.73 -5.50
C VAL G 395 21.69 -43.26 -4.26
N ASP G 396 22.41 -43.71 -3.23
CA ASP G 396 21.80 -44.22 -2.00
C ASP G 396 21.08 -43.12 -1.20
N ASP G 397 21.64 -41.90 -1.18
CA ASP G 397 21.05 -40.77 -0.45
C ASP G 397 19.75 -40.29 -1.12
N LEU G 398 19.69 -40.37 -2.45
CA LEU G 398 18.50 -39.98 -3.20
C LEU G 398 17.41 -41.05 -3.09
N ALA G 399 17.82 -42.34 -3.11
CA ALA G 399 16.90 -43.47 -2.99
C ALA G 399 16.27 -43.50 -1.61
N ASP G 400 17.05 -43.19 -0.56
CA ASP G 400 16.52 -43.18 0.81
C ASP G 400 15.48 -42.08 1.00
N ASP G 401 15.61 -40.96 0.27
CA ASP G 401 14.70 -39.82 0.31
C ASP G 401 13.43 -40.05 -0.51
N LEU G 402 13.57 -40.60 -1.71
CA LEU G 402 12.41 -40.84 -2.59
C LEU G 402 11.53 -42.00 -2.11
N ILE G 403 12.12 -43.03 -1.48
CA ILE G 403 11.39 -44.18 -0.96
C ILE G 403 10.59 -43.80 0.29
N ALA G 404 11.19 -43.02 1.22
CA ALA G 404 10.51 -42.58 2.44
C ALA G 404 9.34 -41.63 2.15
N ALA G 405 9.45 -40.81 1.09
CA ALA G 405 8.38 -39.91 0.68
C ALA G 405 7.24 -40.68 0.02
N LEU G 406 7.56 -41.77 -0.72
CA LEU G 406 6.57 -42.64 -1.37
C LEU G 406 5.76 -43.41 -0.33
N ASP G 407 6.36 -43.75 0.83
CA ASP G 407 5.71 -44.47 1.93
C ASP G 407 4.54 -43.68 2.52
N ALA G 408 4.65 -42.35 2.53
CA ALA G 408 3.58 -41.49 3.02
C ALA G 408 2.68 -41.09 1.84
N SER G 409 1.94 -42.07 1.29
CA SER G 409 1.02 -41.91 0.15
C SER G 409 1.67 -41.26 -1.06
N TRP H 87 12.22 -12.91 -13.96
CA TRP H 87 12.00 -12.96 -12.51
C TRP H 87 13.33 -12.90 -11.75
N GLN H 88 14.15 -11.87 -12.05
CA GLN H 88 15.46 -11.63 -11.44
C GLN H 88 15.40 -10.39 -10.51
N PRO H 89 16.16 -10.40 -9.40
CA PRO H 89 16.09 -9.25 -8.47
C PRO H 89 16.78 -7.99 -8.97
N GLY H 90 17.95 -8.16 -9.59
CA GLY H 90 18.74 -7.05 -10.10
C GLY H 90 18.05 -6.31 -11.23
N VAL H 91 17.22 -7.01 -12.00
CA VAL H 91 16.49 -6.42 -13.10
C VAL H 91 15.33 -5.59 -12.59
N ALA H 92 14.61 -6.10 -11.60
CA ALA H 92 13.48 -5.41 -11.00
C ALA H 92 13.89 -4.09 -10.38
N ARG H 93 15.01 -4.05 -9.62
CA ARG H 93 15.48 -2.83 -8.96
C ARG H 93 15.90 -1.76 -9.97
N PHE H 94 16.44 -2.17 -11.12
CA PHE H 94 16.84 -1.24 -12.15
C PHE H 94 15.59 -0.73 -12.86
N GLU H 95 14.62 -1.61 -13.15
CA GLU H 95 13.37 -1.26 -13.82
C GLU H 95 12.65 -0.15 -13.06
N THR H 96 12.40 -0.33 -11.74
CA THR H 96 11.69 0.66 -10.94
C THR H 96 12.49 1.94 -10.74
N ALA H 97 13.82 1.87 -10.78
CA ALA H 97 14.64 3.07 -10.63
C ALA H 97 14.48 3.97 -11.83
N LEU H 98 14.46 3.38 -13.04
CA LEU H 98 14.31 4.15 -14.27
C LEU H 98 12.87 4.63 -14.44
N ALA H 99 11.89 3.81 -14.05
CA ALA H 99 10.49 4.22 -14.13
C ALA H 99 10.23 5.46 -13.29
N GLY H 100 10.86 5.54 -12.13
CA GLY H 100 10.76 6.70 -11.26
C GLY H 100 11.44 7.92 -11.83
N LEU H 101 12.59 7.72 -12.49
CA LEU H 101 13.34 8.80 -13.12
C LEU H 101 12.55 9.41 -14.25
N GLU H 102 11.90 8.57 -15.06
CA GLU H 102 11.10 9.01 -16.20
C GLU H 102 9.65 9.40 -15.82
N HIS H 103 9.24 9.12 -14.56
CA HIS H 103 7.91 9.38 -13.99
C HIS H 103 6.82 8.53 -14.64
N ALA H 104 7.21 7.34 -15.15
CA ALA H 104 6.33 6.35 -15.77
C ALA H 104 5.81 5.37 -14.73
N GLU H 105 4.67 4.72 -15.02
CA GLU H 105 4.07 3.76 -14.10
C GLU H 105 5.04 2.62 -13.81
N GLU H 106 5.61 2.03 -14.84
CA GLU H 106 6.57 0.94 -14.69
C GLU H 106 7.51 0.90 -15.92
N ALA H 107 8.56 0.09 -15.86
CA ALA H 107 9.49 -0.03 -16.98
C ALA H 107 9.81 -1.50 -17.25
N VAL H 108 10.15 -1.84 -18.51
CA VAL H 108 10.49 -3.21 -18.86
C VAL H 108 11.89 -3.24 -19.44
N ALA H 109 12.79 -4.04 -18.84
CA ALA H 109 14.17 -4.10 -19.28
C ALA H 109 14.52 -5.32 -20.16
N PHE H 110 15.27 -5.05 -21.22
CA PHE H 110 15.72 -6.01 -22.23
C PHE H 110 17.24 -6.08 -22.33
N ALA H 111 17.76 -7.13 -22.98
CA ALA H 111 19.19 -7.35 -23.15
C ALA H 111 19.92 -6.14 -23.75
N THR H 112 19.42 -5.59 -24.86
CA THR H 112 20.02 -4.44 -25.54
C THR H 112 18.91 -3.45 -25.96
N GLY H 113 19.30 -2.26 -26.46
CA GLY H 113 18.33 -1.28 -26.92
C GLY H 113 17.51 -1.81 -28.08
N MET H 114 18.15 -2.62 -28.94
CA MET H 114 17.50 -3.27 -30.08
C MET H 114 16.42 -4.23 -29.65
N ALA H 115 16.65 -4.98 -28.57
CA ALA H 115 15.68 -5.90 -28.04
C ALA H 115 14.46 -5.18 -27.50
N ALA H 116 14.64 -3.97 -26.93
CA ALA H 116 13.52 -3.20 -26.40
C ALA H 116 12.65 -2.69 -27.54
N MET H 117 13.28 -2.21 -28.62
CA MET H 117 12.56 -1.73 -29.80
C MET H 117 11.84 -2.88 -30.50
N THR H 118 12.50 -4.05 -30.57
CA THR H 118 11.94 -5.26 -31.17
C THR H 118 10.69 -5.66 -30.41
N ALA H 119 10.75 -5.66 -29.07
CA ALA H 119 9.60 -6.03 -28.25
C ALA H 119 8.46 -5.05 -28.38
N ALA H 120 8.77 -3.76 -28.47
CA ALA H 120 7.75 -2.72 -28.63
C ALA H 120 7.06 -2.89 -29.98
N LEU H 121 7.83 -3.19 -31.03
CA LEU H 121 7.30 -3.39 -32.36
C LEU H 121 6.46 -4.68 -32.41
N LEU H 122 6.95 -5.75 -31.78
CA LEU H 122 6.21 -7.02 -31.74
C LEU H 122 4.94 -6.91 -30.92
N ALA H 123 4.93 -6.05 -29.88
CA ALA H 123 3.74 -5.83 -29.05
C ALA H 123 2.65 -5.12 -29.86
N ALA H 124 3.04 -4.22 -30.77
CA ALA H 124 2.11 -3.52 -31.62
C ALA H 124 1.57 -4.49 -32.67
N VAL H 125 2.46 -5.29 -33.29
CA VAL H 125 2.07 -6.27 -34.30
C VAL H 125 1.07 -7.28 -33.72
N SER H 126 1.37 -7.85 -32.54
CA SER H 126 0.50 -8.82 -31.85
C SER H 126 -0.86 -8.24 -31.51
N ALA H 127 -0.92 -6.94 -31.24
CA ALA H 127 -2.19 -6.28 -30.93
C ALA H 127 -3.05 -5.99 -32.18
N GLY H 128 -2.70 -6.58 -33.32
CA GLY H 128 -3.42 -6.39 -34.57
C GLY H 128 -3.24 -4.99 -35.15
N THR H 129 -2.11 -4.35 -34.85
CA THR H 129 -1.83 -3.00 -35.31
C THR H 129 -0.36 -2.89 -35.72
N PRO H 130 -0.01 -3.40 -36.92
CA PRO H 130 1.40 -3.44 -37.30
C PRO H 130 1.97 -2.22 -38.03
N HIS H 131 1.18 -1.15 -38.17
CA HIS H 131 1.66 0.05 -38.86
C HIS H 131 2.35 0.98 -37.89
N ILE H 132 3.47 1.56 -38.32
CA ILE H 132 4.27 2.47 -37.51
C ILE H 132 4.55 3.75 -38.28
N VAL H 133 4.24 4.91 -37.69
CA VAL H 133 4.55 6.19 -38.31
C VAL H 133 5.84 6.66 -37.66
N ALA H 134 6.99 6.49 -38.32
CA ALA H 134 8.29 6.86 -37.77
C ALA H 134 8.81 8.17 -38.32
N VAL H 135 9.25 9.05 -37.43
CA VAL H 135 9.75 10.36 -37.81
C VAL H 135 11.20 10.34 -38.18
N ARG H 136 11.52 10.74 -39.41
CA ARG H 136 12.91 10.82 -39.86
C ARG H 136 13.49 12.22 -39.50
N PRO H 137 14.78 12.34 -39.09
CA PRO H 137 15.78 11.28 -38.95
C PRO H 137 15.60 10.36 -37.73
N LEU H 138 16.24 9.20 -37.79
CA LEU H 138 16.17 8.20 -36.74
C LEU H 138 17.54 7.50 -36.53
N TYR H 139 17.71 6.83 -35.37
CA TYR H 139 18.94 6.10 -35.04
C TYR H 139 19.24 5.01 -36.11
N GLY H 140 20.52 4.86 -36.46
CA GLY H 140 21.02 3.92 -37.46
C GLY H 140 20.50 2.49 -37.42
N GLY H 141 20.55 1.86 -36.25
CA GLY H 141 20.10 0.49 -36.08
C GLY H 141 18.59 0.31 -35.98
N SER H 142 17.91 1.33 -35.41
CA SER H 142 16.46 1.34 -35.22
C SER H 142 15.71 1.46 -36.55
N ASP H 143 16.24 2.26 -37.50
CA ASP H 143 15.60 2.43 -38.79
C ASP H 143 15.70 1.16 -39.65
N HIS H 144 16.75 0.34 -39.46
CA HIS H 144 16.92 -0.93 -40.17
C HIS H 144 15.82 -1.92 -39.83
N LEU H 145 15.37 -1.92 -38.58
CA LEU H 145 14.32 -2.80 -38.09
C LEU H 145 12.99 -2.50 -38.80
N LEU H 146 12.69 -1.20 -38.99
CA LEU H 146 11.47 -0.77 -39.64
C LEU H 146 11.57 -0.94 -41.15
N GLU H 147 12.72 -0.56 -41.73
CA GLU H 147 12.99 -0.62 -43.17
C GLU H 147 12.87 -2.04 -43.70
N THR H 148 13.45 -3.02 -42.98
CA THR H 148 13.37 -4.42 -43.37
C THR H 148 11.98 -4.99 -43.12
N GLY H 149 11.39 -4.61 -42.00
CA GLY H 149 10.06 -5.08 -41.60
C GLY H 149 10.11 -6.55 -41.26
N LEU H 150 11.14 -6.95 -40.51
CA LEU H 150 11.36 -8.33 -40.11
C LEU H 150 10.24 -8.81 -39.19
N LEU H 151 9.82 -7.96 -38.27
CA LEU H 151 8.79 -8.31 -37.30
C LEU H 151 7.35 -8.23 -37.82
N GLY H 152 7.18 -8.00 -39.12
CA GLY H 152 5.87 -7.88 -39.73
C GLY H 152 5.30 -6.48 -39.59
N THR H 153 6.18 -5.47 -39.61
CA THR H 153 5.78 -4.09 -39.45
C THR H 153 5.80 -3.35 -40.78
N THR H 154 4.92 -2.36 -40.91
CA THR H 154 4.86 -1.52 -42.09
C THR H 154 5.13 -0.10 -41.62
N VAL H 155 6.19 0.53 -42.14
CA VAL H 155 6.56 1.87 -41.71
C VAL H 155 6.28 2.92 -42.78
N THR H 156 5.78 4.08 -42.37
CA THR H 156 5.55 5.19 -43.28
C THR H 156 6.29 6.38 -42.69
N TRP H 157 7.49 6.66 -43.21
CA TRP H 157 8.34 7.75 -42.73
C TRP H 157 7.70 9.09 -43.03
N ALA H 158 7.56 9.94 -42.02
CA ALA H 158 6.94 11.25 -42.20
C ALA H 158 7.69 12.34 -41.45
N LYS H 159 7.50 13.60 -41.88
CA LYS H 159 8.12 14.73 -41.20
C LYS H 159 7.35 15.04 -39.92
N GLU H 160 7.98 15.75 -38.98
CA GLU H 160 7.34 16.09 -37.71
C GLU H 160 6.08 16.92 -37.91
N ALA H 161 6.11 17.83 -38.87
CA ALA H 161 4.97 18.69 -39.15
C ALA H 161 3.72 17.96 -39.64
N ASP H 162 3.86 16.78 -40.27
CA ASP H 162 2.70 16.06 -40.78
C ASP H 162 2.66 14.59 -40.36
N ILE H 163 2.56 14.35 -39.06
CA ILE H 163 2.50 12.99 -38.53
C ILE H 163 1.07 12.47 -38.62
N ALA H 164 0.11 13.31 -38.22
CA ALA H 164 -1.32 13.02 -38.21
C ALA H 164 -1.85 12.48 -39.53
N SER H 165 -1.34 13.02 -40.65
CA SER H 165 -1.77 12.62 -41.98
C SER H 165 -1.31 11.19 -42.30
N ALA H 166 -0.10 10.82 -41.86
CA ALA H 166 0.45 9.48 -42.10
C ALA H 166 -0.20 8.39 -41.24
N ILE H 167 -0.94 8.76 -40.20
CA ILE H 167 -1.58 7.79 -39.31
C ILE H 167 -2.71 7.06 -40.00
N GLN H 168 -2.54 5.74 -40.17
CA GLN H 168 -3.54 4.86 -40.75
C GLN H 168 -4.41 4.24 -39.63
N ASP H 169 -5.46 3.49 -40.01
CA ASP H 169 -6.33 2.84 -39.02
C ASP H 169 -5.59 1.79 -38.21
N ASP H 170 -4.59 1.12 -38.81
CA ASP H 170 -3.79 0.11 -38.14
C ASP H 170 -2.47 0.63 -37.55
N THR H 171 -2.36 1.94 -37.29
CA THR H 171 -1.13 2.50 -36.70
C THR H 171 -1.14 2.29 -35.21
N GLY H 172 -0.10 1.65 -34.68
CA GLY H 172 -0.01 1.35 -33.26
C GLY H 172 1.02 2.13 -32.50
N LEU H 173 1.97 2.76 -33.20
CA LEU H 173 3.03 3.53 -32.56
C LEU H 173 3.51 4.70 -33.43
N VAL H 174 4.03 5.74 -32.78
CA VAL H 174 4.62 6.90 -33.44
C VAL H 174 6.04 6.99 -32.88
N ILE H 175 7.05 6.50 -33.63
CA ILE H 175 8.42 6.51 -33.14
C ILE H 175 9.07 7.86 -33.41
N VAL H 176 9.67 8.48 -32.39
CA VAL H 176 10.31 9.79 -32.54
C VAL H 176 11.57 9.90 -31.66
N GLU H 177 12.60 10.65 -32.13
CA GLU H 177 13.84 10.86 -31.38
C GLU H 177 14.15 12.37 -31.27
N THR H 178 14.52 12.87 -30.07
CA THR H 178 14.85 14.28 -29.89
C THR H 178 15.98 14.49 -28.89
N PRO H 179 17.04 15.22 -29.27
CA PRO H 179 17.28 15.84 -30.58
C PRO H 179 17.49 14.79 -31.67
N ALA H 180 16.94 15.05 -32.88
CA ALA H 180 16.97 14.14 -34.04
C ALA H 180 18.36 13.78 -34.53
N ASN H 181 18.95 12.72 -33.95
CA ASN H 181 20.28 12.19 -34.27
C ASN H 181 20.36 11.81 -35.77
N PRO H 182 21.40 12.25 -36.51
CA PRO H 182 22.60 12.99 -36.07
C PRO H 182 22.57 14.53 -36.16
N SER H 183 21.63 15.11 -36.92
CA SER H 183 21.50 16.56 -37.13
C SER H 183 21.20 17.38 -35.85
N LEU H 184 20.64 16.71 -34.83
CA LEU H 184 20.26 17.21 -33.50
C LEU H 184 19.18 18.31 -33.56
N ASP H 185 18.17 18.12 -34.44
CA ASP H 185 17.05 19.04 -34.59
C ASP H 185 16.04 18.74 -33.49
N LEU H 186 15.57 19.78 -32.79
CA LEU H 186 14.60 19.59 -31.70
C LEU H 186 13.18 19.30 -32.19
N VAL H 187 12.52 18.33 -31.55
CA VAL H 187 11.17 17.93 -31.89
C VAL H 187 10.22 18.31 -30.76
N ASP H 188 9.13 19.06 -31.05
CA ASP H 188 8.18 19.44 -30.01
C ASP H 188 7.29 18.25 -29.65
N LEU H 189 7.60 17.60 -28.52
CA LEU H 189 6.87 16.42 -28.06
C LEU H 189 5.40 16.70 -27.79
N ASP H 190 5.08 17.89 -27.28
CA ASP H 190 3.69 18.26 -27.02
C ASP H 190 2.90 18.29 -28.33
N SER H 191 3.51 18.78 -29.42
CA SER H 191 2.88 18.86 -30.74
C SER H 191 2.73 17.48 -31.37
N VAL H 192 3.72 16.61 -31.15
CA VAL H 192 3.70 15.26 -31.69
C VAL H 192 2.56 14.46 -31.05
N VAL H 193 2.46 14.53 -29.72
CA VAL H 193 1.42 13.81 -28.99
C VAL H 193 0.01 14.25 -29.41
N SER H 194 -0.19 15.57 -29.63
CA SER H 194 -1.48 16.08 -30.08
C SER H 194 -1.82 15.59 -31.49
N ALA H 195 -0.79 15.45 -32.35
CA ALA H 195 -0.97 14.97 -33.72
C ALA H 195 -1.28 13.48 -33.75
N ALA H 196 -0.67 12.70 -32.84
CA ALA H 196 -0.92 11.26 -32.76
C ALA H 196 -2.32 10.97 -32.24
N GLY H 197 -2.76 11.76 -31.26
CA GLY H 197 -4.07 11.61 -30.66
C GLY H 197 -4.18 10.32 -29.86
N ASN H 198 -4.98 9.37 -30.35
CA ASN H 198 -5.18 8.07 -29.69
C ASN H 198 -4.06 7.04 -29.97
N VAL H 199 -3.06 7.40 -30.79
CA VAL H 199 -1.96 6.50 -31.09
C VAL H 199 -0.81 6.70 -30.08
N PRO H 200 -0.33 5.63 -29.44
CA PRO H 200 0.77 5.77 -28.46
C PRO H 200 2.06 6.31 -29.10
N VAL H 201 2.78 7.19 -28.37
CA VAL H 201 4.02 7.79 -28.89
C VAL H 201 5.27 7.23 -28.17
N LEU H 202 6.25 6.71 -28.93
CA LEU H 202 7.48 6.18 -28.34
C LEU H 202 8.62 7.15 -28.59
N VAL H 203 9.24 7.67 -27.52
CA VAL H 203 10.32 8.63 -27.65
C VAL H 203 11.67 8.05 -27.26
N ASP H 204 12.69 8.16 -28.14
CA ASP H 204 14.04 7.67 -27.83
C ASP H 204 14.82 8.71 -27.02
N ASN H 205 14.71 8.62 -25.70
CA ASN H 205 15.35 9.54 -24.78
C ASN H 205 16.77 9.08 -24.41
N THR H 206 17.46 8.35 -25.30
CA THR H 206 18.78 7.81 -25.02
C THR H 206 19.82 8.89 -24.66
N PHE H 207 20.03 9.89 -25.55
CA PHE H 207 21.04 10.93 -25.32
C PHE H 207 20.60 12.04 -24.38
N CYS H 208 19.31 12.20 -24.16
CA CYS H 208 18.79 13.23 -23.28
C CYS H 208 18.84 12.75 -21.84
N THR H 209 18.43 11.49 -21.60
CA THR H 209 18.30 10.85 -20.27
C THR H 209 17.21 11.55 -19.44
N PRO H 210 16.61 10.85 -18.46
CA PRO H 210 15.57 11.51 -17.63
C PRO H 210 16.05 12.80 -16.94
N VAL H 211 17.38 13.00 -16.85
CA VAL H 211 17.99 14.17 -16.25
C VAL H 211 17.70 15.43 -17.08
N LEU H 212 17.77 15.31 -18.40
CA LEU H 212 17.56 16.46 -19.28
C LEU H 212 16.26 16.46 -20.07
N GLN H 213 15.42 15.41 -19.93
CA GLN H 213 14.14 15.38 -20.66
C GLN H 213 13.17 14.35 -20.08
N GLN H 214 11.91 14.75 -19.91
CA GLN H 214 10.87 13.86 -19.39
C GLN H 214 9.79 13.75 -20.44
N PRO H 215 9.91 12.81 -21.39
CA PRO H 215 8.90 12.70 -22.46
C PRO H 215 7.53 12.27 -21.95
N ILE H 216 7.48 11.49 -20.85
CA ILE H 216 6.24 11.03 -20.21
C ILE H 216 5.35 12.23 -19.87
N SER H 217 5.97 13.30 -19.31
CA SER H 217 5.27 14.54 -18.93
C SER H 217 4.64 15.26 -20.12
N HIS H 218 5.24 15.13 -21.31
CA HIS H 218 4.69 15.74 -22.52
C HIS H 218 3.56 14.94 -23.17
N GLY H 219 3.34 13.71 -22.73
CA GLY H 219 2.28 12.86 -23.25
C GLY H 219 2.75 11.60 -23.96
N ALA H 220 4.06 11.33 -23.93
CA ALA H 220 4.60 10.14 -24.57
C ALA H 220 4.16 8.91 -23.80
N ALA H 221 3.62 7.92 -24.51
CA ALA H 221 3.14 6.70 -23.89
C ALA H 221 4.31 5.80 -23.49
N LEU H 222 5.34 5.74 -24.35
CA LEU H 222 6.50 4.91 -24.11
C LEU H 222 7.78 5.74 -24.27
N VAL H 223 8.81 5.44 -23.46
CA VAL H 223 10.09 6.13 -23.54
C VAL H 223 11.18 5.07 -23.65
N LEU H 224 11.81 4.96 -24.82
CA LEU H 224 12.84 3.96 -25.05
C LEU H 224 14.23 4.48 -24.68
N HIS H 225 15.09 3.57 -24.22
CA HIS H 225 16.45 3.90 -23.85
C HIS H 225 17.41 2.81 -24.32
N SER H 226 18.67 3.21 -24.65
CA SER H 226 19.76 2.29 -24.98
C SER H 226 20.87 2.54 -23.92
N ALA H 227 20.67 1.88 -22.74
CA ALA H 227 21.37 1.92 -21.44
C ALA H 227 22.88 1.97 -21.47
N THR H 228 23.51 1.43 -22.49
CA THR H 228 24.97 1.47 -22.65
C THR H 228 25.42 2.97 -22.69
N LYS H 229 24.65 3.78 -23.42
CA LYS H 229 24.87 5.21 -23.58
C LYS H 229 24.31 6.01 -22.42
N TYR H 230 25.20 6.52 -21.56
CA TYR H 230 24.86 7.44 -20.47
C TYR H 230 24.27 6.79 -19.23
N LEU H 231 23.23 5.95 -19.36
CA LEU H 231 22.57 5.34 -18.20
C LEU H 231 23.57 4.56 -17.34
N GLY H 232 24.37 3.73 -18.00
CA GLY H 232 25.40 2.93 -17.35
C GLY H 232 26.61 3.77 -16.99
N GLY H 233 26.96 4.68 -17.87
CA GLY H 233 28.06 5.60 -17.65
C GLY H 233 29.32 5.17 -18.38
N HIS H 234 29.53 3.87 -18.52
CA HIS H 234 30.74 3.36 -19.16
C HIS H 234 30.47 2.44 -20.37
N GLY H 235 29.25 1.92 -20.47
CA GLY H 235 28.89 1.05 -21.58
C GLY H 235 29.44 -0.37 -21.50
N ASP H 236 30.04 -0.73 -20.34
CA ASP H 236 30.60 -2.07 -20.08
C ASP H 236 29.46 -3.11 -20.02
N ALA H 237 28.31 -2.71 -19.45
CA ALA H 237 27.13 -3.52 -19.39
C ALA H 237 26.12 -2.95 -20.38
N MET H 238 25.70 -3.78 -21.32
CA MET H 238 24.72 -3.42 -22.33
C MET H 238 23.34 -3.42 -21.70
N GLY H 239 22.41 -2.71 -22.31
CA GLY H 239 21.05 -2.66 -21.82
C GLY H 239 20.12 -1.97 -22.78
N GLY H 240 18.83 -2.04 -22.46
CA GLY H 240 17.73 -1.46 -23.22
C GLY H 240 16.50 -1.49 -22.33
N ILE H 241 15.81 -0.35 -22.15
CA ILE H 241 14.65 -0.30 -21.26
C ILE H 241 13.58 0.66 -21.77
N ILE H 242 12.29 0.33 -21.56
CA ILE H 242 11.18 1.21 -21.96
C ILE H 242 10.38 1.57 -20.73
N ALA H 243 10.30 2.87 -20.38
CA ALA H 243 9.50 3.32 -19.24
C ALA H 243 8.14 3.69 -19.82
N THR H 244 7.09 2.99 -19.41
CA THR H 244 5.75 3.19 -19.95
C THR H 244 4.63 2.90 -18.92
N ASN H 245 3.36 3.17 -19.29
CA ASN H 245 2.17 2.88 -18.48
C ASN H 245 1.99 1.36 -18.29
N ALA H 246 1.16 0.96 -17.32
CA ALA H 246 0.89 -0.43 -17.00
C ALA H 246 0.44 -1.32 -18.19
N ASP H 247 -0.46 -0.83 -19.08
CA ASP H 247 -0.92 -1.64 -20.22
C ASP H 247 0.21 -1.98 -21.19
N TRP H 248 0.96 -0.96 -21.62
CA TRP H 248 2.07 -1.18 -22.52
C TRP H 248 3.18 -1.96 -21.85
N ALA H 249 3.39 -1.79 -20.54
CA ALA H 249 4.41 -2.54 -19.82
C ALA H 249 4.02 -4.00 -19.72
N MET H 250 2.74 -4.31 -19.48
CA MET H 250 2.28 -5.69 -19.43
C MET H 250 2.44 -6.33 -20.83
N ARG H 251 2.13 -5.57 -21.89
CA ARG H 251 2.24 -6.03 -23.26
C ARG H 251 3.69 -6.36 -23.61
N LEU H 252 4.63 -5.53 -23.15
CA LEU H 252 6.07 -5.70 -23.37
C LEU H 252 6.60 -6.89 -22.60
N ARG H 253 6.12 -7.09 -21.36
CA ARG H 253 6.53 -8.22 -20.54
C ARG H 253 6.09 -9.53 -21.19
N GLN H 254 4.88 -9.54 -21.80
CA GLN H 254 4.35 -10.74 -22.48
C GLN H 254 5.23 -11.11 -23.67
N VAL H 255 5.71 -10.10 -24.41
CA VAL H 255 6.60 -10.34 -25.55
C VAL H 255 7.91 -10.88 -25.03
N ARG H 256 8.50 -10.21 -24.02
CA ARG H 256 9.75 -10.62 -23.37
C ARG H 256 9.70 -12.06 -22.88
N ALA H 257 8.54 -12.49 -22.38
CA ALA H 257 8.34 -13.83 -21.87
C ALA H 257 8.62 -14.93 -22.90
N ILE H 258 8.12 -14.79 -24.14
CA ILE H 258 8.37 -15.82 -25.16
C ILE H 258 9.49 -15.43 -26.14
N THR H 259 9.79 -14.13 -26.29
CA THR H 259 10.89 -13.68 -27.14
C THR H 259 12.26 -13.95 -26.44
N GLY H 260 12.28 -13.95 -25.11
CA GLY H 260 13.47 -14.23 -24.30
C GLY H 260 14.65 -13.29 -24.39
N ALA H 261 14.43 -12.01 -24.71
CA ALA H 261 15.53 -11.04 -24.79
C ALA H 261 15.80 -10.38 -23.41
N LEU H 262 16.11 -11.21 -22.42
CA LEU H 262 16.32 -10.78 -21.05
C LEU H 262 17.62 -10.08 -20.72
N LEU H 263 17.59 -9.13 -19.74
CA LEU H 263 18.79 -8.43 -19.26
C LEU H 263 19.45 -9.33 -18.22
N HIS H 264 20.76 -9.51 -18.29
CA HIS H 264 21.46 -10.34 -17.30
C HIS H 264 21.56 -9.56 -15.99
N PRO H 265 21.35 -10.23 -14.84
CA PRO H 265 21.39 -9.50 -13.56
C PRO H 265 22.68 -8.74 -13.32
N MET H 266 23.82 -9.28 -13.75
CA MET H 266 25.10 -8.59 -13.60
C MET H 266 25.10 -7.28 -14.38
N GLY H 267 24.59 -7.34 -15.60
CA GLY H 267 24.49 -6.15 -16.44
C GLY H 267 23.50 -5.15 -15.87
N ALA H 268 22.39 -5.63 -15.30
CA ALA H 268 21.39 -4.76 -14.71
C ALA H 268 21.94 -4.07 -13.45
N TYR H 269 22.80 -4.78 -12.69
CA TYR H 269 23.44 -4.26 -11.49
C TYR H 269 24.37 -3.11 -11.85
N LEU H 270 25.17 -3.28 -12.91
CA LEU H 270 26.08 -2.23 -13.34
C LEU H 270 25.30 -0.98 -13.79
N LEU H 271 24.12 -1.17 -14.42
CA LEU H 271 23.28 -0.08 -14.89
C LEU H 271 22.66 0.67 -13.72
N HIS H 272 22.13 -0.07 -12.76
CA HIS H 272 21.53 0.53 -11.57
C HIS H 272 22.58 1.27 -10.71
N ARG H 273 23.83 0.76 -10.70
CA ARG H 273 24.93 1.38 -9.96
C ARG H 273 25.24 2.74 -10.63
N GLY H 274 25.35 2.74 -11.95
CA GLY H 274 25.62 3.95 -12.72
C GLY H 274 24.49 4.95 -12.72
N LEU H 275 23.27 4.49 -12.46
CA LEU H 275 22.09 5.33 -12.38
C LEU H 275 22.18 6.29 -11.20
N ARG H 276 22.87 5.89 -10.11
CA ARG H 276 23.04 6.73 -8.91
C ARG H 276 23.82 8.01 -9.24
N THR H 277 24.81 7.90 -10.12
CA THR H 277 25.63 9.04 -10.49
C THR H 277 25.15 9.77 -11.77
N LEU H 278 24.03 9.33 -12.39
CA LEU H 278 23.52 9.90 -13.63
C LEU H 278 23.25 11.39 -13.55
N ALA H 279 22.67 11.82 -12.45
CA ALA H 279 22.33 13.23 -12.26
C ALA H 279 23.57 14.16 -12.33
N VAL H 280 24.64 13.84 -11.59
CA VAL H 280 25.83 14.68 -11.59
C VAL H 280 26.65 14.53 -12.86
N ARG H 281 26.55 13.39 -13.56
CA ARG H 281 27.29 13.18 -14.79
C ARG H 281 26.70 13.95 -15.94
N MET H 282 25.37 13.87 -16.13
CA MET H 282 24.73 14.57 -17.24
C MET H 282 24.79 16.08 -17.07
N ARG H 283 24.68 16.57 -15.82
CA ARG H 283 24.76 18.00 -15.56
C ARG H 283 26.16 18.51 -15.88
N ALA H 284 27.20 17.76 -15.47
CA ALA H 284 28.58 18.17 -15.73
C ALA H 284 28.94 18.05 -17.20
N ALA H 285 28.43 17.03 -17.90
CA ALA H 285 28.71 16.85 -19.33
C ALA H 285 27.99 17.90 -20.17
N GLN H 286 26.80 18.34 -19.74
CA GLN H 286 26.02 19.36 -20.46
C GLN H 286 26.69 20.72 -20.32
N THR H 287 27.14 21.07 -19.11
CA THR H 287 27.80 22.35 -18.87
C THR H 287 29.14 22.45 -19.62
N THR H 288 29.91 21.34 -19.71
CA THR H 288 31.17 21.36 -20.46
C THR H 288 30.93 21.36 -21.98
N ALA H 289 29.79 20.81 -22.44
CA ALA H 289 29.44 20.81 -23.86
C ALA H 289 29.04 22.21 -24.34
N GLY H 290 28.32 22.95 -23.50
CA GLY H 290 27.88 24.31 -23.82
C GLY H 290 29.03 25.27 -24.05
N GLU H 291 30.11 25.13 -23.26
CA GLU H 291 31.32 25.94 -23.39
C GLU H 291 32.13 25.46 -24.62
N LEU H 292 32.17 24.15 -24.86
CA LEU H 292 32.90 23.56 -25.99
C LEU H 292 32.28 23.95 -27.32
N ALA H 293 30.95 24.06 -27.38
CA ALA H 293 30.24 24.44 -28.60
C ALA H 293 30.53 25.89 -29.00
N GLU H 294 30.78 26.77 -28.01
CA GLU H 294 31.11 28.18 -28.27
C GLU H 294 32.51 28.27 -28.91
N ARG H 295 33.46 27.48 -28.38
CA ARG H 295 34.83 27.45 -28.89
C ARG H 295 34.93 26.79 -30.26
N LEU H 296 34.04 25.84 -30.56
CA LEU H 296 34.03 25.14 -31.83
C LEU H 296 33.66 26.04 -33.02
N ASP H 297 32.52 26.75 -32.97
CA ASP H 297 32.09 27.62 -34.07
C ASP H 297 33.03 28.79 -34.32
N ALA H 298 33.77 29.23 -33.30
CA ALA H 298 34.74 30.32 -33.45
C ALA H 298 35.93 29.92 -34.33
N HIS H 299 36.26 28.61 -34.36
CA HIS H 299 37.37 28.08 -35.16
C HIS H 299 36.98 28.12 -36.63
N PRO H 300 37.90 28.61 -37.50
CA PRO H 300 37.57 28.68 -38.93
C PRO H 300 37.63 27.35 -39.69
N ALA H 301 38.10 26.28 -39.05
CA ALA H 301 38.19 24.96 -39.67
C ALA H 301 36.82 24.38 -39.96
N ILE H 302 35.87 24.61 -39.06
CA ILE H 302 34.52 24.13 -39.23
C ILE H 302 33.60 25.27 -39.66
N SER H 303 32.64 24.96 -40.53
CA SER H 303 31.71 25.96 -41.03
C SER H 303 30.65 26.33 -39.97
N VAL H 304 29.91 25.33 -39.47
CA VAL H 304 28.88 25.57 -38.47
C VAL H 304 28.83 24.42 -37.46
N VAL H 305 28.48 24.74 -36.20
CA VAL H 305 28.39 23.72 -35.17
C VAL H 305 26.91 23.52 -34.78
N HIS H 306 26.49 22.26 -34.61
CA HIS H 306 25.10 21.93 -34.30
C HIS H 306 24.90 21.54 -32.85
N TYR H 307 24.66 22.55 -32.01
CA TYR H 307 24.39 22.34 -30.60
C TYR H 307 23.11 23.10 -30.32
N PRO H 308 22.00 22.39 -30.04
CA PRO H 308 20.72 23.08 -29.81
C PRO H 308 20.73 24.16 -28.73
N GLY H 309 21.58 24.01 -27.73
CA GLY H 309 21.70 24.98 -26.65
C GLY H 309 22.37 26.28 -27.01
N LEU H 310 22.98 26.35 -28.19
CA LEU H 310 23.66 27.57 -28.62
C LEU H 310 22.71 28.63 -29.11
N LYS H 311 23.12 29.88 -28.95
CA LYS H 311 22.37 31.08 -29.35
C LYS H 311 21.98 31.01 -30.82
N GLY H 312 20.69 30.87 -31.06
CA GLY H 312 20.18 30.81 -32.43
C GLY H 312 19.66 29.46 -32.87
N GLN H 313 20.14 28.37 -32.25
CA GLN H 313 19.69 27.04 -32.66
C GLN H 313 18.51 26.53 -31.85
N ASP H 314 17.67 27.43 -31.35
CA ASP H 314 16.45 27.06 -30.64
C ASP H 314 15.35 28.06 -30.99
N PRO H 315 14.84 28.00 -32.22
CA PRO H 315 13.76 28.93 -32.61
C PRO H 315 12.39 28.54 -32.04
N ARG H 316 12.21 27.28 -31.64
CA ARG H 316 10.95 26.77 -31.12
C ARG H 316 10.71 27.08 -29.63
N GLY H 317 11.77 27.42 -28.90
CA GLY H 317 11.66 27.69 -27.48
C GLY H 317 11.49 26.40 -26.68
N LEU H 318 12.10 25.31 -27.17
CA LEU H 318 11.99 24.00 -26.55
C LEU H 318 12.89 23.84 -25.32
N LEU H 319 13.97 24.63 -25.22
CA LEU H 319 14.85 24.53 -24.05
C LEU H 319 14.21 25.22 -22.86
N GLY H 320 14.11 24.50 -21.76
CA GLY H 320 13.48 24.97 -20.54
C GLY H 320 12.09 24.37 -20.42
N ARG H 321 11.34 24.42 -21.52
CA ARG H 321 9.98 23.90 -21.61
C ARG H 321 9.99 22.38 -21.70
N GLN H 322 10.93 21.81 -22.47
CA GLN H 322 11.05 20.38 -22.70
C GLN H 322 12.41 19.83 -22.27
N MET H 323 13.48 20.54 -22.59
CA MET H 323 14.83 20.10 -22.22
C MET H 323 15.40 20.88 -21.04
N SER H 324 16.35 20.29 -20.32
CA SER H 324 16.99 20.95 -19.18
C SER H 324 18.01 21.99 -19.69
N GLY H 325 18.75 21.63 -20.73
CA GLY H 325 19.74 22.50 -21.35
C GLY H 325 20.04 22.05 -22.76
N GLY H 326 21.26 22.28 -23.21
CA GLY H 326 21.67 21.91 -24.56
C GLY H 326 22.06 20.46 -24.76
N GLY H 327 22.19 19.71 -23.68
CA GLY H 327 22.59 18.31 -23.74
C GLY H 327 24.09 18.12 -23.83
N ALA H 328 24.53 16.87 -23.98
CA ALA H 328 25.95 16.58 -24.09
C ALA H 328 26.29 16.01 -25.46
N MET H 329 25.60 16.46 -26.51
CA MET H 329 25.87 16.00 -27.86
C MET H 329 26.12 17.17 -28.78
N ILE H 330 27.22 17.15 -29.54
CA ILE H 330 27.57 18.24 -30.45
C ILE H 330 27.90 17.72 -31.84
N ALA H 331 27.05 18.03 -32.82
CA ALA H 331 27.31 17.66 -34.22
C ALA H 331 28.09 18.80 -34.89
N MET H 332 28.83 18.50 -35.96
CA MET H 332 29.64 19.53 -36.61
C MET H 332 29.96 19.20 -38.05
N GLU H 333 30.09 20.24 -38.89
CA GLU H 333 30.43 20.03 -40.30
C GLU H 333 31.72 20.75 -40.67
N LEU H 334 32.71 19.97 -41.13
CA LEU H 334 34.02 20.49 -41.51
C LEU H 334 33.96 21.17 -42.86
N ALA H 335 34.63 22.30 -42.98
CA ALA H 335 34.67 23.03 -44.25
C ALA H 335 35.46 22.28 -45.34
N GLY H 336 36.39 21.42 -44.93
CA GLY H 336 37.18 20.65 -45.88
C GLY H 336 36.52 19.39 -46.42
N GLY H 337 35.32 19.09 -45.96
CA GLY H 337 34.58 17.92 -46.42
C GLY H 337 35.08 16.63 -45.81
N PHE H 338 35.01 15.54 -46.58
CA PHE H 338 35.45 14.21 -46.14
C PHE H 338 36.97 14.14 -45.96
N ASP H 339 37.73 14.92 -46.74
CA ASP H 339 39.20 14.96 -46.66
C ASP H 339 39.66 15.46 -45.29
N ALA H 340 39.08 16.57 -44.81
CA ALA H 340 39.44 17.12 -43.51
C ALA H 340 38.84 16.33 -42.34
N ALA H 341 37.71 15.65 -42.58
CA ALA H 341 37.03 14.86 -41.55
C ALA H 341 37.85 13.69 -41.03
N ARG H 342 38.45 12.88 -41.92
CA ARG H 342 39.27 11.74 -41.49
C ARG H 342 40.63 12.17 -40.93
N SER H 343 41.18 13.29 -41.42
CA SER H 343 42.47 13.80 -40.96
C SER H 343 42.35 14.36 -39.54
N PHE H 344 41.22 14.99 -39.21
CA PHE H 344 40.99 15.55 -37.89
C PHE H 344 40.79 14.46 -36.83
N VAL H 345 40.18 13.34 -37.21
CA VAL H 345 39.96 12.22 -36.31
C VAL H 345 41.27 11.54 -35.89
N GLU H 346 42.19 11.30 -36.85
CA GLU H 346 43.46 10.65 -36.55
C GLU H 346 44.40 11.51 -35.70
N HIS H 347 44.29 12.85 -35.79
CA HIS H 347 45.13 13.75 -35.01
C HIS H 347 44.70 13.86 -33.54
N CYS H 348 43.51 13.36 -33.18
CA CYS H 348 43.03 13.42 -31.80
C CYS H 348 43.72 12.37 -30.94
N ASN H 349 44.20 12.77 -29.76
CA ASN H 349 44.88 11.85 -28.87
C ASN H 349 44.01 11.58 -27.63
N LEU H 350 43.44 12.65 -27.07
CA LEU H 350 42.58 12.57 -25.90
C LEU H 350 41.21 11.99 -26.27
N VAL H 351 40.58 12.53 -27.32
CA VAL H 351 39.26 12.07 -27.76
C VAL H 351 39.42 10.87 -28.67
N VAL H 352 38.75 9.77 -28.34
CA VAL H 352 38.84 8.56 -29.15
C VAL H 352 37.60 8.31 -30.03
N HIS H 353 37.75 7.48 -31.08
CA HIS H 353 36.67 7.17 -32.02
C HIS H 353 36.06 5.82 -31.68
N ALA H 354 34.73 5.70 -31.84
CA ALA H 354 33.99 4.46 -31.58
C ALA H 354 32.63 4.47 -32.31
N VAL H 355 32.00 3.30 -32.50
CA VAL H 355 30.69 3.24 -33.13
C VAL H 355 29.61 3.59 -32.10
N SER H 356 29.70 2.96 -30.92
CA SER H 356 28.77 3.27 -29.82
C SER H 356 29.32 4.50 -29.11
N LEU H 357 28.48 5.51 -28.89
CA LEU H 357 28.93 6.75 -28.26
C LEU H 357 28.02 7.19 -27.13
N GLY H 358 28.62 7.66 -26.05
CA GLY H 358 27.87 8.11 -24.88
C GLY H 358 28.39 7.52 -23.59
N GLY H 359 29.56 7.97 -23.19
CA GLY H 359 30.16 7.48 -21.96
C GLY H 359 30.83 8.55 -21.14
N ALA H 360 31.60 8.11 -20.15
CA ALA H 360 32.36 9.00 -19.28
C ALA H 360 33.51 9.67 -20.05
N ASP H 361 34.04 9.02 -21.09
CA ASP H 361 35.11 9.56 -21.92
C ASP H 361 34.50 10.25 -23.17
N THR H 362 35.09 11.38 -23.59
CA THR H 362 34.60 12.12 -24.75
C THR H 362 34.86 11.32 -26.01
N LEU H 363 33.85 11.21 -26.88
CA LEU H 363 33.97 10.40 -28.10
C LEU H 363 33.64 11.17 -29.37
N ILE H 364 34.06 10.64 -30.53
CA ILE H 364 33.79 11.23 -31.85
C ILE H 364 33.39 10.13 -32.83
N GLN H 365 32.54 10.47 -33.81
CA GLN H 365 32.11 9.49 -34.81
C GLN H 365 31.93 10.10 -36.19
N HIS H 366 32.45 9.43 -37.22
CA HIS H 366 32.31 9.88 -38.60
C HIS H 366 31.31 8.97 -39.30
N PRO H 367 30.08 9.46 -39.58
CA PRO H 367 29.08 8.60 -40.25
C PRO H 367 29.46 8.21 -41.67
N ALA H 368 30.16 9.09 -42.38
CA ALA H 368 30.60 8.81 -43.74
C ALA H 368 31.69 7.75 -43.75
N SER H 369 32.65 7.81 -42.82
CA SER H 369 33.73 6.82 -42.76
C SER H 369 33.31 5.48 -42.11
N LEU H 370 32.06 5.37 -41.63
CA LEU H 370 31.54 4.16 -40.99
C LEU H 370 30.72 3.35 -41.99
N THR H 371 29.88 4.03 -42.78
CA THR H 371 29.04 3.38 -43.78
C THR H 371 29.01 4.15 -45.10
N PRO H 381 23.36 10.54 -44.42
CA PRO H 381 24.29 11.46 -43.75
C PRO H 381 25.21 12.22 -44.71
N GLY H 382 25.88 13.25 -44.18
CA GLY H 382 26.79 14.09 -44.96
C GLY H 382 28.21 13.54 -44.99
N ASP H 383 28.95 13.87 -46.05
CA ASP H 383 30.33 13.39 -46.19
C ASP H 383 31.30 14.06 -45.21
N GLY H 384 31.14 15.36 -44.99
CA GLY H 384 32.02 16.11 -44.10
C GLY H 384 31.37 16.48 -42.79
N LEU H 385 30.87 15.47 -42.05
CA LEU H 385 30.21 15.71 -40.78
C LEU H 385 30.70 14.76 -39.71
N ILE H 386 30.91 15.28 -38.49
CA ILE H 386 31.37 14.49 -37.36
C ILE H 386 30.48 14.70 -36.14
N ARG H 387 30.23 13.63 -35.39
CA ARG H 387 29.44 13.69 -34.17
C ARG H 387 30.37 13.71 -32.95
N LEU H 388 29.88 14.25 -31.83
CA LEU H 388 30.69 14.32 -30.62
C LEU H 388 29.86 14.10 -29.35
N SER H 389 30.26 13.13 -28.53
CA SER H 389 29.62 12.81 -27.26
C SER H 389 30.48 13.42 -26.15
N VAL H 390 30.00 14.47 -25.47
CA VAL H 390 30.79 15.13 -24.42
C VAL H 390 30.82 14.30 -23.13
N GLY H 391 32.01 14.03 -22.62
CA GLY H 391 32.22 13.24 -21.42
C GLY H 391 32.38 14.04 -20.15
N LEU H 392 33.21 13.55 -19.21
CA LEU H 392 33.43 14.19 -17.92
C LEU H 392 34.80 14.87 -17.81
N GLU H 393 35.47 15.16 -18.93
CA GLU H 393 36.79 15.79 -18.90
C GLU H 393 36.71 17.30 -18.69
N HIS H 394 37.85 17.92 -18.29
CA HIS H 394 37.92 19.36 -18.06
C HIS H 394 37.79 20.05 -19.42
N VAL H 395 36.89 21.04 -19.52
CA VAL H 395 36.60 21.77 -20.76
C VAL H 395 37.86 22.31 -21.45
N ASP H 396 38.83 22.83 -20.68
CA ASP H 396 40.08 23.36 -21.24
C ASP H 396 40.95 22.26 -21.84
N ASP H 397 40.97 21.07 -21.23
CA ASP H 397 41.76 19.93 -21.71
C ASP H 397 41.21 19.38 -23.03
N LEU H 398 39.89 19.38 -23.19
CA LEU H 398 39.26 18.89 -24.41
C LEU H 398 39.50 19.89 -25.55
N ALA H 399 39.37 21.20 -25.25
CA ALA H 399 39.58 22.28 -26.21
C ALA H 399 41.01 22.34 -26.71
N ASP H 400 41.98 22.12 -25.82
CA ASP H 400 43.38 22.13 -26.22
C ASP H 400 43.69 21.02 -27.21
N ASP H 401 43.12 19.83 -27.00
CA ASP H 401 43.36 18.71 -27.91
C ASP H 401 42.59 18.84 -29.21
N LEU H 402 41.34 19.29 -29.13
CA LEU H 402 40.52 19.45 -30.33
C LEU H 402 41.05 20.59 -31.22
N ILE H 403 41.58 21.67 -30.62
CA ILE H 403 42.16 22.78 -31.38
C ILE H 403 43.39 22.29 -32.13
N ALA H 404 44.25 21.51 -31.45
CA ALA H 404 45.47 20.97 -32.04
C ALA H 404 45.21 19.99 -33.18
N ALA H 405 44.09 19.25 -33.11
CA ALA H 405 43.75 18.31 -34.17
C ALA H 405 43.17 19.02 -35.39
N LEU H 406 42.38 20.09 -35.16
CA LEU H 406 41.79 20.88 -36.24
C LEU H 406 42.82 21.73 -36.99
N ASP H 407 43.93 22.11 -36.33
CA ASP H 407 45.00 22.89 -36.97
C ASP H 407 45.66 22.09 -38.10
N ALA H 408 45.71 20.76 -37.97
CA ALA H 408 46.31 19.90 -38.98
C ALA H 408 45.20 19.42 -39.94
N SER H 409 44.68 20.36 -40.75
CA SER H 409 43.63 20.12 -41.74
C SER H 409 42.36 19.48 -41.17
#